data_7R3V
#
_entry.id   7R3V
#
_cell.length_a   209.589
_cell.length_b   209.589
_cell.length_c   342.429
_cell.angle_alpha   90.00
_cell.angle_beta   90.00
_cell.angle_gamma   120.00
#
_symmetry.space_group_name_H-M   'P 65 2 2'
#
loop_
_entity.id
_entity.type
_entity.pdbx_description
1 polymer 'Cytochrome b-c1 complex subunit 1, mitochondrial'
2 polymer 'Cytochrome b-c1 complex subunit 2, mitochondrial'
3 polymer 'Cytochrome b'
4 polymer 'Cytochrome c1, heme protein, mitochondrial'
5 polymer 'Cytochrome b-c1 complex subunit Rieske, mitochondrial'
6 polymer 'Cytochrome b-c1 complex subunit 7'
7 polymer 'Cytochrome b-c1 complex subunit 8'
8 polymer 'Cytochrome b-c1 complex subunit 6, mitochondrial'
9 polymer 'Cytochrome b-c1 complex subunit Rieske, mitochondrial'
10 polymer 'Cytochrome b-c1 complex subunit 9'
11 non-polymer 'TETRAETHYLENE GLYCOL'
12 non-polymer 1,2-DIHEXANOYL-SN-GLYCERO-3-PHOSPHOETHANOLAMINE
13 non-polymer CARDIOLIPIN
14 non-polymer 'PROTOPORPHYRIN IX CONTAINING FE'
15 non-polymer DODECYL-BETA-D-MALTOSIDE
16 non-polymer 1,2-dioleoyl-sn-glycero-3-phosphoethanolamine
17 non-polymer 3-methyl-2-[4-[[4-(trifluoromethoxy)phenyl]methyl]phenyl]-1H-quinolin-4-one
18 non-polymer 'DIMETHYL SULFOXIDE'
19 non-polymer 'PHOSPHATE ION'
20 non-polymer 'HEME C'
21 non-polymer 'FE2/S2 (INORGANIC) CLUSTER'
22 non-polymer 1,2-DIMYRISTOYL-SN-GLYCERO-3-PHOSPHOCHOLINE
23 water water
#
loop_
_entity_poly.entity_id
_entity_poly.type
_entity_poly.pdbx_seq_one_letter_code
_entity_poly.pdbx_strand_id
1 'polypeptide(L)'
;ATYAQALQSVPETQVSQLDNGLRVASEQSSQPTCTVGVWIDAGSRYESEKNNGAGYFVEHLAFKGTKNRPGNALEKEVES
MGAHLNAYSTREHTAYYIKALSKDLPKAVELLADIVQNCSLEDSQIEKERDVILQELQENDTSMRDVVFNYLHATAFQGT
PLAQSVEGPSENVRKLSRADLTEYLSRHYKAPRMVLAAAGGLEHRQLLDLAQKHFSGLSGTYDEETVPTLSPCRFTGSQI
CHREDGLPLAHVAIAVEGPGWAHPDNVALQVANAIIGHYDCTYGGGAHLSSPLASIAATNKLCQSFQTFNICYADTGLLG
AHFVCDHMSIDDMMFVLQGQWMRLCTSATESEVLRGKNLLRNALVSHLDGTTPVCEDIGRSLLTYGRRIPLAEWESRIAE
VDARVVREVCSKYFYDQCPAVAGFGPIEQLPDYNRIRSGMFWLRF
;
A
2 'polypeptide(L)'
;QDLEFTRLPNGLVIASLENYAPASRIGLFIKAGSRYENSNNLGTSHLLRLASSLTTKGASSFKITRGIEAVGGKLSVTST
RENMAYTVECLRDDVDILMEFLLNVTTAPEFRRWEVAALQPQLRIDKAVALQNPQAHVIENLHAAAYRNALANSLYCPDY
RIGKVTPVELHDYVQNHFTSARMALIGLGVSHPVLKQVAEQFLNIRGGLGLSGAKAKYHGGEIREQNGDSLVHAALVAES
AAIGSAEANAFSVLQHVLGAGPHVKRGSNATSSLYQAVAKGVHQPFDVSAFNASYSDSGLFGFYTISQAASAGDVIKAAY
NQVKTIAQGNLSNPDVQAAKNKLKAGYLMSVESSEGFLDEVGSQALAAGSYTPPSTVLQQIDAVADADVINAAKKFVSGR
KSMAASGNLGHTPFIDEL
;
B
3 'polypeptide(L)'
;MTNIRKSHPLMKIVNNAFIDLPAPSNISSWWNFGSLLGICLILQILTGLFLAMHYTSDTTTAFSSVTHICRDVNYGWIIR
YMHANGASMFFICLYMHVGRGLYYGSYTFLETWNIGVILLLTVMATAFMGYVLPWGQMSFWGATVITNLLSAIPYIGTNL
VEWIWGGFSVDKATLTRFFAFHFILPFIIMAIAMVHLLFLHETGSNNPTGISSDVDKIPFHPYYTIKDILGALLLILALM
LLVLFAPDLLGDPDNYTPANPLNTPPHIKPEWYFLFAYAILRSIPNKLGGVLALAFSILILALIPLLHTSKQRSMMFRPL
SQCLFWALVADLLTLTWIGGQPVEHPYITIGQLASVLYFLLILVLMPTAGTIENKLLKW
;
C
4 'polypeptide(L)'
;DLELHPPSYPWSHRGLLSSLDHTSIRRGFQVYKQVCSSCHSMDYVAYRHLVGVCYTEDEAKALAEEVEVQDGPNEDGEMF
MRPGKLSDYFPKPYPNPEAARAANNGALPPDLSYIVRARHGGEDYVFSLLTGYCEPPTGVSLREGLYFNPYFPGQAIGMA
PPIYNEVLEFDDGTPATMSQVAKDVCTFLRWAAEPEHDHRKRMGLKMLLMMGLLLPLVYAMKRHKWSVLKSRKLAYRPP
;
D
5 'polypeptide(L)'
;SHTDIKVPDFSDYRRPEVLDSTKSSKESSEARKGFSYLVTATTTVGVAYAAKNVVSQFVSSMSASADVLAMSKIEIKLSD
IPEGKNMAFKWRGKPLFVRHRTKKEIDQEAAVEVSQLRDPQHDLERVKKPEWVILIGVCTHLGCVPIANAGDFGGYYCPC
HGSHYDASGRIRKGPAPLNLEVPSYEFTSDDMVIVG
;
E
6 'polypeptide(L)'
;RWLEGIRKWYYNAAGFNKLGLMRDDTIHENDDVKEAIRRLPENLYDDRVFRIKRALDLSMRQQILPKEQWTKYEEDKSYL
EPYLKEVIRERKEREEWAK
;
F
7 'polypeptide(L)' RQFGHLTRVRHVITYSLSPFEQRAFPHYFSKGIPNVLRRTRACILRVAPPFVAFYLVYTWGTQEFEKSKRKNPA G
8 'polypeptide(L)' LVDPLTTVREQCEQLEKCVKARERLELCDERVSSRSQTEEDCTEELLDFLHARDHCVAHKLFNSL H
9 'polypeptide(L)' AVPATSESPVLDLKRSVLCRESLRGQAAGRPLVASVSLNVPASVRY I
10 'polypeptide(L)' APTLTARLYSLLFRRTSTFALTIVVGALFFERAFDQGADAIYEHINEGKLWKHIKHKYE J
#
# COMPACT_ATOMS: atom_id res chain seq x y z
N ALA A 1 19.69 -50.74 -18.14
CA ALA A 1 18.21 -50.68 -17.96
C ALA A 1 17.81 -49.37 -17.27
N THR A 2 17.76 -48.27 -18.04
CA THR A 2 17.74 -46.88 -17.56
C THR A 2 16.33 -46.28 -17.54
N TYR A 3 16.21 -45.03 -17.03
CA TYR A 3 14.94 -44.30 -16.96
C TYR A 3 14.51 -43.85 -18.36
N ALA A 4 15.46 -43.27 -19.10
CA ALA A 4 15.23 -42.78 -20.46
C ALA A 4 14.53 -43.88 -21.25
N GLN A 5 15.13 -45.07 -21.15
CA GLN A 5 14.65 -46.29 -21.78
C GLN A 5 13.27 -46.63 -21.25
N ALA A 6 13.08 -46.64 -19.92
CA ALA A 6 11.86 -47.19 -19.32
C ALA A 6 10.64 -46.54 -19.95
N LEU A 7 10.82 -45.25 -20.27
CA LEU A 7 9.80 -44.40 -20.83
C LEU A 7 9.39 -44.94 -22.19
N GLN A 8 10.38 -45.50 -22.92
CA GLN A 8 10.27 -45.89 -24.32
C GLN A 8 9.31 -47.06 -24.46
N SER A 9 9.28 -47.92 -23.44
CA SER A 9 8.49 -49.13 -23.54
C SER A 9 7.37 -49.10 -22.53
N VAL A 10 6.74 -47.94 -22.43
CA VAL A 10 5.49 -47.86 -21.70
C VAL A 10 4.41 -48.17 -22.73
N PRO A 11 3.35 -48.93 -22.38
CA PRO A 11 2.28 -49.20 -23.34
C PRO A 11 1.74 -47.95 -24.05
N GLU A 12 1.64 -47.97 -25.39
CA GLU A 12 0.96 -46.95 -26.18
C GLU A 12 -0.57 -46.95 -25.98
N THR A 13 -1.20 -45.81 -26.30
CA THR A 13 -2.64 -45.65 -26.13
C THR A 13 -3.35 -45.78 -27.48
N GLN A 14 -4.35 -46.66 -27.54
CA GLN A 14 -5.10 -46.93 -28.75
C GLN A 14 -6.20 -45.88 -28.90
N VAL A 15 -6.33 -45.37 -30.12
CA VAL A 15 -7.19 -44.23 -30.43
C VAL A 15 -8.10 -44.64 -31.59
N SER A 16 -9.43 -44.61 -31.39
CA SER A 16 -10.38 -45.04 -32.41
C SER A 16 -11.63 -44.18 -32.32
N GLN A 17 -12.56 -44.34 -33.26
CA GLN A 17 -13.70 -43.42 -33.36
C GLN A 17 -14.89 -44.13 -34.00
N LEU A 18 -16.09 -43.81 -33.51
CA LEU A 18 -17.34 -44.35 -34.02
C LEU A 18 -17.92 -43.42 -35.09
N ASP A 19 -19.01 -43.89 -35.73
CA ASP A 19 -19.69 -43.14 -36.76
C ASP A 19 -20.16 -41.80 -36.19
N ASN A 20 -20.89 -41.87 -35.08
CA ASN A 20 -21.43 -40.72 -34.40
C ASN A 20 -20.32 -39.77 -33.93
N GLY A 21 -19.10 -40.30 -33.75
CA GLY A 21 -17.93 -39.51 -33.38
C GLY A 21 -17.41 -39.80 -31.96
N LEU A 22 -18.00 -40.80 -31.28
CA LEU A 22 -17.49 -41.19 -29.97
C LEU A 22 -16.06 -41.71 -30.12
N ARG A 23 -15.15 -41.09 -29.39
CA ARG A 23 -13.78 -41.58 -29.41
C ARG A 23 -13.63 -42.71 -28.40
N VAL A 24 -12.84 -43.69 -28.81
CA VAL A 24 -12.56 -44.81 -27.96
C VAL A 24 -11.03 -44.90 -27.75
N ALA A 25 -10.64 -44.93 -26.48
CA ALA A 25 -9.23 -44.89 -26.13
C ALA A 25 -8.94 -45.95 -25.07
N SER A 26 -7.74 -46.52 -25.17
CA SER A 26 -7.42 -47.73 -24.43
C SER A 26 -5.92 -47.76 -24.15
N GLU A 27 -5.55 -48.13 -22.91
CA GLU A 27 -4.19 -48.57 -22.63
C GLU A 27 -4.24 -49.91 -21.91
N GLN A 28 -3.41 -50.87 -22.38
CA GLN A 28 -3.54 -52.28 -22.04
C GLN A 28 -2.27 -52.85 -21.40
N SER A 29 -2.47 -53.85 -20.52
CA SER A 29 -1.43 -54.57 -19.79
C SER A 29 -2.02 -55.89 -19.27
N SER A 30 -1.13 -56.76 -18.80
CA SER A 30 -1.55 -58.04 -18.26
C SER A 30 -2.21 -57.82 -16.90
N GLN A 31 -3.51 -57.52 -16.89
CA GLN A 31 -4.09 -57.05 -15.64
C GLN A 31 -5.44 -57.69 -15.35
N PRO A 32 -5.64 -58.29 -14.16
CA PRO A 32 -6.93 -58.87 -13.74
C PRO A 32 -8.07 -57.89 -13.52
N THR A 33 -7.69 -56.61 -13.42
CA THR A 33 -8.61 -55.54 -13.03
C THR A 33 -8.50 -54.42 -14.04
N CYS A 34 -9.57 -53.65 -14.15
CA CYS A 34 -9.58 -52.52 -15.08
C CYS A 34 -10.42 -51.36 -14.57
N THR A 35 -10.37 -50.26 -15.33
CA THR A 35 -11.25 -49.11 -15.19
C THR A 35 -11.61 -48.58 -16.58
N VAL A 36 -12.89 -48.20 -16.73
CA VAL A 36 -13.42 -47.75 -18.01
C VAL A 36 -14.50 -46.74 -17.69
N GLY A 37 -14.63 -45.74 -18.57
CA GLY A 37 -15.77 -44.87 -18.49
C GLY A 37 -15.76 -43.78 -19.55
N VAL A 38 -16.70 -42.84 -19.35
CA VAL A 38 -17.11 -41.81 -20.28
C VAL A 38 -16.66 -40.45 -19.71
N TRP A 39 -15.81 -39.77 -20.45
CA TRP A 39 -15.52 -38.37 -20.20
C TRP A 39 -16.22 -37.51 -21.24
N ILE A 40 -16.84 -36.40 -20.80
CA ILE A 40 -17.73 -35.57 -21.58
C ILE A 40 -17.26 -34.12 -21.47
N ASP A 41 -17.15 -33.39 -22.59
CA ASP A 41 -17.01 -31.94 -22.54
C ASP A 41 -18.33 -31.30 -22.12
N ALA A 42 -18.58 -31.36 -20.80
CA ALA A 42 -19.77 -30.80 -20.19
C ALA A 42 -19.49 -30.50 -18.72
N GLY A 43 -20.12 -29.42 -18.23
CA GLY A 43 -19.90 -28.85 -16.91
C GLY A 43 -20.57 -27.50 -16.78
N SER A 44 -20.12 -26.70 -15.80
CA SER A 44 -20.75 -25.44 -15.46
C SER A 44 -20.38 -24.37 -16.50
N ARG A 45 -19.24 -24.53 -17.19
CA ARG A 45 -18.82 -23.50 -18.13
C ARG A 45 -19.80 -23.47 -19.30
N TYR A 46 -20.47 -24.61 -19.53
CA TYR A 46 -21.41 -24.81 -20.62
C TYR A 46 -22.83 -24.43 -20.19
N GLU A 47 -23.03 -24.19 -18.88
CA GLU A 47 -24.36 -23.86 -18.37
C GLU A 47 -24.55 -22.34 -18.40
N SER A 48 -25.80 -21.91 -18.61
CA SER A 48 -26.21 -20.52 -18.46
C SER A 48 -26.57 -20.32 -16.99
N GLU A 49 -27.08 -19.13 -16.70
CA GLU A 49 -27.42 -18.81 -15.32
C GLU A 49 -28.72 -19.52 -14.94
N LYS A 50 -29.58 -19.81 -15.93
CA LYS A 50 -30.90 -20.32 -15.60
C LYS A 50 -30.86 -21.83 -15.36
N ASN A 51 -29.84 -22.50 -15.91
CA ASN A 51 -29.73 -23.94 -15.77
C ASN A 51 -28.43 -24.32 -15.11
N ASN A 52 -27.83 -23.38 -14.36
CA ASN A 52 -26.58 -23.62 -13.63
C ASN A 52 -26.83 -24.75 -12.63
N GLY A 53 -25.88 -25.70 -12.60
CA GLY A 53 -25.84 -26.82 -11.66
C GLY A 53 -26.79 -27.95 -12.04
N ALA A 54 -27.22 -27.92 -13.31
CA ALA A 54 -27.97 -28.99 -13.92
C ALA A 54 -27.05 -30.21 -14.07
N GLY A 55 -25.82 -29.96 -14.56
CA GLY A 55 -24.84 -31.02 -14.76
C GLY A 55 -24.57 -31.76 -13.47
N TYR A 56 -24.56 -30.99 -12.39
CA TYR A 56 -24.37 -31.50 -11.05
C TYR A 56 -25.64 -32.24 -10.63
N PHE A 57 -26.80 -31.66 -10.93
CA PHE A 57 -28.05 -32.27 -10.57
C PHE A 57 -28.12 -33.66 -11.22
N VAL A 58 -27.66 -33.74 -12.47
CA VAL A 58 -27.75 -35.00 -13.18
C VAL A 58 -26.88 -36.01 -12.46
N GLU A 59 -25.65 -35.62 -12.09
CA GLU A 59 -24.70 -36.49 -11.42
C GLU A 59 -25.39 -37.23 -10.29
N HIS A 60 -26.32 -36.57 -9.59
CA HIS A 60 -27.02 -37.18 -8.47
C HIS A 60 -27.95 -38.28 -8.96
N LEU A 61 -28.55 -38.01 -10.13
CA LEU A 61 -29.56 -38.85 -10.77
C LEU A 61 -28.94 -40.00 -11.57
N ALA A 62 -27.71 -39.81 -12.06
CA ALA A 62 -27.05 -40.74 -12.96
C ALA A 62 -27.13 -42.20 -12.47
N PHE A 63 -26.87 -42.45 -11.18
CA PHE A 63 -26.73 -43.82 -10.76
C PHE A 63 -28.00 -44.35 -10.11
N LYS A 64 -29.14 -43.69 -10.36
CA LYS A 64 -30.33 -43.92 -9.55
C LYS A 64 -31.36 -44.76 -10.31
N GLY A 65 -30.90 -45.52 -11.33
CA GLY A 65 -31.81 -46.29 -12.17
C GLY A 65 -31.80 -45.84 -13.64
N THR A 66 -32.24 -46.73 -14.53
CA THR A 66 -32.33 -46.47 -15.95
C THR A 66 -33.66 -47.04 -16.43
N LYS A 67 -33.95 -46.93 -17.72
CA LYS A 67 -35.20 -47.48 -18.22
C LYS A 67 -35.07 -49.02 -18.25
N ASN A 68 -33.86 -49.48 -18.59
CA ASN A 68 -33.58 -50.90 -18.71
C ASN A 68 -33.36 -51.53 -17.35
N ARG A 69 -32.91 -50.73 -16.38
CA ARG A 69 -32.69 -51.21 -15.02
C ARG A 69 -33.25 -50.22 -14.01
N PRO A 70 -34.58 -50.22 -13.77
CA PRO A 70 -35.20 -49.15 -12.99
C PRO A 70 -34.89 -49.32 -11.51
N GLY A 71 -34.88 -48.16 -10.81
CA GLY A 71 -34.54 -48.08 -9.40
C GLY A 71 -33.13 -48.63 -9.11
N ASN A 72 -33.08 -49.53 -8.13
CA ASN A 72 -31.82 -50.02 -7.56
C ASN A 72 -31.30 -51.22 -8.34
N ALA A 73 -31.88 -51.50 -9.51
CA ALA A 73 -31.42 -52.61 -10.31
C ALA A 73 -29.99 -52.36 -10.76
N LEU A 74 -29.72 -51.13 -11.21
CA LEU A 74 -28.41 -50.72 -11.70
C LEU A 74 -27.39 -50.79 -10.56
N GLU A 75 -27.79 -50.29 -9.39
CA GLU A 75 -26.98 -50.31 -8.18
C GLU A 75 -26.63 -51.74 -7.80
N LYS A 76 -27.67 -52.57 -7.65
CA LYS A 76 -27.55 -53.97 -7.24
C LYS A 76 -26.60 -54.70 -8.18
N GLU A 77 -26.72 -54.40 -9.48
CA GLU A 77 -26.01 -55.22 -10.45
C GLU A 77 -24.52 -54.89 -10.44
N VAL A 78 -24.20 -53.61 -10.16
CA VAL A 78 -22.81 -53.17 -10.07
C VAL A 78 -22.21 -53.77 -8.81
N GLU A 79 -23.01 -53.75 -7.74
CA GLU A 79 -22.58 -54.25 -6.44
C GLU A 79 -22.25 -55.73 -6.50
N SER A 80 -23.11 -56.50 -7.17
CA SER A 80 -23.10 -57.94 -7.04
C SER A 80 -21.99 -58.55 -7.89
N MET A 81 -21.45 -57.75 -8.83
CA MET A 81 -20.33 -58.22 -9.65
C MET A 81 -19.02 -57.64 -9.14
N GLY A 82 -19.12 -56.92 -8.02
CA GLY A 82 -18.00 -56.41 -7.22
C GLY A 82 -17.43 -55.12 -7.77
N ALA A 83 -18.18 -54.52 -8.71
CA ALA A 83 -17.74 -53.33 -9.42
C ALA A 83 -17.94 -52.10 -8.54
N HIS A 84 -17.18 -51.07 -8.89
CA HIS A 84 -17.24 -49.80 -8.21
C HIS A 84 -17.67 -48.74 -9.23
N LEU A 85 -18.79 -48.08 -8.96
CA LEU A 85 -19.34 -47.13 -9.91
C LEU A 85 -19.17 -45.71 -9.34
N ASN A 86 -18.62 -44.78 -10.15
CA ASN A 86 -18.24 -43.45 -9.67
C ASN A 86 -18.35 -42.33 -10.71
N ALA A 87 -18.52 -41.08 -10.24
CA ALA A 87 -18.73 -39.91 -11.08
C ALA A 87 -18.09 -38.64 -10.51
N TYR A 88 -17.88 -37.64 -11.38
CA TYR A 88 -17.40 -36.33 -10.98
C TYR A 88 -17.76 -35.25 -12.02
N SER A 89 -18.05 -34.02 -11.58
CA SER A 89 -18.27 -32.86 -12.46
C SER A 89 -17.29 -31.73 -12.11
N THR A 90 -16.57 -31.24 -13.11
CA THR A 90 -15.77 -30.03 -12.99
C THR A 90 -16.48 -28.91 -13.76
N ARG A 91 -15.88 -27.73 -13.90
CA ARG A 91 -16.48 -26.65 -14.69
C ARG A 91 -16.47 -26.95 -16.20
N GLU A 92 -15.62 -27.90 -16.61
CA GLU A 92 -15.41 -28.24 -18.00
C GLU A 92 -15.70 -29.72 -18.33
N HIS A 93 -15.64 -30.63 -17.34
CA HIS A 93 -15.67 -32.04 -17.67
C HIS A 93 -16.52 -32.80 -16.68
N THR A 94 -17.50 -33.53 -17.21
CA THR A 94 -18.17 -34.60 -16.49
C THR A 94 -17.47 -35.92 -16.80
N ALA A 95 -17.61 -36.89 -15.90
CA ALA A 95 -16.98 -38.20 -16.05
C ALA A 95 -17.69 -39.21 -15.16
N TYR A 96 -18.16 -40.30 -15.79
CA TYR A 96 -18.67 -41.47 -15.09
C TYR A 96 -17.87 -42.68 -15.53
N TYR A 97 -17.49 -43.52 -14.57
CA TYR A 97 -16.59 -44.63 -14.84
C TYR A 97 -16.83 -45.75 -13.85
N ILE A 98 -16.23 -46.90 -14.14
CA ILE A 98 -16.51 -48.13 -13.41
C ILE A 98 -15.21 -48.92 -13.29
N LYS A 99 -14.95 -49.38 -12.06
CA LYS A 99 -13.78 -50.17 -11.70
C LYS A 99 -14.28 -51.61 -11.58
N ALA A 100 -13.66 -52.50 -12.36
CA ALA A 100 -14.25 -53.81 -12.54
C ALA A 100 -13.19 -54.88 -12.77
N LEU A 101 -13.62 -56.14 -12.61
CA LEU A 101 -12.86 -57.30 -13.03
C LEU A 101 -12.66 -57.22 -14.54
N SER A 102 -11.44 -57.53 -15.02
CA SER A 102 -11.15 -57.33 -16.42
C SER A 102 -12.16 -58.06 -17.29
N LYS A 103 -12.46 -59.29 -16.86
CA LYS A 103 -13.46 -60.18 -17.42
C LYS A 103 -14.84 -59.52 -17.52
N ASP A 104 -15.17 -58.59 -16.63
CA ASP A 104 -16.51 -58.05 -16.64
C ASP A 104 -16.58 -56.74 -17.43
N LEU A 105 -15.49 -56.41 -18.17
CA LEU A 105 -15.43 -55.22 -19.02
C LEU A 105 -16.67 -55.04 -19.89
N PRO A 106 -17.13 -56.07 -20.67
CA PRO A 106 -18.40 -56.03 -21.41
C PRO A 106 -19.61 -55.50 -20.65
N LYS A 107 -19.96 -56.13 -19.51
CA LYS A 107 -21.11 -55.67 -18.75
C LYS A 107 -20.80 -54.28 -18.21
N ALA A 108 -19.53 -54.05 -17.85
CA ALA A 108 -19.08 -52.73 -17.42
C ALA A 108 -19.53 -51.68 -18.43
N VAL A 109 -19.16 -51.92 -19.68
CA VAL A 109 -19.33 -50.95 -20.75
C VAL A 109 -20.81 -50.86 -21.10
N GLU A 110 -21.53 -51.97 -20.97
CA GLU A 110 -22.97 -51.96 -21.13
C GLU A 110 -23.63 -51.01 -20.12
N LEU A 111 -23.19 -51.12 -18.87
CA LEU A 111 -23.83 -50.40 -17.78
C LEU A 111 -23.60 -48.90 -17.93
N LEU A 112 -22.36 -48.54 -18.29
CA LEU A 112 -21.96 -47.15 -18.44
C LEU A 112 -22.93 -46.53 -19.44
N ALA A 113 -23.12 -47.27 -20.53
CA ALA A 113 -23.95 -46.89 -21.64
C ALA A 113 -25.39 -46.71 -21.17
N ASP A 114 -25.84 -47.60 -20.26
CA ASP A 114 -27.20 -47.54 -19.73
C ASP A 114 -27.39 -46.24 -18.94
N ILE A 115 -26.33 -45.76 -18.29
CA ILE A 115 -26.40 -44.61 -17.40
C ILE A 115 -26.49 -43.31 -18.22
N VAL A 116 -25.52 -43.16 -19.14
CA VAL A 116 -25.40 -41.99 -20.00
C VAL A 116 -26.72 -41.78 -20.76
N GLN A 117 -27.09 -42.77 -21.57
CA GLN A 117 -28.10 -42.66 -22.59
C GLN A 117 -29.52 -42.76 -22.02
N ASN A 118 -29.79 -43.75 -21.16
CA ASN A 118 -31.17 -44.11 -20.83
C ASN A 118 -31.49 -43.82 -19.36
N CYS A 119 -30.95 -42.70 -18.88
CA CYS A 119 -31.05 -42.24 -17.50
C CYS A 119 -32.50 -41.95 -17.13
N SER A 120 -33.04 -42.68 -16.14
CA SER A 120 -34.46 -42.58 -15.75
C SER A 120 -34.91 -41.14 -15.49
N LEU A 121 -34.27 -40.44 -14.53
CA LEU A 121 -34.65 -39.09 -14.10
C LEU A 121 -36.10 -39.11 -13.64
N GLU A 122 -36.44 -39.99 -12.68
CA GLU A 122 -37.79 -40.14 -12.15
C GLU A 122 -38.22 -38.87 -11.39
N ASP A 123 -39.53 -38.59 -11.40
CA ASP A 123 -40.07 -37.37 -10.83
C ASP A 123 -39.67 -37.26 -9.35
N SER A 124 -39.99 -38.33 -8.61
CA SER A 124 -39.79 -38.39 -7.18
C SER A 124 -38.31 -38.44 -6.85
N GLN A 125 -37.51 -39.03 -7.75
CA GLN A 125 -36.08 -39.16 -7.56
C GLN A 125 -35.42 -37.79 -7.69
N ILE A 126 -35.96 -36.95 -8.58
CA ILE A 126 -35.53 -35.57 -8.70
C ILE A 126 -35.84 -34.82 -7.39
N GLU A 127 -37.09 -34.89 -6.92
CA GLU A 127 -37.51 -34.15 -5.74
C GLU A 127 -36.75 -34.62 -4.49
N LYS A 128 -36.24 -35.86 -4.50
CA LYS A 128 -35.46 -36.36 -3.38
C LYS A 128 -34.03 -35.84 -3.49
N GLU A 129 -33.45 -35.94 -4.69
CA GLU A 129 -32.09 -35.48 -4.90
C GLU A 129 -32.03 -33.95 -4.82
N ARG A 130 -33.21 -33.30 -4.75
CA ARG A 130 -33.30 -31.84 -4.64
C ARG A 130 -32.82 -31.40 -3.25
N ASP A 131 -33.39 -32.02 -2.21
CA ASP A 131 -33.01 -31.77 -0.83
C ASP A 131 -31.54 -32.14 -0.60
N VAL A 132 -31.09 -33.18 -1.29
CA VAL A 132 -29.75 -33.67 -1.04
C VAL A 132 -28.74 -32.62 -1.48
N ILE A 133 -28.96 -32.00 -2.63
CA ILE A 133 -28.02 -31.01 -3.12
C ILE A 133 -28.02 -29.84 -2.14
N LEU A 134 -29.21 -29.47 -1.69
CA LEU A 134 -29.32 -28.36 -0.76
C LEU A 134 -28.48 -28.64 0.49
N GLN A 135 -28.44 -29.89 0.94
CA GLN A 135 -27.70 -30.18 2.16
C GLN A 135 -26.21 -30.28 1.87
N GLU A 136 -25.86 -30.61 0.63
CA GLU A 136 -24.47 -30.74 0.23
C GLU A 136 -23.93 -29.33 0.12
N LEU A 137 -24.81 -28.44 -0.34
CA LEU A 137 -24.48 -27.04 -0.53
C LEU A 137 -24.14 -26.43 0.83
N GLN A 138 -24.82 -26.94 1.87
CA GLN A 138 -24.70 -26.44 3.23
C GLN A 138 -23.42 -26.96 3.84
N GLU A 139 -23.13 -28.25 3.65
CA GLU A 139 -21.88 -28.79 4.17
C GLU A 139 -20.73 -28.07 3.51
N ASN A 140 -20.86 -27.81 2.20
CA ASN A 140 -19.81 -27.17 1.44
C ASN A 140 -19.51 -25.78 1.98
N ASP A 141 -20.52 -25.17 2.62
CA ASP A 141 -20.40 -23.84 3.20
C ASP A 141 -19.42 -23.85 4.37
N THR A 142 -19.22 -25.03 4.97
CA THR A 142 -18.34 -25.20 6.13
C THR A 142 -16.99 -25.77 5.67
N SER A 143 -16.74 -25.76 4.36
CA SER A 143 -15.40 -26.08 3.91
C SER A 143 -14.74 -24.81 3.38
N MET A 144 -13.74 -24.34 4.10
CA MET A 144 -13.19 -23.04 3.75
C MET A 144 -12.40 -23.12 2.45
N ARG A 145 -11.71 -24.25 2.22
CA ARG A 145 -10.97 -24.45 0.98
C ARG A 145 -11.95 -24.33 -0.18
N ASP A 146 -13.08 -25.03 -0.06
CA ASP A 146 -14.10 -25.07 -1.09
C ASP A 146 -14.54 -23.65 -1.44
N VAL A 147 -14.88 -22.90 -0.39
CA VAL A 147 -15.47 -21.56 -0.47
C VAL A 147 -14.48 -20.60 -1.13
N VAL A 148 -13.23 -20.63 -0.67
CA VAL A 148 -12.26 -19.65 -1.13
C VAL A 148 -12.02 -19.83 -2.63
N PHE A 149 -12.05 -21.09 -3.09
CA PHE A 149 -11.79 -21.44 -4.48
C PHE A 149 -12.97 -21.07 -5.34
N ASN A 150 -14.17 -21.41 -4.88
CA ASN A 150 -15.36 -20.93 -5.53
C ASN A 150 -15.31 -19.41 -5.71
N TYR A 151 -14.77 -18.71 -4.71
CA TYR A 151 -14.71 -17.26 -4.74
C TYR A 151 -13.63 -16.79 -5.71
N LEU A 152 -12.50 -17.51 -5.75
CA LEU A 152 -11.41 -17.11 -6.63
C LEU A 152 -11.93 -17.10 -8.06
N HIS A 153 -12.66 -18.17 -8.43
CA HIS A 153 -13.29 -18.30 -9.74
C HIS A 153 -14.29 -17.16 -9.94
N ALA A 154 -15.16 -16.97 -8.96
CA ALA A 154 -16.27 -16.03 -9.05
C ALA A 154 -15.74 -14.63 -9.34
N THR A 155 -14.57 -14.29 -8.81
CA THR A 155 -14.07 -12.93 -8.95
C THR A 155 -13.10 -12.88 -10.13
N ALA A 156 -12.31 -13.95 -10.28
CA ALA A 156 -11.37 -14.08 -11.38
C ALA A 156 -12.08 -13.97 -12.74
N PHE A 157 -13.14 -14.79 -12.95
CA PHE A 157 -13.89 -14.83 -14.20
C PHE A 157 -15.28 -14.22 -14.00
N GLN A 158 -15.32 -13.09 -13.31
CA GLN A 158 -16.60 -12.48 -12.96
C GLN A 158 -17.33 -12.10 -14.24
N GLY A 159 -18.66 -12.26 -14.21
CA GLY A 159 -19.53 -11.91 -15.32
C GLY A 159 -19.35 -12.79 -16.56
N THR A 160 -18.99 -14.07 -16.35
CA THR A 160 -18.86 -15.08 -17.39
C THR A 160 -19.46 -16.39 -16.87
N PRO A 161 -19.45 -17.51 -17.64
CA PRO A 161 -19.84 -18.83 -17.14
C PRO A 161 -18.78 -19.53 -16.29
N LEU A 162 -17.53 -19.07 -16.37
CA LEU A 162 -16.49 -19.66 -15.56
C LEU A 162 -16.56 -19.16 -14.13
N ALA A 163 -17.21 -18.01 -13.91
CA ALA A 163 -17.40 -17.48 -12.56
C ALA A 163 -18.34 -18.39 -11.78
N GLN A 164 -19.14 -19.15 -12.54
CA GLN A 164 -20.16 -20.06 -12.02
C GLN A 164 -19.53 -21.24 -11.27
N SER A 165 -20.15 -21.56 -10.13
CA SER A 165 -19.89 -22.76 -9.36
C SER A 165 -20.59 -23.93 -10.06
N VAL A 166 -19.97 -25.11 -9.89
CA VAL A 166 -20.43 -26.38 -10.43
C VAL A 166 -21.81 -26.71 -9.84
N GLU A 167 -22.02 -26.39 -8.56
CA GLU A 167 -23.15 -26.95 -7.84
C GLU A 167 -24.42 -26.15 -8.13
N GLY A 168 -24.25 -24.89 -8.59
CA GLY A 168 -25.33 -23.98 -8.94
C GLY A 168 -25.82 -23.20 -7.73
N PRO A 169 -26.54 -22.06 -7.90
CA PRO A 169 -27.11 -21.35 -6.75
C PRO A 169 -28.31 -22.13 -6.24
N SER A 170 -28.57 -22.03 -4.93
CA SER A 170 -29.62 -22.79 -4.28
C SER A 170 -30.97 -22.53 -4.95
N GLU A 171 -31.14 -21.31 -5.47
CA GLU A 171 -32.35 -20.87 -6.14
C GLU A 171 -32.67 -21.82 -7.30
N ASN A 172 -31.63 -22.16 -8.08
CA ASN A 172 -31.73 -23.07 -9.21
C ASN A 172 -32.02 -24.49 -8.74
N VAL A 173 -31.29 -24.93 -7.70
CA VAL A 173 -31.46 -26.30 -7.25
C VAL A 173 -32.93 -26.47 -6.88
N ARG A 174 -33.52 -25.41 -6.32
CA ARG A 174 -34.87 -25.47 -5.80
C ARG A 174 -35.89 -25.47 -6.93
N LYS A 175 -35.50 -24.94 -8.10
CA LYS A 175 -36.44 -24.62 -9.16
C LYS A 175 -36.26 -25.48 -10.43
N LEU A 176 -35.05 -26.02 -10.65
CA LEU A 176 -34.74 -26.83 -11.84
C LEU A 176 -35.76 -27.95 -11.99
N SER A 177 -36.49 -27.95 -13.12
CA SER A 177 -37.49 -28.98 -13.38
C SER A 177 -36.87 -30.09 -14.22
N ARG A 178 -37.62 -31.20 -14.37
CA ARG A 178 -37.11 -32.41 -15.01
C ARG A 178 -36.91 -32.16 -16.50
N ALA A 179 -37.70 -31.19 -16.98
CA ALA A 179 -37.67 -30.63 -18.33
C ALA A 179 -36.29 -30.02 -18.63
N ASP A 180 -35.74 -29.29 -17.65
CA ASP A 180 -34.51 -28.54 -17.81
C ASP A 180 -33.34 -29.51 -17.92
N LEU A 181 -33.47 -30.65 -17.20
CA LEU A 181 -32.44 -31.67 -17.06
C LEU A 181 -32.26 -32.43 -18.37
N THR A 182 -33.40 -32.80 -18.98
CA THR A 182 -33.45 -33.59 -20.19
C THR A 182 -33.01 -32.73 -21.38
N GLU A 183 -33.37 -31.44 -21.30
CA GLU A 183 -32.91 -30.50 -22.30
C GLU A 183 -31.40 -30.36 -22.21
N TYR A 184 -30.87 -30.07 -21.02
CA TYR A 184 -29.41 -29.95 -20.82
C TYR A 184 -28.69 -31.16 -21.41
N LEU A 185 -29.26 -32.36 -21.18
CA LEU A 185 -28.60 -33.62 -21.46
C LEU A 185 -28.40 -33.77 -22.96
N SER A 186 -29.49 -33.56 -23.72
CA SER A 186 -29.48 -33.86 -25.15
C SER A 186 -28.59 -32.87 -25.89
N ARG A 187 -28.42 -31.68 -25.29
CA ARG A 187 -27.67 -30.59 -25.88
C ARG A 187 -26.17 -30.81 -25.71
N HIS A 188 -25.76 -31.41 -24.57
CA HIS A 188 -24.37 -31.47 -24.18
C HIS A 188 -23.76 -32.87 -24.31
N TYR A 189 -24.54 -33.94 -24.11
CA TYR A 189 -24.02 -35.30 -24.12
C TYR A 189 -24.07 -35.87 -25.54
N LYS A 190 -23.08 -35.55 -26.37
CA LYS A 190 -23.11 -35.97 -27.77
C LYS A 190 -21.80 -36.70 -28.05
N ALA A 191 -21.81 -37.55 -29.08
CA ALA A 191 -20.72 -38.47 -29.29
C ALA A 191 -19.39 -37.73 -29.56
N PRO A 192 -19.36 -36.61 -30.31
CA PRO A 192 -18.08 -35.93 -30.55
C PRO A 192 -17.58 -35.16 -29.32
N ARG A 193 -18.47 -34.92 -28.35
CA ARG A 193 -18.10 -34.30 -27.07
C ARG A 193 -17.60 -35.36 -26.07
N MET A 194 -17.79 -36.66 -26.37
CA MET A 194 -17.61 -37.77 -25.43
C MET A 194 -16.44 -38.68 -25.82
N VAL A 195 -15.84 -39.30 -24.80
CA VAL A 195 -14.71 -40.21 -24.96
C VAL A 195 -14.92 -41.39 -24.02
N LEU A 196 -14.79 -42.59 -24.58
CA LEU A 196 -14.83 -43.83 -23.82
C LEU A 196 -13.38 -44.29 -23.64
N ALA A 197 -12.94 -44.30 -22.37
CA ALA A 197 -11.55 -44.60 -22.07
C ALA A 197 -11.53 -45.81 -21.15
N ALA A 198 -10.48 -46.64 -21.29
CA ALA A 198 -10.34 -47.81 -20.44
C ALA A 198 -8.87 -48.21 -20.34
N ALA A 199 -8.51 -48.71 -19.14
CA ALA A 199 -7.18 -49.22 -18.82
C ALA A 199 -7.29 -50.46 -17.92
N GLY A 200 -6.24 -51.31 -18.00
CA GLY A 200 -6.19 -52.64 -17.41
C GLY A 200 -5.97 -53.72 -18.47
N GLY A 201 -6.45 -54.94 -18.16
CA GLY A 201 -6.42 -56.06 -19.09
C GLY A 201 -7.63 -56.03 -20.04
N LEU A 202 -7.38 -55.49 -21.24
CA LEU A 202 -8.40 -55.46 -22.27
C LEU A 202 -7.71 -55.27 -23.62
N GLU A 203 -8.03 -56.13 -24.60
CA GLU A 203 -7.63 -55.90 -25.98
C GLU A 203 -8.44 -54.69 -26.47
N HIS A 204 -7.73 -53.72 -27.07
CA HIS A 204 -8.38 -52.47 -27.46
C HIS A 204 -9.57 -52.76 -28.37
N ARG A 205 -9.33 -53.72 -29.27
CA ARG A 205 -10.26 -54.10 -30.32
C ARG A 205 -11.62 -54.40 -29.68
N GLN A 206 -11.60 -55.07 -28.52
CA GLN A 206 -12.82 -55.49 -27.85
C GLN A 206 -13.61 -54.27 -27.40
N LEU A 207 -12.87 -53.29 -26.87
CA LEU A 207 -13.50 -52.09 -26.35
C LEU A 207 -14.22 -51.36 -27.49
N LEU A 208 -13.50 -51.18 -28.63
CA LEU A 208 -14.04 -50.44 -29.78
C LEU A 208 -15.35 -51.07 -30.24
N ASP A 209 -15.33 -52.41 -30.26
CA ASP A 209 -16.47 -53.19 -30.64
C ASP A 209 -17.61 -52.88 -29.70
N LEU A 210 -17.28 -52.89 -28.39
CA LEU A 210 -18.30 -52.84 -27.35
C LEU A 210 -18.94 -51.46 -27.37
N ALA A 211 -18.10 -50.50 -27.81
CA ALA A 211 -18.45 -49.09 -27.94
C ALA A 211 -19.63 -48.99 -28.90
N GLN A 212 -19.39 -49.60 -30.08
CA GLN A 212 -20.35 -49.79 -31.16
C GLN A 212 -21.62 -50.44 -30.60
N LYS A 213 -21.44 -51.54 -29.85
CA LYS A 213 -22.57 -52.33 -29.40
C LYS A 213 -23.57 -51.49 -28.58
N HIS A 214 -23.09 -50.54 -27.77
CA HIS A 214 -23.96 -49.91 -26.79
C HIS A 214 -24.00 -48.39 -26.92
N PHE A 215 -22.92 -47.80 -27.44
CA PHE A 215 -22.88 -46.36 -27.60
C PHE A 215 -23.21 -45.94 -29.03
N SER A 216 -23.82 -46.83 -29.81
CA SER A 216 -24.08 -46.51 -31.20
C SER A 216 -25.24 -45.52 -31.33
N GLY A 217 -26.15 -45.53 -30.36
CA GLY A 217 -27.36 -44.71 -30.43
C GLY A 217 -27.08 -43.23 -30.10
N LEU A 218 -25.91 -42.99 -29.52
CA LEU A 218 -25.45 -41.66 -29.19
C LEU A 218 -25.52 -40.77 -30.43
N SER A 219 -26.14 -39.59 -30.29
CA SER A 219 -26.23 -38.62 -31.37
C SER A 219 -25.00 -37.70 -31.43
N GLY A 220 -24.56 -37.40 -32.65
CA GLY A 220 -23.60 -36.33 -32.92
C GLY A 220 -24.14 -35.22 -33.85
N THR A 221 -25.40 -34.76 -33.62
CA THR A 221 -26.07 -33.84 -34.54
C THR A 221 -26.43 -32.51 -33.87
N TYR A 222 -25.43 -31.67 -33.60
CA TYR A 222 -25.68 -30.26 -33.35
C TYR A 222 -26.05 -29.60 -34.69
N ASP A 223 -27.35 -29.29 -34.88
CA ASP A 223 -27.76 -28.46 -35.99
C ASP A 223 -26.89 -27.20 -35.99
N GLU A 224 -26.64 -26.64 -37.18
CA GLU A 224 -25.88 -25.40 -37.29
C GLU A 224 -26.36 -24.39 -36.23
N GLU A 225 -27.67 -24.32 -36.02
CA GLU A 225 -28.24 -23.35 -35.05
C GLU A 225 -28.28 -24.00 -33.67
N THR A 226 -27.27 -23.75 -32.81
CA THR A 226 -27.15 -24.31 -31.43
C THR A 226 -25.96 -25.28 -31.38
N VAL A 227 -24.76 -24.79 -31.73
CA VAL A 227 -23.54 -25.64 -31.62
C VAL A 227 -22.76 -25.18 -30.40
N PRO A 228 -22.83 -25.90 -29.26
CA PRO A 228 -22.16 -25.46 -28.03
C PRO A 228 -20.70 -25.09 -28.28
N THR A 229 -20.39 -23.79 -28.24
CA THR A 229 -18.98 -23.33 -28.40
C THR A 229 -18.59 -22.55 -27.15
N LEU A 230 -17.33 -22.61 -26.74
CA LEU A 230 -16.94 -21.94 -25.47
C LEU A 230 -16.36 -20.56 -25.75
N SER A 231 -17.19 -19.52 -25.63
CA SER A 231 -16.69 -18.16 -25.80
C SER A 231 -15.52 -17.93 -24.84
N PRO A 232 -14.40 -17.24 -25.20
CA PRO A 232 -13.26 -17.14 -24.29
C PRO A 232 -13.81 -16.54 -22.98
N CYS A 233 -13.02 -16.60 -21.90
CA CYS A 233 -13.54 -16.03 -20.67
C CYS A 233 -12.58 -14.95 -20.16
N ARG A 234 -13.13 -13.75 -19.92
CA ARG A 234 -12.30 -12.64 -19.50
C ARG A 234 -11.94 -12.75 -18.01
N PHE A 235 -10.62 -12.76 -17.73
CA PHE A 235 -10.12 -12.71 -16.36
C PHE A 235 -10.06 -11.26 -15.90
N THR A 236 -10.34 -11.06 -14.61
CA THR A 236 -10.29 -9.70 -14.10
C THR A 236 -9.44 -9.68 -12.86
N GLY A 237 -8.51 -8.73 -12.80
CA GLY A 237 -7.75 -8.44 -11.59
C GLY A 237 -8.70 -7.88 -10.55
N SER A 238 -8.92 -8.65 -9.49
CA SER A 238 -10.02 -8.32 -8.60
C SER A 238 -9.76 -8.99 -7.27
N GLN A 239 -10.59 -8.64 -6.28
CA GLN A 239 -10.50 -9.17 -4.94
C GLN A 239 -11.92 -9.49 -4.47
N ILE A 240 -12.09 -10.65 -3.85
CA ILE A 240 -13.29 -10.92 -3.10
C ILE A 240 -12.89 -11.26 -1.67
N CYS A 241 -13.39 -10.45 -0.70
CA CYS A 241 -12.97 -10.52 0.70
C CYS A 241 -14.15 -10.69 1.63
N HIS A 242 -14.49 -11.97 1.86
CA HIS A 242 -15.51 -12.40 2.80
C HIS A 242 -14.89 -12.50 4.19
N ARG A 243 -15.14 -11.47 4.99
CA ARG A 243 -14.52 -11.31 6.30
C ARG A 243 -15.48 -11.91 7.30
N GLU A 244 -15.01 -12.97 7.97
CA GLU A 244 -15.80 -13.61 9.00
C GLU A 244 -14.86 -14.00 10.14
N ASP A 245 -14.68 -13.05 11.07
CA ASP A 245 -13.67 -13.04 12.11
C ASP A 245 -13.96 -14.16 13.10
N GLY A 246 -15.18 -14.69 13.03
CA GLY A 246 -15.62 -15.77 13.90
C GLY A 246 -14.95 -17.10 13.63
N LEU A 247 -14.31 -17.27 12.48
CA LEU A 247 -13.72 -18.57 12.18
C LEU A 247 -12.26 -18.59 12.63
N PRO A 248 -11.72 -19.78 12.94
CA PRO A 248 -10.41 -19.88 13.58
C PRO A 248 -9.20 -19.60 12.68
N LEU A 249 -9.29 -19.84 11.37
CA LEU A 249 -8.13 -19.68 10.49
C LEU A 249 -8.54 -19.06 9.16
N ALA A 250 -7.60 -18.29 8.60
CA ALA A 250 -7.83 -17.51 7.40
C ALA A 250 -7.44 -18.38 6.21
N HIS A 251 -8.28 -18.39 5.17
CA HIS A 251 -7.97 -18.96 3.87
C HIS A 251 -7.76 -17.83 2.89
N VAL A 252 -6.59 -17.82 2.23
CA VAL A 252 -6.35 -16.90 1.14
C VAL A 252 -6.00 -17.71 -0.12
N ALA A 253 -6.57 -17.30 -1.27
CA ALA A 253 -6.26 -17.87 -2.57
C ALA A 253 -6.02 -16.77 -3.60
N ILE A 254 -4.83 -16.76 -4.22
CA ILE A 254 -4.43 -15.70 -5.14
C ILE A 254 -3.86 -16.32 -6.42
N ALA A 255 -4.35 -15.83 -7.56
CA ALA A 255 -3.87 -16.30 -8.86
C ALA A 255 -3.80 -15.18 -9.91
N VAL A 256 -2.81 -15.32 -10.80
CA VAL A 256 -2.79 -14.67 -12.10
C VAL A 256 -3.48 -15.55 -13.14
N GLU A 257 -3.74 -14.94 -14.31
CA GLU A 257 -4.35 -15.71 -15.37
C GLU A 257 -3.33 -16.62 -16.03
N GLY A 258 -3.67 -17.91 -16.06
CA GLY A 258 -2.86 -18.92 -16.72
C GLY A 258 -3.21 -19.11 -18.19
N PRO A 259 -2.44 -19.92 -18.96
CA PRO A 259 -2.58 -19.99 -20.41
C PRO A 259 -3.67 -20.96 -20.82
N GLY A 260 -4.02 -21.91 -19.96
CA GLY A 260 -5.05 -22.86 -20.33
C GLY A 260 -4.48 -24.08 -21.03
N TRP A 261 -5.37 -25.05 -21.26
CA TRP A 261 -5.01 -26.46 -21.39
C TRP A 261 -3.88 -26.66 -22.38
N ALA A 262 -4.05 -25.99 -23.53
CA ALA A 262 -3.38 -26.26 -24.78
C ALA A 262 -1.87 -26.03 -24.69
N HIS A 263 -1.52 -24.89 -24.10
CA HIS A 263 -0.25 -24.18 -24.21
C HIS A 263 0.91 -24.95 -23.57
N PRO A 264 2.04 -25.02 -24.28
CA PRO A 264 3.26 -25.65 -23.75
C PRO A 264 3.89 -24.95 -22.56
N ASP A 265 3.60 -23.67 -22.39
CA ASP A 265 4.09 -22.93 -21.25
C ASP A 265 3.65 -23.59 -19.94
N ASN A 266 2.50 -24.29 -19.95
CA ASN A 266 2.02 -25.07 -18.81
C ASN A 266 3.11 -25.97 -18.22
N VAL A 267 3.96 -26.59 -19.06
CA VAL A 267 5.02 -27.49 -18.61
C VAL A 267 6.06 -26.71 -17.80
N ALA A 268 6.55 -25.59 -18.35
CA ALA A 268 7.57 -24.81 -17.64
C ALA A 268 7.03 -24.23 -16.33
N LEU A 269 5.76 -23.80 -16.35
CA LEU A 269 5.05 -23.30 -15.19
C LEU A 269 4.97 -24.36 -14.09
N GLN A 270 4.65 -25.60 -14.47
CA GLN A 270 4.59 -26.71 -13.53
C GLN A 270 5.95 -26.90 -12.85
N VAL A 271 7.04 -26.81 -13.63
CA VAL A 271 8.38 -26.88 -13.10
C VAL A 271 8.55 -25.80 -12.03
N ALA A 272 8.09 -24.57 -12.31
CA ALA A 272 8.37 -23.42 -11.45
C ALA A 272 7.58 -23.55 -10.16
N ASN A 273 6.29 -23.91 -10.30
CA ASN A 273 5.36 -24.26 -9.22
C ASN A 273 5.93 -25.33 -8.30
N ALA A 274 6.61 -26.32 -8.88
CA ALA A 274 7.19 -27.37 -8.08
C ALA A 274 8.37 -26.80 -7.31
N ILE A 275 9.03 -25.75 -7.83
CA ILE A 275 10.13 -25.19 -7.07
C ILE A 275 9.60 -24.65 -5.74
N ILE A 276 8.61 -23.75 -5.85
CA ILE A 276 7.93 -23.09 -4.74
C ILE A 276 7.20 -24.13 -3.91
N GLY A 277 6.42 -24.99 -4.57
CA GLY A 277 6.07 -26.25 -3.94
C GLY A 277 4.76 -26.23 -3.17
N HIS A 278 4.70 -27.01 -2.07
CA HIS A 278 3.52 -27.14 -1.23
C HIS A 278 3.99 -27.51 0.18
N TYR A 279 3.14 -27.29 1.19
CA TYR A 279 3.54 -27.50 2.58
C TYR A 279 2.32 -27.69 3.46
N ASP A 280 2.49 -28.44 4.55
CA ASP A 280 1.65 -28.30 5.73
C ASP A 280 2.36 -28.80 6.98
N CYS A 281 1.66 -28.71 8.11
CA CYS A 281 2.34 -28.71 9.39
C CYS A 281 2.62 -30.16 9.75
N THR A 282 2.18 -31.07 8.89
CA THR A 282 2.39 -32.48 9.15
C THR A 282 3.67 -32.97 8.47
N TYR A 283 4.32 -32.13 7.66
CA TYR A 283 5.47 -32.49 6.85
C TYR A 283 6.70 -32.69 7.71
N GLY A 284 7.51 -33.68 7.34
CA GLY A 284 8.76 -33.95 8.00
C GLY A 284 9.77 -32.82 7.80
N GLY A 285 9.57 -31.99 6.80
CA GLY A 285 10.70 -31.24 6.29
C GLY A 285 11.27 -30.21 7.26
N GLY A 286 10.43 -29.28 7.73
CA GLY A 286 10.88 -28.16 8.53
C GLY A 286 11.79 -27.18 7.75
N ALA A 287 12.79 -26.63 8.47
CA ALA A 287 13.72 -25.62 7.97
C ALA A 287 14.53 -26.13 6.77
N HIS A 288 14.77 -27.43 6.75
CA HIS A 288 15.67 -28.09 5.81
C HIS A 288 15.02 -28.29 4.45
N LEU A 289 13.68 -28.14 4.37
CA LEU A 289 12.96 -28.20 3.12
C LEU A 289 13.63 -27.34 2.08
N SER A 290 13.43 -27.73 0.81
CA SER A 290 14.22 -27.24 -0.30
C SER A 290 13.71 -25.88 -0.73
N SER A 291 12.38 -25.81 -0.90
CA SER A 291 11.64 -24.58 -1.19
C SER A 291 11.85 -23.56 -0.09
N PRO A 292 12.36 -22.34 -0.40
CA PRO A 292 12.35 -21.27 0.57
C PRO A 292 10.96 -20.92 1.14
N LEU A 293 9.88 -21.01 0.34
CA LEU A 293 8.57 -20.71 0.92
C LEU A 293 8.28 -21.68 2.05
N ALA A 294 8.56 -22.96 1.80
CA ALA A 294 8.27 -24.02 2.76
C ALA A 294 9.13 -23.93 4.03
N SER A 295 10.43 -23.75 3.84
CA SER A 295 11.34 -23.69 4.98
C SER A 295 11.04 -22.46 5.84
N ILE A 296 10.68 -21.34 5.21
CA ILE A 296 10.42 -20.10 5.92
C ILE A 296 9.08 -20.19 6.65
N ALA A 297 8.11 -20.78 5.96
CA ALA A 297 6.80 -20.91 6.56
C ALA A 297 6.91 -21.84 7.77
N ALA A 298 7.69 -22.92 7.62
CA ALA A 298 7.86 -23.91 8.67
C ALA A 298 8.61 -23.28 9.85
N THR A 299 9.80 -22.71 9.58
CA THR A 299 10.60 -22.22 10.70
C THR A 299 9.87 -21.12 11.46
N ASN A 300 8.98 -20.34 10.82
CA ASN A 300 8.40 -19.18 11.45
C ASN A 300 6.89 -19.32 11.60
N LYS A 301 6.41 -20.55 11.62
CA LYS A 301 4.96 -20.81 11.76
C LYS A 301 4.13 -19.73 11.07
N LEU A 302 4.43 -19.38 9.82
CA LEU A 302 3.57 -18.44 9.12
C LEU A 302 2.24 -19.11 8.82
N CYS A 303 2.26 -20.25 8.12
CA CYS A 303 0.97 -20.85 7.76
C CYS A 303 0.87 -22.28 8.29
N GLN A 304 -0.36 -22.82 8.25
CA GLN A 304 -0.66 -24.19 8.60
C GLN A 304 -0.45 -25.09 7.40
N SER A 305 -0.61 -24.55 6.17
CA SER A 305 -0.54 -25.27 4.90
C SER A 305 -0.46 -24.30 3.72
N PHE A 306 0.07 -24.76 2.59
CA PHE A 306 -0.11 -24.06 1.33
C PHE A 306 0.15 -24.98 0.14
N GLN A 307 -0.49 -24.69 -1.01
CA GLN A 307 -0.14 -25.27 -2.30
C GLN A 307 -0.17 -24.22 -3.42
N THR A 308 0.77 -24.37 -4.36
CA THR A 308 0.71 -23.75 -5.68
C THR A 308 -0.27 -24.56 -6.52
N PHE A 309 -0.89 -23.99 -7.57
CA PHE A 309 -1.82 -24.86 -8.29
C PHE A 309 -1.63 -24.91 -9.81
N ASN A 310 -1.87 -23.80 -10.52
CA ASN A 310 -1.96 -23.80 -11.98
C ASN A 310 -3.14 -24.50 -12.67
N ILE A 311 -4.38 -24.23 -12.26
CA ILE A 311 -5.60 -24.76 -12.86
C ILE A 311 -5.81 -24.25 -14.28
N CYS A 312 -6.09 -25.22 -15.17
CA CYS A 312 -6.28 -24.97 -16.58
C CYS A 312 -7.76 -25.15 -16.94
N TYR A 313 -8.26 -24.19 -17.71
CA TYR A 313 -9.55 -24.28 -18.36
C TYR A 313 -9.26 -24.27 -19.85
N ALA A 314 -10.23 -23.91 -20.72
CA ALA A 314 -10.04 -23.99 -22.16
C ALA A 314 -8.87 -23.15 -22.70
N ASP A 315 -8.99 -21.82 -22.59
CA ASP A 315 -8.00 -20.96 -23.21
C ASP A 315 -7.54 -19.98 -22.14
N THR A 316 -7.80 -20.33 -20.88
CA THR A 316 -7.52 -19.53 -19.70
C THR A 316 -7.31 -20.46 -18.50
N GLY A 317 -6.92 -19.90 -17.35
CA GLY A 317 -6.76 -20.65 -16.11
C GLY A 317 -6.43 -19.78 -14.89
N LEU A 318 -6.15 -20.44 -13.76
CA LEU A 318 -5.77 -19.76 -12.52
C LEU A 318 -4.40 -20.29 -12.14
N LEU A 319 -3.35 -19.49 -12.28
CA LEU A 319 -2.04 -19.90 -11.83
C LEU A 319 -1.73 -19.12 -10.55
N GLY A 320 -1.59 -19.84 -9.41
CA GLY A 320 -1.26 -19.17 -8.16
C GLY A 320 -0.91 -20.10 -7.00
N ALA A 321 -1.52 -19.81 -5.86
CA ALA A 321 -1.25 -20.45 -4.58
C ALA A 321 -2.47 -20.26 -3.67
N HIS A 322 -2.69 -21.22 -2.75
CA HIS A 322 -3.66 -21.08 -1.67
C HIS A 322 -2.94 -21.38 -0.36
N PHE A 323 -3.19 -20.55 0.67
CA PHE A 323 -2.59 -20.83 1.97
C PHE A 323 -3.61 -20.68 3.09
N VAL A 324 -3.36 -21.42 4.18
CA VAL A 324 -4.18 -21.34 5.37
C VAL A 324 -3.30 -21.01 6.57
N CYS A 325 -3.62 -19.91 7.23
CA CYS A 325 -2.69 -19.39 8.20
C CYS A 325 -3.47 -18.66 9.27
N ASP A 326 -2.77 -18.47 10.39
CA ASP A 326 -3.08 -17.59 11.50
C ASP A 326 -3.49 -16.19 11.02
N HIS A 327 -4.31 -15.50 11.84
CA HIS A 327 -4.90 -14.25 11.42
C HIS A 327 -3.88 -13.12 11.42
N MET A 328 -2.72 -13.39 12.02
CA MET A 328 -1.62 -12.44 12.17
C MET A 328 -0.55 -12.65 11.10
N SER A 329 -0.70 -13.71 10.31
CA SER A 329 0.38 -14.13 9.42
C SER A 329 0.08 -13.86 7.95
N ILE A 330 -1.14 -13.36 7.65
CA ILE A 330 -1.54 -13.23 6.27
C ILE A 330 -0.56 -12.34 5.53
N ASP A 331 -0.20 -11.21 6.12
CA ASP A 331 0.80 -10.32 5.54
C ASP A 331 2.10 -11.07 5.30
N ASP A 332 2.59 -11.81 6.29
CA ASP A 332 3.90 -12.40 6.09
C ASP A 332 3.82 -13.55 5.08
N MET A 333 2.69 -14.27 5.03
CA MET A 333 2.58 -15.34 4.04
C MET A 333 2.64 -14.74 2.66
N MET A 334 1.78 -13.74 2.42
CA MET A 334 1.60 -13.11 1.14
C MET A 334 2.94 -12.53 0.66
N PHE A 335 3.75 -12.04 1.60
CA PHE A 335 4.99 -11.35 1.29
C PHE A 335 6.08 -12.33 0.84
N VAL A 336 6.19 -13.46 1.52
CA VAL A 336 7.16 -14.45 1.12
C VAL A 336 6.71 -15.13 -0.16
N LEU A 337 5.38 -15.37 -0.35
CA LEU A 337 4.88 -16.09 -1.52
C LEU A 337 5.14 -15.26 -2.77
N GLN A 338 4.71 -13.99 -2.73
CA GLN A 338 4.94 -13.08 -3.83
C GLN A 338 6.43 -12.87 -4.03
N GLY A 339 7.15 -12.87 -2.92
CA GLY A 339 8.60 -12.77 -2.99
C GLY A 339 9.15 -13.84 -3.93
N GLN A 340 8.59 -15.04 -3.80
CA GLN A 340 9.07 -16.25 -4.45
C GLN A 340 8.81 -16.16 -5.96
N TRP A 341 7.56 -15.79 -6.34
CA TRP A 341 7.23 -15.50 -7.72
C TRP A 341 8.27 -14.56 -8.31
N MET A 342 8.58 -13.47 -7.63
CA MET A 342 9.54 -12.54 -8.21
C MET A 342 10.92 -13.18 -8.36
N ARG A 343 11.29 -14.09 -7.46
CA ARG A 343 12.68 -14.54 -7.50
C ARG A 343 12.87 -15.46 -8.71
N LEU A 344 11.85 -16.28 -8.98
CA LEU A 344 11.84 -17.15 -10.14
C LEU A 344 11.83 -16.32 -11.43
N CYS A 345 10.89 -15.35 -11.49
CA CYS A 345 10.76 -14.43 -12.61
C CYS A 345 12.14 -13.85 -12.96
N THR A 346 12.82 -13.28 -11.98
CA THR A 346 14.02 -12.50 -12.27
C THR A 346 15.29 -13.33 -12.23
N SER A 347 15.36 -14.35 -11.35
CA SER A 347 16.68 -14.85 -10.99
C SER A 347 16.72 -16.33 -10.62
N ALA A 348 15.90 -17.17 -11.28
CA ALA A 348 15.90 -18.62 -11.03
C ALA A 348 17.30 -19.22 -11.26
N THR A 349 17.74 -20.16 -10.40
CA THR A 349 19.00 -20.88 -10.60
C THR A 349 18.77 -22.19 -11.35
N GLU A 350 19.86 -22.73 -11.91
CA GLU A 350 19.75 -23.94 -12.72
C GLU A 350 19.38 -25.12 -11.83
N SER A 351 20.08 -25.19 -10.68
CA SER A 351 20.01 -26.35 -9.82
C SER A 351 18.59 -26.46 -9.31
N GLU A 352 17.97 -25.29 -9.11
CA GLU A 352 16.65 -25.28 -8.50
C GLU A 352 15.60 -25.61 -9.56
N VAL A 353 15.88 -25.21 -10.81
CA VAL A 353 15.04 -25.61 -11.92
C VAL A 353 15.20 -27.12 -12.17
N LEU A 354 16.44 -27.62 -12.04
CA LEU A 354 16.68 -29.05 -12.17
C LEU A 354 15.79 -29.77 -11.14
N ARG A 355 15.74 -29.21 -9.91
CA ARG A 355 14.90 -29.79 -8.88
C ARG A 355 13.45 -29.78 -9.35
N GLY A 356 12.98 -28.65 -9.89
CA GLY A 356 11.61 -28.54 -10.31
C GLY A 356 11.28 -29.60 -11.34
N LYS A 357 12.25 -29.81 -12.25
CA LYS A 357 12.09 -30.77 -13.33
C LYS A 357 11.84 -32.13 -12.69
N ASN A 358 12.77 -32.49 -11.79
CA ASN A 358 12.81 -33.82 -11.20
C ASN A 358 11.54 -34.08 -10.43
N LEU A 359 10.97 -33.01 -9.88
CA LEU A 359 9.78 -33.15 -9.06
C LEU A 359 8.66 -33.56 -10.00
N LEU A 360 8.58 -32.81 -11.10
CA LEU A 360 7.47 -32.91 -12.03
C LEU A 360 7.54 -34.23 -12.81
N ARG A 361 8.77 -34.64 -13.20
CA ARG A 361 9.05 -35.96 -13.75
C ARG A 361 8.42 -37.01 -12.83
N ASN A 362 8.91 -37.04 -11.59
CA ASN A 362 8.43 -37.91 -10.52
C ASN A 362 6.92 -37.83 -10.33
N ALA A 363 6.40 -36.61 -10.38
CA ALA A 363 5.00 -36.31 -10.08
C ALA A 363 4.10 -37.10 -11.00
N LEU A 364 4.34 -36.94 -12.31
CA LEU A 364 3.35 -37.41 -13.26
C LEU A 364 3.65 -38.84 -13.68
N VAL A 365 4.85 -39.34 -13.35
CA VAL A 365 5.09 -40.76 -13.51
C VAL A 365 4.39 -41.57 -12.41
N SER A 366 4.50 -41.16 -11.15
CA SER A 366 3.96 -41.96 -10.06
C SER A 366 2.48 -41.67 -9.84
N HIS A 367 1.99 -40.56 -10.42
CA HIS A 367 0.55 -40.33 -10.47
C HIS A 367 -0.16 -41.41 -11.28
N LEU A 368 0.43 -41.79 -12.42
CA LEU A 368 -0.21 -42.69 -13.35
C LEU A 368 0.08 -44.12 -12.94
N ASP A 369 -0.50 -44.56 -11.82
CA ASP A 369 -0.15 -45.83 -11.22
C ASP A 369 -1.46 -46.53 -10.87
N GLY A 370 -1.73 -47.65 -11.55
CA GLY A 370 -3.02 -48.31 -11.43
C GLY A 370 -4.01 -47.75 -12.44
N THR A 371 -5.19 -48.37 -12.53
CA THR A 371 -5.92 -48.23 -13.77
C THR A 371 -6.76 -46.95 -13.80
N THR A 372 -7.26 -46.54 -12.62
CA THR A 372 -8.16 -45.40 -12.53
C THR A 372 -7.46 -44.11 -12.94
N PRO A 373 -6.30 -43.73 -12.34
CA PRO A 373 -5.51 -42.61 -12.83
C PRO A 373 -5.22 -42.65 -14.33
N VAL A 374 -4.93 -43.85 -14.83
CA VAL A 374 -4.50 -43.98 -16.21
C VAL A 374 -5.71 -43.90 -17.12
N CYS A 375 -6.80 -44.55 -16.71
CA CYS A 375 -8.05 -44.45 -17.45
C CYS A 375 -8.45 -42.98 -17.60
N GLU A 376 -8.30 -42.23 -16.50
CA GLU A 376 -8.75 -40.85 -16.45
C GLU A 376 -7.84 -39.97 -17.30
N ASP A 377 -6.55 -40.31 -17.33
CA ASP A 377 -5.57 -39.53 -18.06
C ASP A 377 -5.92 -39.61 -19.55
N ILE A 378 -6.31 -40.82 -19.96
CA ILE A 378 -6.77 -41.08 -21.32
C ILE A 378 -8.02 -40.24 -21.57
N GLY A 379 -9.04 -40.43 -20.73
CA GLY A 379 -10.34 -39.81 -20.95
C GLY A 379 -10.23 -38.29 -21.07
N ARG A 380 -9.44 -37.69 -20.19
CA ARG A 380 -9.43 -36.25 -20.08
C ARG A 380 -8.52 -35.69 -21.17
N SER A 381 -7.40 -36.39 -21.43
CA SER A 381 -6.41 -35.91 -22.39
C SER A 381 -7.07 -35.78 -23.76
N LEU A 382 -7.98 -36.74 -24.05
CA LEU A 382 -8.66 -36.77 -25.33
C LEU A 382 -9.59 -35.56 -25.46
N LEU A 383 -10.14 -35.09 -24.32
CA LEU A 383 -11.01 -33.92 -24.31
C LEU A 383 -10.20 -32.63 -24.33
N THR A 384 -9.02 -32.64 -23.72
CA THR A 384 -8.32 -31.39 -23.51
C THR A 384 -7.34 -31.16 -24.66
N TYR A 385 -6.58 -32.18 -25.01
CA TYR A 385 -5.49 -32.02 -25.96
C TYR A 385 -5.88 -32.62 -27.31
N GLY A 386 -6.93 -33.44 -27.28
CA GLY A 386 -7.31 -34.25 -28.42
C GLY A 386 -6.47 -35.50 -28.59
N ARG A 387 -5.72 -35.87 -27.55
CA ARG A 387 -4.79 -37.03 -27.64
C ARG A 387 -4.06 -37.28 -26.33
N ARG A 388 -3.64 -38.53 -26.07
CA ARG A 388 -2.81 -38.85 -24.92
C ARG A 388 -1.37 -38.49 -25.27
N ILE A 389 -0.73 -37.74 -24.39
CA ILE A 389 0.64 -37.38 -24.64
C ILE A 389 1.45 -38.49 -23.99
N PRO A 390 2.27 -39.23 -24.75
CA PRO A 390 3.13 -40.27 -24.15
C PRO A 390 4.01 -39.66 -23.05
N LEU A 391 4.34 -40.49 -22.05
CA LEU A 391 5.29 -40.11 -21.01
C LEU A 391 6.60 -39.65 -21.64
N ALA A 392 7.02 -40.28 -22.73
CA ALA A 392 8.31 -39.88 -23.23
C ALA A 392 8.21 -38.47 -23.82
N GLU A 393 6.99 -38.03 -24.18
CA GLU A 393 6.83 -36.67 -24.70
C GLU A 393 6.88 -35.64 -23.58
N TRP A 394 6.17 -35.96 -22.49
CA TRP A 394 6.26 -35.15 -21.28
C TRP A 394 7.72 -34.91 -20.93
N GLU A 395 8.52 -35.99 -20.99
CA GLU A 395 9.90 -35.94 -20.56
C GLU A 395 10.73 -35.08 -21.52
N SER A 396 10.29 -35.02 -22.78
CA SER A 396 11.03 -34.23 -23.75
C SER A 396 10.81 -32.75 -23.52
N ARG A 397 9.57 -32.39 -23.16
CA ARG A 397 9.25 -31.01 -22.83
C ARG A 397 9.91 -30.61 -21.50
N ILE A 398 10.08 -31.56 -20.58
CA ILE A 398 10.64 -31.28 -19.28
C ILE A 398 12.14 -31.00 -19.40
N ALA A 399 12.86 -31.80 -20.20
CA ALA A 399 14.30 -31.68 -20.39
C ALA A 399 14.63 -30.32 -21.03
N GLU A 400 13.67 -29.80 -21.82
CA GLU A 400 13.75 -28.57 -22.59
C GLU A 400 13.86 -27.35 -21.67
N VAL A 401 13.25 -27.40 -20.47
CA VAL A 401 13.17 -26.24 -19.59
C VAL A 401 14.49 -26.08 -18.85
N ASP A 402 15.09 -24.88 -18.95
CA ASP A 402 16.23 -24.56 -18.11
C ASP A 402 15.87 -23.34 -17.26
N ALA A 403 16.87 -22.83 -16.53
CA ALA A 403 16.71 -21.61 -15.74
C ALA A 403 16.13 -20.49 -16.60
N ARG A 404 16.70 -20.32 -17.78
CA ARG A 404 16.31 -19.26 -18.69
C ARG A 404 14.82 -19.37 -19.04
N VAL A 405 14.34 -20.61 -19.20
CA VAL A 405 12.96 -20.78 -19.61
C VAL A 405 12.02 -20.42 -18.47
N VAL A 406 12.40 -20.89 -17.27
CA VAL A 406 11.60 -20.71 -16.05
C VAL A 406 11.48 -19.21 -15.83
N ARG A 407 12.60 -18.48 -15.98
CA ARG A 407 12.57 -17.03 -15.85
C ARG A 407 11.54 -16.46 -16.84
N GLU A 408 11.79 -16.68 -18.13
CA GLU A 408 10.99 -16.09 -19.20
C GLU A 408 9.52 -16.45 -18.99
N VAL A 409 9.22 -17.73 -18.77
CA VAL A 409 7.83 -18.17 -18.77
C VAL A 409 7.10 -17.53 -17.59
N CYS A 410 7.76 -17.58 -16.41
CA CYS A 410 7.18 -17.05 -15.19
C CYS A 410 6.96 -15.56 -15.34
N SER A 411 7.88 -14.88 -16.03
CA SER A 411 7.76 -13.43 -16.18
C SER A 411 6.53 -13.11 -16.98
N LYS A 412 6.21 -14.01 -17.92
CA LYS A 412 5.12 -13.76 -18.83
C LYS A 412 3.85 -13.63 -18.02
N TYR A 413 3.69 -14.47 -16.98
CA TYR A 413 2.39 -14.66 -16.37
C TYR A 413 2.26 -13.91 -15.04
N PHE A 414 3.38 -13.86 -14.30
CA PHE A 414 3.46 -13.34 -12.96
C PHE A 414 3.88 -11.88 -12.98
N TYR A 415 5.02 -11.57 -13.61
CA TYR A 415 5.63 -10.27 -13.40
C TYR A 415 4.76 -9.11 -13.89
N ASP A 416 4.49 -8.20 -12.96
CA ASP A 416 3.73 -6.98 -13.16
C ASP A 416 2.41 -7.31 -13.81
N GLN A 417 1.69 -8.28 -13.24
CA GLN A 417 0.38 -8.67 -13.74
C GLN A 417 -0.68 -8.57 -12.62
N CYS A 418 -1.94 -8.32 -12.99
CA CYS A 418 -2.99 -8.17 -11.98
C CYS A 418 -3.46 -9.54 -11.50
N PRO A 419 -3.33 -9.88 -10.20
CA PRO A 419 -3.92 -11.11 -9.67
C PRO A 419 -5.40 -10.99 -9.31
N ALA A 420 -6.03 -12.16 -9.14
CA ALA A 420 -7.31 -12.22 -8.47
C ALA A 420 -7.07 -12.78 -7.08
N VAL A 421 -7.68 -12.15 -6.08
CA VAL A 421 -7.52 -12.56 -4.70
C VAL A 421 -8.88 -12.93 -4.12
N ALA A 422 -8.91 -14.07 -3.44
CA ALA A 422 -10.01 -14.40 -2.54
C ALA A 422 -9.45 -14.71 -1.14
N GLY A 423 -10.06 -14.08 -0.14
CA GLY A 423 -9.82 -14.42 1.26
C GLY A 423 -11.13 -14.71 1.98
N PHE A 424 -11.07 -15.62 2.95
CA PHE A 424 -12.23 -15.95 3.75
C PHE A 424 -11.81 -16.18 5.19
N GLY A 425 -12.63 -15.68 6.13
CA GLY A 425 -12.32 -15.85 7.55
C GLY A 425 -11.81 -14.57 8.21
N PRO A 426 -10.92 -14.69 9.24
CA PRO A 426 -10.40 -13.54 9.98
C PRO A 426 -9.25 -12.89 9.20
N ILE A 427 -9.64 -12.15 8.17
CA ILE A 427 -8.73 -11.75 7.12
C ILE A 427 -8.47 -10.27 7.26
N GLU A 428 -8.64 -9.77 8.50
CA GLU A 428 -8.52 -8.34 8.71
C GLU A 428 -7.14 -7.90 8.27
N GLN A 429 -6.15 -8.81 8.36
CA GLN A 429 -4.78 -8.45 8.05
C GLN A 429 -4.50 -8.58 6.54
N LEU A 430 -5.22 -9.51 5.86
CA LEU A 430 -4.99 -9.82 4.46
C LEU A 430 -4.74 -8.54 3.66
N PRO A 431 -3.51 -8.34 3.14
CA PRO A 431 -3.11 -7.09 2.49
C PRO A 431 -4.08 -6.48 1.48
N ASP A 432 -4.00 -5.14 1.38
CA ASP A 432 -4.80 -4.33 0.47
C ASP A 432 -4.41 -4.68 -0.96
N TYR A 433 -5.38 -4.64 -1.90
CA TYR A 433 -5.13 -5.03 -3.29
C TYR A 433 -3.94 -4.26 -3.86
N ASN A 434 -3.90 -2.95 -3.61
CA ASN A 434 -2.85 -2.13 -4.18
C ASN A 434 -1.49 -2.63 -3.73
N ARG A 435 -1.46 -3.10 -2.48
CA ARG A 435 -0.21 -3.55 -1.86
C ARG A 435 0.20 -4.89 -2.46
N ILE A 436 -0.79 -5.78 -2.63
CA ILE A 436 -0.67 -7.07 -3.30
C ILE A 436 -0.22 -6.80 -4.74
N ARG A 437 -0.88 -5.86 -5.40
CA ARG A 437 -0.53 -5.64 -6.79
C ARG A 437 0.91 -5.11 -6.92
N SER A 438 1.34 -4.27 -5.96
CA SER A 438 2.68 -3.69 -6.07
C SER A 438 3.72 -4.76 -5.77
N GLY A 439 3.22 -5.87 -5.23
CA GLY A 439 4.03 -6.98 -4.79
C GLY A 439 4.38 -7.93 -5.93
N MET A 440 3.84 -7.60 -7.13
CA MET A 440 4.03 -8.34 -8.38
C MET A 440 5.19 -7.78 -9.20
N PHE A 441 5.93 -6.77 -8.70
CA PHE A 441 7.12 -6.33 -9.40
C PHE A 441 8.20 -5.92 -8.41
N TRP A 442 9.45 -5.90 -8.89
CA TRP A 442 10.56 -5.45 -8.08
C TRP A 442 11.03 -4.10 -8.60
N LEU A 443 11.19 -3.11 -7.70
CA LEU A 443 11.79 -1.85 -8.09
C LEU A 443 13.30 -2.00 -7.96
N ARG A 444 13.84 -3.17 -8.30
CA ARG A 444 15.27 -3.38 -8.20
C ARG A 444 15.70 -3.97 -9.53
N PHE A 445 14.75 -4.59 -10.24
CA PHE A 445 14.93 -5.19 -11.55
C PHE A 445 14.91 -4.06 -12.59
N GLN B 1 8.11 -60.46 -16.83
CA GLN B 1 8.77 -60.60 -15.50
C GLN B 1 7.75 -60.84 -14.39
N ASP B 2 7.99 -61.85 -13.53
CA ASP B 2 7.23 -62.05 -12.29
C ASP B 2 8.17 -62.05 -11.06
N LEU B 3 7.58 -62.19 -9.87
CA LEU B 3 8.22 -61.81 -8.62
C LEU B 3 9.35 -62.76 -8.25
N GLU B 4 10.48 -62.25 -7.75
CA GLU B 4 11.51 -63.08 -7.13
C GLU B 4 11.49 -62.95 -5.60
N PHE B 5 12.16 -63.89 -4.89
CA PHE B 5 12.06 -64.03 -3.45
C PHE B 5 13.31 -64.69 -2.88
N THR B 6 13.78 -64.18 -1.74
CA THR B 6 14.97 -64.65 -1.03
C THR B 6 14.72 -64.54 0.47
N ARG B 7 15.21 -65.52 1.23
CA ARG B 7 15.26 -65.45 2.68
C ARG B 7 16.66 -65.84 3.11
N LEU B 8 17.50 -64.85 3.41
CA LEU B 8 18.86 -65.03 3.90
C LEU B 8 18.91 -65.90 5.15
N PRO B 9 20.12 -66.42 5.55
CA PRO B 9 20.25 -67.25 6.75
C PRO B 9 19.88 -66.48 8.01
N ASN B 10 20.10 -65.15 8.00
CA ASN B 10 19.86 -64.28 9.13
C ASN B 10 18.36 -64.01 9.36
N GLY B 11 17.47 -64.53 8.49
CA GLY B 11 16.02 -64.47 8.68
C GLY B 11 15.30 -63.49 7.74
N LEU B 12 16.09 -62.58 7.15
CA LEU B 12 15.60 -61.43 6.39
C LEU B 12 15.07 -61.88 5.04
N VAL B 13 13.93 -61.35 4.65
CA VAL B 13 13.36 -61.62 3.34
C VAL B 13 13.66 -60.48 2.35
N ILE B 14 14.09 -60.83 1.14
CA ILE B 14 14.10 -59.92 0.01
C ILE B 14 13.13 -60.44 -1.06
N ALA B 15 12.25 -59.58 -1.54
CA ALA B 15 11.33 -59.93 -2.62
C ALA B 15 11.30 -58.76 -3.60
N SER B 16 11.36 -59.05 -4.90
CA SER B 16 11.52 -57.96 -5.85
C SER B 16 11.15 -58.39 -7.27
N LEU B 17 10.20 -57.66 -7.83
CA LEU B 17 9.82 -57.75 -9.23
C LEU B 17 10.46 -56.60 -10.00
N GLU B 18 11.43 -56.93 -10.86
CA GLU B 18 11.96 -55.97 -11.82
C GLU B 18 10.97 -55.81 -12.97
N ASN B 19 10.34 -54.66 -13.09
CA ASN B 19 9.26 -54.51 -14.05
C ASN B 19 9.65 -53.44 -15.06
N TYR B 20 10.84 -52.85 -14.87
CA TYR B 20 11.40 -51.95 -15.85
C TYR B 20 10.49 -50.74 -16.08
N ALA B 21 9.73 -50.36 -15.04
CA ALA B 21 8.93 -49.14 -15.06
C ALA B 21 9.86 -47.93 -14.96
N PRO B 22 9.38 -46.68 -15.10
CA PRO B 22 10.29 -45.53 -15.07
C PRO B 22 10.61 -45.15 -13.62
N ALA B 23 9.72 -45.58 -12.70
CA ALA B 23 9.67 -45.28 -11.28
C ALA B 23 10.14 -46.50 -10.49
N SER B 24 10.83 -46.33 -9.33
CA SER B 24 11.25 -47.43 -8.46
C SER B 24 10.80 -47.26 -7.01
N ARG B 25 9.91 -48.14 -6.52
CA ARG B 25 9.48 -48.17 -5.14
C ARG B 25 10.27 -49.24 -4.37
N ILE B 26 10.97 -48.87 -3.29
CA ILE B 26 11.57 -49.82 -2.35
C ILE B 26 10.97 -49.60 -0.96
N GLY B 27 10.65 -50.71 -0.29
CA GLY B 27 10.06 -50.68 1.06
C GLY B 27 10.81 -51.59 2.04
N LEU B 28 11.20 -51.05 3.20
CA LEU B 28 11.71 -51.86 4.29
C LEU B 28 10.65 -52.01 5.37
N PHE B 29 10.17 -53.25 5.56
CA PHE B 29 9.07 -53.57 6.46
C PHE B 29 9.62 -54.24 7.70
N ILE B 30 9.11 -53.82 8.86
CA ILE B 30 9.70 -54.18 10.12
C ILE B 30 8.58 -54.49 11.12
N LYS B 31 8.80 -55.56 11.89
CA LYS B 31 7.88 -55.92 13.00
C LYS B 31 8.25 -54.98 14.13
N ALA B 32 7.79 -53.74 14.07
CA ALA B 32 8.12 -52.68 15.02
C ALA B 32 6.91 -51.75 15.21
N GLY B 33 5.71 -52.31 15.14
CA GLY B 33 4.50 -51.54 15.33
C GLY B 33 4.23 -51.23 16.79
N SER B 34 3.09 -50.58 17.02
CA SER B 34 2.75 -50.01 18.31
C SER B 34 2.67 -51.10 19.35
N ARG B 35 2.35 -52.33 18.92
CA ARG B 35 2.12 -53.45 19.82
C ARG B 35 3.38 -53.82 20.60
N TYR B 36 4.57 -53.47 20.07
CA TYR B 36 5.83 -53.82 20.72
C TYR B 36 6.28 -52.74 21.69
N GLU B 37 5.40 -51.77 21.93
CA GLU B 37 5.60 -50.82 23.01
C GLU B 37 5.11 -51.51 24.27
N ASN B 38 5.75 -51.23 25.42
CA ASN B 38 5.25 -51.69 26.71
C ASN B 38 4.70 -50.49 27.49
N SER B 39 4.23 -50.74 28.71
CA SER B 39 3.58 -49.68 29.45
C SER B 39 4.56 -48.58 29.88
N ASN B 40 5.87 -48.81 29.70
CA ASN B 40 6.90 -47.85 30.06
C ASN B 40 7.26 -46.89 28.93
N ASN B 41 7.18 -47.32 27.66
CA ASN B 41 7.65 -46.48 26.57
C ASN B 41 6.52 -46.22 25.58
N LEU B 42 5.27 -46.16 26.08
CA LEU B 42 4.13 -45.92 25.23
C LEU B 42 4.40 -44.66 24.40
N GLY B 43 4.15 -44.74 23.09
CA GLY B 43 4.27 -43.58 22.25
C GLY B 43 5.64 -43.47 21.59
N THR B 44 6.55 -44.40 21.90
CA THR B 44 7.90 -44.28 21.35
C THR B 44 7.92 -44.48 19.83
N SER B 45 7.14 -45.46 19.39
CA SER B 45 7.10 -45.81 17.99
C SER B 45 6.45 -44.66 17.22
N HIS B 46 5.60 -43.88 17.90
CA HIS B 46 4.96 -42.78 17.21
C HIS B 46 6.02 -41.71 16.97
N LEU B 47 6.87 -41.47 17.97
CA LEU B 47 7.91 -40.48 17.78
C LEU B 47 8.87 -40.98 16.70
N LEU B 48 9.18 -42.29 16.73
CA LEU B 48 10.07 -42.98 15.79
C LEU B 48 9.60 -42.83 14.33
N ARG B 49 8.27 -42.83 14.13
CA ARG B 49 7.66 -42.61 12.82
C ARG B 49 7.83 -41.16 12.35
N LEU B 50 7.79 -40.22 13.30
CA LEU B 50 7.97 -38.83 12.93
C LEU B 50 9.45 -38.54 12.75
N ALA B 51 10.31 -39.54 13.02
CA ALA B 51 11.68 -39.21 13.38
C ALA B 51 12.69 -39.49 12.28
N SER B 52 12.24 -40.07 11.15
CA SER B 52 13.10 -40.18 9.96
C SER B 52 13.45 -38.76 9.59
N SER B 53 14.51 -38.58 8.83
CA SER B 53 14.92 -37.24 8.47
C SER B 53 15.63 -36.49 9.60
N LEU B 54 15.69 -37.13 10.77
CA LEU B 54 16.60 -36.71 11.82
C LEU B 54 17.99 -37.26 11.50
N THR B 55 19.02 -36.49 11.86
CA THR B 55 20.40 -36.88 11.56
C THR B 55 20.62 -38.39 11.81
N THR B 56 21.41 -38.97 10.89
CA THR B 56 21.96 -40.32 10.93
C THR B 56 23.49 -40.25 10.94
N LYS B 57 24.12 -41.43 11.02
CA LYS B 57 25.58 -41.50 11.09
C LYS B 57 26.17 -41.09 9.75
N GLY B 58 25.50 -41.46 8.67
CA GLY B 58 26.03 -41.33 7.34
C GLY B 58 25.50 -40.10 6.62
N ALA B 59 24.39 -39.56 7.10
CA ALA B 59 23.83 -38.37 6.47
C ALA B 59 23.29 -37.41 7.53
N SER B 60 23.52 -36.11 7.30
CA SER B 60 22.94 -35.08 8.15
C SER B 60 21.42 -34.98 7.93
N SER B 61 20.73 -34.32 8.88
CA SER B 61 19.30 -34.14 8.79
C SER B 61 18.98 -33.27 7.58
N PHE B 62 19.90 -32.34 7.30
CA PHE B 62 19.80 -31.42 6.18
C PHE B 62 19.85 -32.17 4.84
N LYS B 63 20.84 -33.08 4.74
CA LYS B 63 21.14 -33.89 3.56
C LYS B 63 19.98 -34.86 3.26
N ILE B 64 19.35 -35.44 4.30
CA ILE B 64 18.29 -36.37 4.02
C ILE B 64 17.20 -35.63 3.26
N THR B 65 16.93 -34.39 3.69
CA THR B 65 15.81 -33.63 3.16
C THR B 65 16.19 -33.12 1.80
N ARG B 66 17.32 -32.40 1.74
CA ARG B 66 17.73 -31.73 0.53
C ARG B 66 18.04 -32.72 -0.58
N GLY B 67 18.69 -33.82 -0.19
CA GLY B 67 19.16 -34.82 -1.13
C GLY B 67 18.01 -35.53 -1.84
N ILE B 68 17.01 -35.94 -1.04
CA ILE B 68 15.88 -36.68 -1.56
C ILE B 68 15.07 -35.73 -2.43
N GLU B 69 14.96 -34.51 -1.97
CA GLU B 69 14.12 -33.56 -2.66
C GLU B 69 14.73 -33.25 -4.01
N ALA B 70 16.08 -33.19 -4.06
CA ALA B 70 16.87 -32.82 -5.23
C ALA B 70 16.45 -33.65 -6.45
N VAL B 71 16.16 -34.92 -6.19
CA VAL B 71 15.93 -35.91 -7.21
C VAL B 71 14.43 -36.16 -7.39
N GLY B 72 13.58 -35.43 -6.65
CA GLY B 72 12.14 -35.54 -6.82
C GLY B 72 11.55 -36.69 -6.01
N GLY B 73 12.38 -37.20 -5.09
CA GLY B 73 12.12 -38.40 -4.29
C GLY B 73 11.12 -38.20 -3.16
N LYS B 74 10.75 -39.29 -2.48
CA LYS B 74 9.80 -39.26 -1.39
C LYS B 74 10.19 -40.35 -0.41
N LEU B 75 10.20 -40.01 0.89
CA LEU B 75 10.40 -40.99 1.96
C LEU B 75 9.23 -40.91 2.94
N SER B 76 8.61 -42.07 3.20
CA SER B 76 7.42 -42.18 4.04
C SER B 76 7.59 -43.33 5.01
N VAL B 77 6.91 -43.22 6.16
CA VAL B 77 7.02 -44.22 7.21
C VAL B 77 5.61 -44.49 7.66
N THR B 78 5.19 -45.76 7.51
CA THR B 78 3.84 -46.16 7.88
C THR B 78 3.83 -47.21 8.96
N SER B 79 2.83 -47.10 9.85
CA SER B 79 2.74 -47.91 11.04
C SER B 79 1.32 -48.47 11.16
N THR B 80 1.27 -49.76 11.47
CA THR B 80 0.06 -50.39 11.98
C THR B 80 0.34 -50.74 13.43
N ARG B 81 -0.58 -51.50 14.03
CA ARG B 81 -0.26 -52.05 15.33
C ARG B 81 0.96 -53.00 15.29
N GLU B 82 1.21 -53.69 14.16
CA GLU B 82 2.19 -54.77 14.18
C GLU B 82 3.46 -54.42 13.40
N ASN B 83 3.37 -53.59 12.37
CA ASN B 83 4.61 -53.30 11.67
C ASN B 83 4.79 -51.79 11.48
N MET B 84 5.99 -51.47 11.01
CA MET B 84 6.36 -50.17 10.47
C MET B 84 6.92 -50.37 9.06
N ALA B 85 6.66 -49.40 8.16
CA ALA B 85 7.04 -49.50 6.76
C ALA B 85 7.74 -48.21 6.29
N TYR B 86 9.04 -48.33 6.02
CA TYR B 86 9.84 -47.24 5.45
C TYR B 86 9.92 -47.41 3.94
N THR B 87 9.37 -46.44 3.17
CA THR B 87 9.23 -46.55 1.72
C THR B 87 9.89 -45.36 1.02
N VAL B 88 10.64 -45.65 -0.04
CA VAL B 88 11.28 -44.63 -0.85
C VAL B 88 10.74 -44.78 -2.27
N GLU B 89 10.47 -43.67 -2.95
CA GLU B 89 10.11 -43.67 -4.36
C GLU B 89 11.09 -42.72 -5.05
N CYS B 90 11.35 -42.93 -6.35
CA CYS B 90 12.19 -42.02 -7.11
C CYS B 90 12.27 -42.46 -8.56
N LEU B 91 12.74 -41.56 -9.44
CA LEU B 91 13.02 -42.03 -10.79
C LEU B 91 14.02 -43.17 -10.67
N ARG B 92 14.01 -44.12 -11.61
CA ARG B 92 14.68 -45.40 -11.38
C ARG B 92 16.19 -45.23 -11.28
N ASP B 93 16.69 -44.12 -11.83
CA ASP B 93 18.11 -43.90 -11.94
C ASP B 93 18.71 -43.45 -10.60
N ASP B 94 17.86 -43.18 -9.61
CA ASP B 94 18.30 -42.62 -8.36
C ASP B 94 17.99 -43.55 -7.18
N VAL B 95 17.73 -44.84 -7.46
CA VAL B 95 17.36 -45.78 -6.39
C VAL B 95 18.48 -45.91 -5.38
N ASP B 96 19.72 -45.80 -5.85
CA ASP B 96 20.84 -46.06 -4.95
C ASP B 96 21.14 -44.84 -4.09
N ILE B 97 20.59 -43.66 -4.43
CA ILE B 97 20.68 -42.50 -3.55
C ILE B 97 19.64 -42.60 -2.44
N LEU B 98 18.40 -42.89 -2.84
CA LEU B 98 17.30 -43.16 -1.91
C LEU B 98 17.59 -44.39 -1.05
N MET B 99 18.35 -45.35 -1.60
CA MET B 99 18.62 -46.59 -0.88
C MET B 99 19.64 -46.27 0.19
N GLU B 100 20.58 -45.39 -0.16
CA GLU B 100 21.55 -44.92 0.81
C GLU B 100 20.79 -44.27 1.99
N PHE B 101 19.79 -43.47 1.63
CA PHE B 101 19.02 -42.78 2.64
C PHE B 101 18.24 -43.79 3.47
N LEU B 102 17.56 -44.73 2.80
CA LEU B 102 16.73 -45.70 3.50
C LEU B 102 17.55 -46.46 4.56
N LEU B 103 18.81 -46.80 4.21
CA LEU B 103 19.67 -47.60 5.08
C LEU B 103 20.07 -46.81 6.31
N ASN B 104 20.53 -45.58 6.04
CA ASN B 104 20.90 -44.63 7.08
C ASN B 104 19.76 -44.44 8.10
N VAL B 105 18.54 -44.22 7.60
CA VAL B 105 17.40 -43.90 8.46
C VAL B 105 17.11 -45.06 9.39
N THR B 106 17.17 -46.28 8.86
CA THR B 106 16.65 -47.44 9.55
C THR B 106 17.75 -48.22 10.28
N THR B 107 18.97 -48.19 9.74
CA THR B 107 19.98 -48.97 10.41
C THR B 107 20.89 -48.10 11.26
N ALA B 108 20.94 -46.78 11.02
CA ALA B 108 21.89 -45.99 11.82
C ALA B 108 21.42 -44.57 12.17
N PRO B 109 20.24 -44.39 12.81
CA PRO B 109 19.80 -43.07 13.26
C PRO B 109 20.59 -42.70 14.52
N GLU B 110 20.92 -41.42 14.65
CA GLU B 110 21.70 -40.97 15.80
C GLU B 110 20.80 -40.51 16.94
N PHE B 111 19.59 -40.01 16.60
CA PHE B 111 18.63 -39.56 17.61
C PHE B 111 19.28 -38.59 18.61
N ARG B 112 19.84 -37.48 18.11
CA ARG B 112 20.57 -36.54 18.95
C ARG B 112 19.59 -35.87 19.89
N ARG B 113 20.07 -35.54 21.10
CA ARG B 113 19.21 -35.05 22.19
C ARG B 113 18.45 -33.80 21.74
N TRP B 114 19.15 -32.88 21.05
CA TRP B 114 18.55 -31.60 20.69
C TRP B 114 17.52 -31.76 19.59
N GLU B 115 17.83 -32.63 18.62
CA GLU B 115 16.91 -32.91 17.53
C GLU B 115 15.66 -33.60 18.08
N VAL B 116 15.87 -34.50 19.05
CA VAL B 116 14.80 -35.37 19.49
C VAL B 116 13.87 -34.57 20.37
N ALA B 117 14.48 -33.70 21.18
CA ALA B 117 13.77 -32.74 22.01
C ALA B 117 12.92 -31.82 21.14
N ALA B 118 13.57 -31.34 20.07
CA ALA B 118 12.97 -30.33 19.21
C ALA B 118 11.70 -30.88 18.59
N LEU B 119 11.66 -32.21 18.44
CA LEU B 119 10.67 -32.79 17.56
C LEU B 119 9.43 -33.16 18.38
N GLN B 120 9.56 -33.16 19.73
CA GLN B 120 8.48 -33.60 20.62
C GLN B 120 7.13 -32.97 20.26
N PRO B 121 7.05 -31.63 20.07
CA PRO B 121 5.77 -30.99 19.80
C PRO B 121 5.07 -31.59 18.58
N GLN B 122 5.85 -32.24 17.70
CA GLN B 122 5.25 -32.77 16.49
C GLN B 122 4.26 -33.87 16.87
N LEU B 123 4.50 -34.46 18.05
CA LEU B 123 3.65 -35.53 18.56
C LEU B 123 2.26 -34.96 18.78
N ARG B 124 2.19 -33.73 19.31
CA ARG B 124 0.92 -33.09 19.65
C ARG B 124 0.18 -32.72 18.37
N ILE B 125 0.93 -32.11 17.42
CA ILE B 125 0.41 -31.70 16.12
C ILE B 125 -0.09 -32.93 15.39
N ASP B 126 0.80 -33.94 15.32
CA ASP B 126 0.49 -35.11 14.52
C ASP B 126 -0.80 -35.70 15.08
N LYS B 127 -0.81 -35.91 16.41
CA LYS B 127 -1.90 -36.61 17.03
C LYS B 127 -3.17 -35.79 16.87
N ALA B 128 -2.99 -34.49 17.14
CA ALA B 128 -4.09 -33.55 17.09
C ALA B 128 -4.82 -33.66 15.75
N VAL B 129 -4.05 -33.60 14.65
CA VAL B 129 -4.62 -33.61 13.30
C VAL B 129 -5.41 -34.91 13.18
N ALA B 130 -4.71 -36.02 13.46
CA ALA B 130 -5.20 -37.38 13.30
C ALA B 130 -6.55 -37.59 13.99
N LEU B 131 -6.64 -37.12 15.25
CA LEU B 131 -7.84 -37.26 16.06
C LEU B 131 -8.96 -36.32 15.62
N GLN B 132 -8.74 -35.55 14.57
CA GLN B 132 -9.86 -34.82 13.99
C GLN B 132 -10.81 -35.80 13.33
N ASN B 133 -10.34 -36.94 12.79
CA ASN B 133 -11.26 -37.96 12.24
C ASN B 133 -11.83 -38.74 13.41
N PRO B 134 -13.16 -38.74 13.61
CA PRO B 134 -13.77 -39.38 14.77
C PRO B 134 -13.57 -40.91 14.73
N GLN B 135 -13.36 -41.44 13.52
CA GLN B 135 -13.15 -42.86 13.36
C GLN B 135 -11.87 -43.26 14.10
N ALA B 136 -10.93 -42.32 14.21
CA ALA B 136 -9.64 -42.57 14.85
C ALA B 136 -9.78 -42.68 16.37
N HIS B 137 -10.65 -41.83 16.96
CA HIS B 137 -11.00 -41.96 18.36
C HIS B 137 -11.47 -43.39 18.63
N VAL B 138 -12.51 -43.82 17.89
CA VAL B 138 -13.29 -45.01 18.20
C VAL B 138 -12.46 -46.28 18.00
N ILE B 139 -11.65 -46.29 16.93
CA ILE B 139 -10.85 -47.46 16.65
C ILE B 139 -9.74 -47.58 17.67
N GLU B 140 -9.15 -46.44 18.05
CA GLU B 140 -8.08 -46.48 19.03
C GLU B 140 -8.65 -46.94 20.37
N ASN B 141 -9.85 -46.45 20.69
CA ASN B 141 -10.55 -46.81 21.91
C ASN B 141 -10.89 -48.29 21.89
N LEU B 142 -11.46 -48.73 20.75
CA LEU B 142 -11.96 -50.09 20.59
C LEU B 142 -10.85 -51.07 21.01
N HIS B 143 -9.65 -50.89 20.43
CA HIS B 143 -8.51 -51.74 20.68
C HIS B 143 -8.14 -51.71 22.15
N ALA B 144 -8.07 -50.50 22.72
CA ALA B 144 -7.83 -50.33 24.14
C ALA B 144 -8.84 -51.13 24.97
N ALA B 145 -10.13 -51.10 24.57
CA ALA B 145 -11.21 -51.77 25.30
C ALA B 145 -11.09 -53.29 25.18
N ALA B 146 -10.77 -53.76 23.97
CA ALA B 146 -10.78 -55.18 23.65
C ALA B 146 -9.52 -55.91 24.12
N TYR B 147 -8.40 -55.22 24.33
CA TYR B 147 -7.17 -55.94 24.65
C TYR B 147 -6.58 -55.45 25.97
N ARG B 148 -5.89 -56.35 26.68
CA ARG B 148 -5.22 -56.05 27.93
C ARG B 148 -3.78 -55.61 27.64
N ASN B 149 -3.30 -55.84 26.41
CA ASN B 149 -1.89 -55.65 26.11
C ASN B 149 -1.63 -55.63 24.59
N ALA B 150 -0.56 -54.94 24.17
CA ALA B 150 0.04 -55.00 22.84
C ALA B 150 -0.84 -54.40 21.74
N LEU B 151 -2.04 -54.96 21.57
CA LEU B 151 -2.81 -54.60 20.40
C LEU B 151 -3.76 -53.51 20.83
N ALA B 152 -3.77 -53.32 22.17
CA ALA B 152 -4.47 -52.25 22.85
C ALA B 152 -3.78 -50.91 22.61
N ASN B 153 -2.45 -50.97 22.44
CA ASN B 153 -1.61 -49.81 22.22
C ASN B 153 -2.14 -48.92 21.09
N SER B 154 -2.40 -47.65 21.42
CA SER B 154 -2.69 -46.60 20.46
C SER B 154 -1.48 -46.38 19.57
N LEU B 155 -1.74 -45.94 18.33
CA LEU B 155 -0.65 -45.70 17.38
C LEU B 155 -0.06 -44.33 17.64
N TYR B 156 -0.92 -43.46 18.18
CA TYR B 156 -0.59 -42.10 18.55
C TYR B 156 -0.28 -42.05 20.05
N CYS B 157 0.89 -41.46 20.34
CA CYS B 157 1.53 -41.35 21.64
C CYS B 157 0.58 -40.68 22.62
N PRO B 158 0.37 -41.30 23.80
CA PRO B 158 -0.55 -40.78 24.82
C PRO B 158 -0.10 -39.45 25.40
N ASP B 159 -1.08 -38.58 25.73
CA ASP B 159 -0.81 -37.18 26.00
C ASP B 159 0.30 -37.03 27.05
N TYR B 160 0.14 -37.75 28.16
CA TYR B 160 1.12 -37.72 29.22
C TYR B 160 2.53 -37.96 28.70
N ARG B 161 2.70 -38.69 27.59
CA ARG B 161 4.04 -39.11 27.19
C ARG B 161 4.68 -38.09 26.24
N ILE B 162 3.87 -37.15 25.73
CA ILE B 162 4.37 -36.14 24.80
C ILE B 162 5.35 -35.20 25.50
N GLY B 163 6.53 -35.04 24.93
CA GLY B 163 7.58 -34.29 25.58
C GLY B 163 8.46 -35.21 26.42
N LYS B 164 8.14 -36.51 26.42
CA LYS B 164 8.78 -37.34 27.42
C LYS B 164 9.41 -38.59 26.80
N VAL B 165 9.23 -38.79 25.48
CA VAL B 165 9.90 -39.87 24.78
C VAL B 165 11.38 -39.51 24.66
N THR B 166 12.26 -40.35 25.25
CA THR B 166 13.68 -40.03 25.41
C THR B 166 14.49 -40.50 24.20
N PRO B 167 15.67 -39.89 23.89
CA PRO B 167 16.60 -40.46 22.91
C PRO B 167 16.79 -41.96 23.14
N VAL B 168 17.03 -42.34 24.41
CA VAL B 168 17.36 -43.72 24.75
C VAL B 168 16.25 -44.67 24.34
N GLU B 169 14.99 -44.24 24.49
CA GLU B 169 13.86 -45.10 24.15
C GLU B 169 13.82 -45.34 22.65
N LEU B 170 14.17 -44.29 21.92
CA LEU B 170 14.18 -44.35 20.47
C LEU B 170 15.28 -45.32 20.04
N HIS B 171 16.49 -45.17 20.61
CA HIS B 171 17.59 -46.08 20.36
C HIS B 171 17.20 -47.52 20.68
N ASP B 172 16.75 -47.74 21.93
CA ASP B 172 16.34 -49.06 22.41
C ASP B 172 15.35 -49.66 21.42
N TYR B 173 14.34 -48.87 21.03
CA TYR B 173 13.26 -49.39 20.20
C TYR B 173 13.81 -49.87 18.85
N VAL B 174 14.77 -49.13 18.28
CA VAL B 174 15.26 -49.44 16.96
C VAL B 174 16.18 -50.65 17.07
N GLN B 175 17.06 -50.58 18.05
CA GLN B 175 18.07 -51.60 18.30
C GLN B 175 17.43 -52.96 18.53
N ASN B 176 16.24 -52.99 19.15
CA ASN B 176 15.61 -54.22 19.60
C ASN B 176 14.52 -54.68 18.63
N HIS B 177 14.16 -53.85 17.65
CA HIS B 177 13.04 -54.23 16.79
C HIS B 177 13.43 -54.17 15.32
N PHE B 178 14.40 -53.32 15.02
CA PHE B 178 14.88 -53.18 13.65
C PHE B 178 16.02 -54.18 13.50
N THR B 179 15.69 -55.44 13.17
CA THR B 179 16.68 -56.50 13.06
C THR B 179 16.39 -57.39 11.86
N SER B 180 17.43 -58.12 11.41
CA SER B 180 17.35 -58.88 10.18
C SER B 180 16.24 -59.89 10.31
N ALA B 181 16.12 -60.48 11.49
CA ALA B 181 15.14 -61.49 11.79
C ALA B 181 13.72 -60.92 11.71
N ARG B 182 13.58 -59.58 11.60
CA ARG B 182 12.29 -58.92 11.76
C ARG B 182 11.92 -58.10 10.52
N MET B 183 12.77 -58.15 9.49
CA MET B 183 12.68 -57.21 8.40
C MET B 183 12.52 -57.90 7.04
N ALA B 184 11.64 -57.33 6.22
CA ALA B 184 11.54 -57.74 4.82
C ALA B 184 11.75 -56.53 3.92
N LEU B 185 12.67 -56.67 2.97
CA LEU B 185 13.04 -55.63 2.02
C LEU B 185 12.44 -55.95 0.64
N ILE B 186 11.43 -55.17 0.24
CA ILE B 186 10.62 -55.36 -0.95
C ILE B 186 10.99 -54.30 -2.01
N GLY B 187 10.79 -54.60 -3.30
CA GLY B 187 11.18 -53.71 -4.39
C GLY B 187 10.39 -53.88 -5.70
N LEU B 188 10.08 -52.76 -6.39
CA LEU B 188 9.75 -52.66 -7.82
C LEU B 188 10.85 -51.87 -8.54
N GLY B 189 11.08 -52.16 -9.82
CA GLY B 189 12.02 -51.42 -10.65
C GLY B 189 13.46 -51.55 -10.17
N VAL B 190 13.78 -52.74 -9.64
CA VAL B 190 15.14 -52.99 -9.21
C VAL B 190 15.44 -54.49 -9.34
N SER B 191 16.67 -54.80 -9.79
CA SER B 191 17.17 -56.16 -9.97
C SER B 191 17.32 -56.82 -8.60
N HIS B 192 16.84 -58.07 -8.48
CA HIS B 192 16.92 -58.84 -7.24
C HIS B 192 18.37 -59.07 -6.81
N PRO B 193 19.27 -59.44 -7.74
CA PRO B 193 20.69 -59.57 -7.41
C PRO B 193 21.22 -58.46 -6.51
N VAL B 194 20.97 -57.20 -6.89
CA VAL B 194 21.60 -56.10 -6.17
C VAL B 194 20.79 -55.69 -4.93
N LEU B 195 19.48 -56.02 -4.85
CA LEU B 195 18.76 -55.89 -3.59
C LEU B 195 19.31 -56.86 -2.55
N LYS B 196 19.42 -58.14 -2.94
CA LYS B 196 20.01 -59.18 -2.09
C LYS B 196 21.35 -58.70 -1.54
N GLN B 197 22.19 -58.14 -2.42
CA GLN B 197 23.56 -57.78 -2.12
C GLN B 197 23.59 -56.59 -1.17
N VAL B 198 22.58 -55.73 -1.30
CA VAL B 198 22.44 -54.59 -0.42
C VAL B 198 22.04 -55.13 0.96
N ALA B 199 21.10 -56.09 0.96
CA ALA B 199 20.52 -56.61 2.17
C ALA B 199 21.56 -57.40 2.97
N GLU B 200 22.52 -57.98 2.25
CA GLU B 200 23.54 -58.79 2.87
C GLU B 200 24.56 -57.87 3.54
N GLN B 201 24.86 -56.75 2.86
CA GLN B 201 26.00 -55.93 3.24
C GLN B 201 25.59 -54.84 4.22
N PHE B 202 24.29 -54.49 4.25
CA PHE B 202 23.87 -53.28 4.92
C PHE B 202 22.70 -53.52 5.86
N LEU B 203 22.09 -54.70 5.75
CA LEU B 203 20.89 -54.98 6.52
C LEU B 203 21.11 -56.28 7.28
N ASN B 204 22.37 -56.60 7.48
CA ASN B 204 22.72 -57.70 8.34
C ASN B 204 22.98 -57.11 9.73
N ILE B 205 21.96 -57.23 10.59
CA ILE B 205 21.98 -56.65 11.93
C ILE B 205 21.36 -57.66 12.91
N ARG B 206 22.04 -57.89 14.04
CA ARG B 206 21.75 -58.99 14.96
C ARG B 206 20.44 -58.76 15.72
N GLY B 207 19.71 -59.86 16.01
CA GLY B 207 18.28 -59.82 16.30
C GLY B 207 17.94 -59.32 17.71
N GLY B 208 16.64 -59.40 18.03
CA GLY B 208 16.16 -59.06 19.37
C GLY B 208 14.66 -59.11 19.44
N ALA B 214 5.07 -60.69 23.77
CA ALA B 214 3.99 -61.43 24.47
C ALA B 214 2.81 -61.61 23.54
N LYS B 215 1.97 -62.60 23.84
CA LYS B 215 0.74 -62.79 23.09
C LYS B 215 -0.27 -61.75 23.54
N ALA B 216 -1.04 -61.24 22.56
CA ALA B 216 -2.08 -60.27 22.81
C ALA B 216 -3.27 -60.97 23.47
N LYS B 217 -3.53 -60.65 24.72
CA LYS B 217 -4.63 -61.25 25.44
C LYS B 217 -5.88 -60.41 25.18
N TYR B 218 -6.87 -60.99 24.51
CA TYR B 218 -8.14 -60.30 24.36
C TYR B 218 -8.84 -60.25 25.70
N HIS B 219 -9.56 -59.17 25.96
CA HIS B 219 -10.10 -58.88 27.26
C HIS B 219 -11.61 -58.77 27.15
N GLY B 220 -12.06 -57.84 26.31
CA GLY B 220 -13.45 -57.42 26.25
C GLY B 220 -13.78 -56.40 27.33
N GLY B 221 -13.99 -55.16 26.91
CA GLY B 221 -14.45 -54.05 27.74
C GLY B 221 -15.31 -53.09 26.92
N GLU B 222 -15.58 -51.89 27.48
CA GLU B 222 -16.11 -50.79 26.67
C GLU B 222 -15.49 -49.49 27.14
N ILE B 223 -15.45 -48.52 26.23
CA ILE B 223 -14.93 -47.18 26.46
C ILE B 223 -15.81 -46.14 25.75
N ARG B 224 -16.22 -45.06 26.44
CA ARG B 224 -17.25 -44.18 25.92
C ARG B 224 -16.85 -42.71 26.07
N GLU B 225 -16.47 -42.06 24.97
CA GLU B 225 -16.14 -40.64 25.03
C GLU B 225 -17.44 -39.83 24.98
N GLN B 226 -17.77 -39.19 26.09
CA GLN B 226 -18.89 -38.26 26.08
C GLN B 226 -18.40 -36.90 25.52
N ASN B 227 -19.02 -36.38 24.44
CA ASN B 227 -18.48 -35.15 23.85
C ASN B 227 -19.56 -34.25 23.25
N GLY B 228 -20.83 -34.70 23.18
CA GLY B 228 -21.90 -33.83 22.71
C GLY B 228 -21.99 -33.50 21.19
N ASP B 229 -21.29 -34.19 20.27
CA ASP B 229 -21.65 -34.06 18.85
C ASP B 229 -23.05 -34.63 18.64
N SER B 230 -23.69 -34.22 17.55
CA SER B 230 -25.02 -34.74 17.38
C SER B 230 -24.97 -36.02 16.56
N LEU B 231 -23.74 -36.42 16.15
CA LEU B 231 -23.59 -37.78 15.65
C LEU B 231 -22.87 -38.66 16.67
N VAL B 232 -23.32 -39.92 16.76
CA VAL B 232 -22.61 -40.88 17.59
C VAL B 232 -21.97 -41.96 16.72
N HIS B 233 -20.63 -41.95 16.70
CA HIS B 233 -19.81 -43.06 16.24
C HIS B 233 -19.75 -44.12 17.33
N ALA B 234 -19.90 -45.39 16.92
CA ALA B 234 -19.95 -46.55 17.79
C ALA B 234 -19.46 -47.78 17.02
N ALA B 235 -18.65 -48.62 17.68
CA ALA B 235 -18.19 -49.87 17.08
C ALA B 235 -18.33 -51.02 18.08
N LEU B 236 -18.99 -52.10 17.67
CA LEU B 236 -19.13 -53.30 18.50
C LEU B 236 -18.46 -54.51 17.83
N VAL B 237 -17.58 -55.18 18.58
CA VAL B 237 -16.80 -56.27 18.04
C VAL B 237 -16.66 -57.40 19.06
N ALA B 238 -16.42 -58.60 18.52
CA ALA B 238 -16.04 -59.77 19.29
C ALA B 238 -14.70 -60.27 18.74
N GLU B 239 -14.06 -61.17 19.48
CA GLU B 239 -12.79 -61.72 19.02
C GLU B 239 -13.03 -62.49 17.71
N SER B 240 -12.26 -62.13 16.69
CA SER B 240 -12.25 -62.77 15.39
C SER B 240 -11.00 -63.65 15.30
N ALA B 241 -10.85 -64.35 14.18
CA ALA B 241 -9.71 -65.22 13.93
C ALA B 241 -8.46 -64.47 13.43
N ALA B 242 -7.29 -65.10 13.68
CA ALA B 242 -5.99 -64.51 13.39
C ALA B 242 -5.69 -64.58 11.89
N ILE B 243 -4.90 -63.61 11.39
CA ILE B 243 -4.53 -63.59 9.98
C ILE B 243 -3.54 -64.71 9.71
N GLY B 244 -3.79 -65.41 8.60
CA GLY B 244 -3.01 -66.59 8.33
C GLY B 244 -3.84 -67.85 8.55
N SER B 245 -4.88 -67.77 9.39
CA SER B 245 -5.71 -68.94 9.61
C SER B 245 -6.79 -69.01 8.54
N ALA B 246 -7.31 -70.22 8.31
CA ALA B 246 -8.33 -70.42 7.30
C ALA B 246 -9.63 -69.73 7.74
N GLU B 247 -9.87 -69.73 9.07
CA GLU B 247 -11.14 -69.22 9.58
C GLU B 247 -11.28 -67.75 9.19
N ALA B 248 -10.13 -67.04 9.07
CA ALA B 248 -10.05 -65.61 8.83
C ALA B 248 -10.72 -65.23 7.51
N ASN B 249 -10.58 -66.11 6.51
CA ASN B 249 -11.22 -65.98 5.22
C ASN B 249 -12.74 -65.99 5.39
N ALA B 250 -13.21 -66.78 6.37
CA ALA B 250 -14.63 -66.85 6.69
C ALA B 250 -15.17 -65.49 7.11
N PHE B 251 -14.35 -64.80 7.91
CA PHE B 251 -14.69 -63.50 8.47
C PHE B 251 -14.74 -62.45 7.39
N SER B 252 -13.67 -62.40 6.56
CA SER B 252 -13.64 -61.52 5.40
C SER B 252 -14.91 -61.64 4.55
N VAL B 253 -15.40 -62.87 4.37
CA VAL B 253 -16.60 -63.12 3.57
C VAL B 253 -17.83 -62.63 4.33
N LEU B 254 -17.85 -62.90 5.64
CA LEU B 254 -19.00 -62.50 6.43
C LEU B 254 -19.12 -60.98 6.41
N GLN B 255 -17.94 -60.34 6.38
CA GLN B 255 -17.89 -58.89 6.37
C GLN B 255 -18.59 -58.37 5.12
N HIS B 256 -18.31 -59.02 3.97
CA HIS B 256 -18.78 -58.56 2.68
C HIS B 256 -20.21 -59.00 2.42
N VAL B 257 -20.69 -60.00 3.15
CA VAL B 257 -22.08 -60.37 3.09
C VAL B 257 -22.90 -59.25 3.71
N LEU B 258 -22.45 -58.84 4.90
CA LEU B 258 -23.16 -57.93 5.77
C LEU B 258 -23.09 -56.54 5.16
N GLY B 259 -21.91 -56.21 4.60
CA GLY B 259 -21.70 -54.93 3.93
C GLY B 259 -20.53 -54.14 4.51
N ALA B 260 -19.56 -53.84 3.66
CA ALA B 260 -18.34 -53.22 4.18
C ALA B 260 -17.90 -52.14 3.22
N GLY B 261 -18.76 -51.14 3.00
CA GLY B 261 -18.31 -49.99 2.26
C GLY B 261 -19.12 -49.76 1.00
N PRO B 262 -19.14 -48.51 0.48
CA PRO B 262 -20.04 -48.14 -0.61
C PRO B 262 -19.42 -48.54 -1.95
N HIS B 263 -20.26 -48.96 -2.91
CA HIS B 263 -19.77 -49.37 -4.20
C HIS B 263 -20.14 -48.30 -5.24
N VAL B 264 -21.36 -47.77 -5.12
CA VAL B 264 -21.88 -46.74 -5.99
C VAL B 264 -21.93 -45.43 -5.20
N LYS B 265 -21.51 -44.33 -5.85
CA LYS B 265 -21.49 -43.00 -5.26
C LYS B 265 -22.92 -42.53 -5.03
N ARG B 266 -23.15 -41.97 -3.85
CA ARG B 266 -24.44 -41.42 -3.47
C ARG B 266 -25.50 -42.53 -3.55
N GLY B 267 -25.01 -43.77 -3.53
CA GLY B 267 -25.86 -44.94 -3.72
C GLY B 267 -26.65 -45.29 -2.48
N SER B 268 -27.56 -46.27 -2.60
CA SER B 268 -28.31 -46.70 -1.42
C SER B 268 -27.76 -48.01 -0.86
N ASN B 269 -26.74 -48.58 -1.48
CA ASN B 269 -26.19 -49.89 -1.03
C ASN B 269 -27.27 -50.96 -0.95
N ALA B 270 -27.96 -51.25 -2.06
CA ALA B 270 -29.09 -52.17 -2.02
C ALA B 270 -28.75 -53.64 -1.78
N THR B 271 -27.46 -54.00 -1.89
CA THR B 271 -27.03 -55.36 -1.61
C THR B 271 -26.41 -55.49 -0.23
N SER B 272 -26.08 -54.38 0.44
CA SER B 272 -25.53 -54.41 1.80
C SER B 272 -26.60 -54.78 2.82
N SER B 273 -26.42 -55.98 3.42
CA SER B 273 -27.34 -56.63 4.33
C SER B 273 -27.60 -55.77 5.56
N LEU B 274 -26.52 -55.21 6.13
CA LEU B 274 -26.58 -54.37 7.33
C LEU B 274 -27.25 -53.05 7.03
N TYR B 275 -26.82 -52.41 5.94
CA TYR B 275 -27.28 -51.07 5.62
C TYR B 275 -28.80 -51.06 5.55
N GLN B 276 -29.33 -52.16 5.01
CA GLN B 276 -30.75 -52.27 4.71
C GLN B 276 -31.48 -52.60 6.00
N ALA B 277 -30.84 -53.44 6.81
CA ALA B 277 -31.36 -53.82 8.12
C ALA B 277 -31.59 -52.56 8.94
N VAL B 278 -30.63 -51.62 8.87
CA VAL B 278 -30.67 -50.39 9.67
C VAL B 278 -31.58 -49.35 9.03
N ALA B 279 -31.64 -49.32 7.69
CA ALA B 279 -32.36 -48.29 6.96
C ALA B 279 -33.88 -48.49 7.09
N LYS B 280 -34.27 -49.70 7.49
CA LYS B 280 -35.67 -50.03 7.68
C LYS B 280 -36.18 -49.44 8.98
N GLY B 281 -35.34 -49.47 10.03
CA GLY B 281 -35.67 -48.95 11.34
C GLY B 281 -35.71 -47.42 11.40
N VAL B 282 -34.70 -46.75 10.83
CA VAL B 282 -34.47 -45.35 11.11
C VAL B 282 -34.00 -44.62 9.85
N HIS B 283 -34.58 -43.42 9.64
CA HIS B 283 -34.58 -42.82 8.31
C HIS B 283 -33.58 -41.68 8.15
N GLN B 284 -33.24 -40.97 9.23
CA GLN B 284 -32.42 -39.75 9.17
C GLN B 284 -30.97 -40.10 8.83
N PRO B 285 -30.03 -39.13 8.65
CA PRO B 285 -28.64 -39.44 8.26
C PRO B 285 -28.03 -40.56 9.11
N PHE B 286 -27.46 -41.59 8.46
CA PHE B 286 -26.75 -42.65 9.18
C PHE B 286 -25.83 -43.42 8.21
N ASP B 287 -25.00 -44.30 8.79
CA ASP B 287 -24.14 -45.20 8.05
C ASP B 287 -23.70 -46.34 8.98
N VAL B 288 -23.52 -47.52 8.37
CA VAL B 288 -23.09 -48.72 9.08
C VAL B 288 -22.22 -49.56 8.15
N SER B 289 -21.20 -50.20 8.73
CA SER B 289 -20.37 -51.14 8.01
C SER B 289 -19.97 -52.27 8.96
N ALA B 290 -19.82 -53.48 8.42
CA ALA B 290 -19.10 -54.51 9.13
C ALA B 290 -17.65 -54.07 9.36
N PHE B 291 -17.16 -54.29 10.57
CA PHE B 291 -15.79 -53.95 10.85
C PHE B 291 -14.99 -55.25 10.98
N ASN B 292 -13.90 -55.35 10.21
CA ASN B 292 -13.08 -56.56 10.26
C ASN B 292 -11.59 -56.22 10.30
N ALA B 293 -10.96 -56.47 11.47
CA ALA B 293 -9.51 -56.44 11.66
C ALA B 293 -9.01 -57.86 11.87
N SER B 294 -7.75 -58.08 11.50
CA SER B 294 -7.15 -59.40 11.70
C SER B 294 -5.64 -59.28 11.83
N TYR B 295 -5.09 -59.79 12.93
CA TYR B 295 -3.68 -59.64 13.26
C TYR B 295 -3.02 -61.01 13.37
N SER B 296 -1.74 -61.04 13.75
CA SER B 296 -1.03 -62.30 13.91
C SER B 296 -1.57 -63.14 15.08
N ASP B 297 -1.84 -62.52 16.24
CA ASP B 297 -2.33 -63.19 17.44
C ASP B 297 -3.86 -63.25 17.43
N SER B 298 -4.49 -62.29 16.76
CA SER B 298 -5.89 -62.07 17.09
C SER B 298 -6.60 -61.35 15.96
N GLY B 299 -7.88 -61.05 16.16
CA GLY B 299 -8.67 -60.28 15.22
C GLY B 299 -9.90 -59.72 15.92
N LEU B 300 -10.45 -58.66 15.35
CA LEU B 300 -11.73 -58.18 15.85
C LEU B 300 -12.68 -58.17 14.67
N PHE B 301 -13.88 -58.69 14.89
CA PHE B 301 -14.90 -58.58 13.86
C PHE B 301 -16.18 -58.05 14.48
N GLY B 302 -16.80 -57.10 13.79
CA GLY B 302 -18.08 -56.57 14.25
C GLY B 302 -18.65 -55.56 13.28
N PHE B 303 -19.15 -54.45 13.83
CA PHE B 303 -19.64 -53.42 12.94
C PHE B 303 -19.45 -52.06 13.60
N TYR B 304 -19.40 -51.03 12.75
CA TYR B 304 -19.28 -49.63 13.14
C TYR B 304 -20.55 -48.90 12.70
N THR B 305 -21.25 -48.26 13.64
CA THR B 305 -22.38 -47.44 13.27
C THR B 305 -21.98 -45.97 13.38
N ILE B 306 -22.65 -45.15 12.56
CA ILE B 306 -22.71 -43.70 12.72
C ILE B 306 -24.20 -43.35 12.66
N SER B 307 -24.71 -42.82 13.77
CA SER B 307 -26.14 -42.56 13.93
C SER B 307 -26.35 -41.21 14.59
N GLN B 308 -27.57 -40.69 14.43
CA GLN B 308 -28.00 -39.53 15.19
C GLN B 308 -27.97 -39.94 16.68
N ALA B 309 -27.57 -39.01 17.56
CA ALA B 309 -27.38 -39.24 18.98
C ALA B 309 -28.55 -40.00 19.58
N ALA B 310 -29.78 -39.57 19.24
CA ALA B 310 -30.99 -40.06 19.89
C ALA B 310 -31.40 -41.44 19.36
N SER B 311 -30.90 -41.83 18.17
CA SER B 311 -31.23 -43.08 17.50
C SER B 311 -30.11 -44.11 17.58
N ALA B 312 -29.08 -43.83 18.38
CA ALA B 312 -27.92 -44.71 18.42
C ALA B 312 -28.30 -46.08 18.93
N GLY B 313 -29.22 -46.08 19.92
CA GLY B 313 -29.77 -47.29 20.48
C GLY B 313 -30.33 -48.18 19.37
N ASP B 314 -31.25 -47.62 18.59
CA ASP B 314 -32.01 -48.34 17.58
C ASP B 314 -31.10 -48.89 16.50
N VAL B 315 -30.11 -48.09 16.09
CA VAL B 315 -29.24 -48.42 14.99
C VAL B 315 -28.32 -49.58 15.37
N ILE B 316 -27.75 -49.57 16.58
CA ILE B 316 -26.78 -50.59 16.96
C ILE B 316 -27.48 -51.94 17.14
N LYS B 317 -28.64 -51.88 17.77
CA LYS B 317 -29.47 -53.06 17.97
C LYS B 317 -29.87 -53.64 16.62
N ALA B 318 -30.36 -52.78 15.70
CA ALA B 318 -30.76 -53.20 14.36
C ALA B 318 -29.60 -53.93 13.68
N ALA B 319 -28.40 -53.36 13.79
CA ALA B 319 -27.23 -53.90 13.13
C ALA B 319 -26.84 -55.26 13.71
N TYR B 320 -26.86 -55.35 15.04
CA TYR B 320 -26.49 -56.56 15.74
C TYR B 320 -27.46 -57.68 15.36
N ASN B 321 -28.74 -57.31 15.21
CA ASN B 321 -29.82 -58.24 14.91
C ASN B 321 -29.59 -58.87 13.54
N GLN B 322 -28.99 -58.09 12.65
CA GLN B 322 -28.80 -58.59 11.30
C GLN B 322 -27.76 -59.69 11.34
N VAL B 323 -26.83 -59.56 12.27
CA VAL B 323 -25.75 -60.52 12.37
C VAL B 323 -26.30 -61.80 12.98
N LYS B 324 -27.30 -61.63 13.84
CA LYS B 324 -27.90 -62.74 14.58
C LYS B 324 -28.63 -63.68 13.62
N THR B 325 -29.25 -63.10 12.58
CA THR B 325 -30.00 -63.93 11.64
C THR B 325 -29.04 -64.59 10.65
N ILE B 326 -27.90 -63.94 10.37
CA ILE B 326 -26.84 -64.63 9.63
C ILE B 326 -26.31 -65.80 10.48
N ALA B 327 -26.22 -65.60 11.80
CA ALA B 327 -25.68 -66.62 12.68
C ALA B 327 -26.70 -67.71 12.95
N GLN B 328 -27.99 -67.37 12.89
CA GLN B 328 -29.07 -68.34 13.01
C GLN B 328 -29.07 -69.25 11.79
N GLY B 329 -28.83 -68.69 10.62
CA GLY B 329 -28.70 -69.55 9.47
C GLY B 329 -29.16 -68.90 8.17
N ASN B 330 -29.86 -67.75 8.23
CA ASN B 330 -30.39 -67.13 7.01
C ASN B 330 -29.30 -66.57 6.12
N LEU B 331 -29.01 -67.30 5.05
CA LEU B 331 -27.91 -66.92 4.20
C LEU B 331 -27.99 -67.76 2.93
N SER B 332 -28.41 -67.13 1.82
CA SER B 332 -28.46 -67.82 0.54
C SER B 332 -27.13 -67.69 -0.21
N ASN B 333 -26.86 -68.67 -1.08
CA ASN B 333 -25.67 -68.69 -1.93
C ASN B 333 -25.54 -67.41 -2.75
N PRO B 334 -26.60 -66.91 -3.45
CA PRO B 334 -26.53 -65.61 -4.13
C PRO B 334 -25.90 -64.48 -3.32
N ASP B 335 -26.13 -64.47 -2.00
CA ASP B 335 -25.57 -63.44 -1.15
C ASP B 335 -24.09 -63.71 -0.95
N VAL B 336 -23.75 -64.99 -0.71
CA VAL B 336 -22.38 -65.34 -0.38
C VAL B 336 -21.55 -65.29 -1.65
N GLN B 337 -22.24 -65.35 -2.79
CA GLN B 337 -21.58 -65.28 -4.08
C GLN B 337 -21.24 -63.82 -4.33
N ALA B 338 -22.22 -62.95 -4.04
CA ALA B 338 -22.01 -61.50 -4.11
C ALA B 338 -20.81 -61.16 -3.23
N ALA B 339 -20.86 -61.58 -1.97
CA ALA B 339 -19.82 -61.27 -1.00
C ALA B 339 -18.43 -61.69 -1.50
N LYS B 340 -18.34 -62.90 -2.05
CA LYS B 340 -17.07 -63.43 -2.50
C LYS B 340 -16.58 -62.62 -3.70
N ASN B 341 -17.51 -62.30 -4.59
CA ASN B 341 -17.17 -61.57 -5.80
C ASN B 341 -16.63 -60.19 -5.44
N LYS B 342 -17.24 -59.58 -4.40
CA LYS B 342 -16.87 -58.25 -3.90
C LYS B 342 -15.45 -58.30 -3.38
N LEU B 343 -15.27 -59.19 -2.38
CA LEU B 343 -14.00 -59.49 -1.75
C LEU B 343 -12.91 -59.83 -2.78
N LYS B 344 -13.25 -60.67 -3.76
CA LYS B 344 -12.29 -61.09 -4.76
C LYS B 344 -11.85 -59.89 -5.59
N ALA B 345 -12.86 -59.09 -5.97
CA ALA B 345 -12.66 -57.89 -6.76
C ALA B 345 -11.85 -56.88 -5.94
N GLY B 346 -12.23 -56.71 -4.67
CA GLY B 346 -11.53 -55.83 -3.76
C GLY B 346 -10.03 -56.16 -3.65
N TYR B 347 -9.73 -57.45 -3.48
CA TYR B 347 -8.34 -57.84 -3.26
C TYR B 347 -7.50 -57.47 -4.48
N LEU B 348 -8.00 -57.83 -5.65
CA LEU B 348 -7.25 -57.65 -6.88
C LEU B 348 -7.02 -56.18 -7.13
N MET B 349 -8.05 -55.39 -6.79
CA MET B 349 -8.06 -53.96 -7.03
C MET B 349 -7.07 -53.29 -6.07
N SER B 350 -6.96 -53.87 -4.87
CA SER B 350 -6.14 -53.24 -3.85
C SER B 350 -4.66 -53.35 -4.24
N VAL B 351 -4.33 -54.35 -5.06
CA VAL B 351 -2.96 -54.61 -5.45
C VAL B 351 -2.71 -54.18 -6.91
N GLU B 352 -3.69 -53.43 -7.47
CA GLU B 352 -3.72 -52.87 -8.81
C GLU B 352 -2.62 -51.81 -9.01
N SER B 353 -2.42 -50.91 -8.03
CA SER B 353 -1.34 -49.92 -8.10
C SER B 353 -0.04 -50.60 -7.69
N SER B 354 1.08 -50.03 -8.15
CA SER B 354 2.37 -50.52 -7.73
C SER B 354 2.60 -50.13 -6.26
N GLU B 355 1.76 -49.24 -5.76
CA GLU B 355 1.80 -48.87 -4.34
C GLU B 355 1.18 -49.98 -3.47
N GLY B 356 -0.06 -50.37 -3.75
CA GLY B 356 -0.79 -51.33 -2.94
C GLY B 356 -0.15 -52.72 -3.01
N PHE B 357 0.43 -53.01 -4.18
CA PHE B 357 1.17 -54.22 -4.42
C PHE B 357 2.35 -54.33 -3.46
N LEU B 358 3.13 -53.25 -3.31
CA LEU B 358 4.33 -53.26 -2.48
C LEU B 358 3.89 -53.54 -1.05
N ASP B 359 2.69 -53.04 -0.69
CA ASP B 359 2.22 -53.18 0.66
C ASP B 359 1.83 -54.63 0.92
N GLU B 360 1.33 -55.32 -0.11
CA GLU B 360 0.91 -56.71 0.04
C GLU B 360 2.11 -57.65 0.04
N VAL B 361 3.10 -57.35 -0.77
CA VAL B 361 4.24 -58.21 -0.89
C VAL B 361 4.99 -58.22 0.44
N GLY B 362 5.26 -57.00 0.94
CA GLY B 362 6.06 -56.84 2.13
C GLY B 362 5.25 -57.27 3.35
N SER B 363 3.95 -56.98 3.27
CA SER B 363 3.00 -57.26 4.32
C SER B 363 3.00 -58.77 4.62
N GLN B 364 2.82 -59.59 3.56
CA GLN B 364 2.82 -61.04 3.63
C GLN B 364 4.18 -61.55 4.05
N ALA B 365 5.23 -60.96 3.49
CA ALA B 365 6.60 -61.36 3.77
C ALA B 365 6.88 -61.44 5.27
N LEU B 366 6.23 -60.60 6.10
CA LEU B 366 6.48 -60.62 7.54
C LEU B 366 5.59 -61.70 8.18
N ALA B 367 4.29 -61.65 7.86
CA ALA B 367 3.28 -62.38 8.62
C ALA B 367 3.21 -63.83 8.17
N ALA B 368 3.80 -64.13 7.01
CA ALA B 368 3.79 -65.48 6.47
C ALA B 368 5.13 -65.76 5.78
N GLY B 369 5.29 -66.97 5.24
CA GLY B 369 6.59 -67.43 4.79
C GLY B 369 7.04 -66.70 3.53
N SER B 370 6.12 -66.60 2.56
CA SER B 370 6.47 -66.00 1.29
C SER B 370 5.22 -65.45 0.62
N TYR B 371 5.39 -65.00 -0.63
CA TYR B 371 4.36 -64.48 -1.52
C TYR B 371 3.35 -65.54 -1.94
N THR B 372 2.09 -65.32 -1.62
CA THR B 372 0.99 -66.09 -2.19
C THR B 372 0.46 -65.34 -3.40
N PRO B 373 0.53 -65.92 -4.62
CA PRO B 373 0.03 -65.23 -5.81
C PRO B 373 -1.48 -64.96 -5.68
N PRO B 374 -1.99 -63.87 -6.32
CA PRO B 374 -3.41 -63.54 -6.32
C PRO B 374 -4.35 -64.71 -6.64
N SER B 375 -3.89 -65.58 -7.55
CA SER B 375 -4.68 -66.71 -8.06
C SER B 375 -4.99 -67.70 -6.94
N THR B 376 -3.97 -67.96 -6.10
CA THR B 376 -4.09 -68.82 -4.93
C THR B 376 -5.03 -68.21 -3.89
N VAL B 377 -5.03 -66.87 -3.80
CA VAL B 377 -5.82 -66.18 -2.79
C VAL B 377 -7.30 -66.23 -3.17
N LEU B 378 -7.62 -66.06 -4.47
CA LEU B 378 -9.01 -66.06 -4.90
C LEU B 378 -9.59 -67.45 -4.67
N GLN B 379 -8.71 -68.44 -4.81
CA GLN B 379 -9.03 -69.85 -4.68
C GLN B 379 -9.37 -70.10 -3.22
N GLN B 380 -8.65 -69.42 -2.32
CA GLN B 380 -8.85 -69.56 -0.88
C GLN B 380 -10.12 -68.87 -0.43
N ILE B 381 -10.54 -67.82 -1.14
CA ILE B 381 -11.81 -67.17 -0.86
C ILE B 381 -12.95 -68.10 -1.29
N ASP B 382 -12.78 -68.74 -2.44
CA ASP B 382 -13.74 -69.70 -2.95
C ASP B 382 -13.87 -70.86 -1.97
N ALA B 383 -12.74 -71.23 -1.34
CA ALA B 383 -12.62 -72.28 -0.33
C ALA B 383 -13.49 -72.00 0.91
N VAL B 384 -14.17 -70.86 0.98
CA VAL B 384 -15.02 -70.64 2.14
C VAL B 384 -16.41 -71.22 1.84
N ALA B 385 -16.88 -72.12 2.73
CA ALA B 385 -18.21 -72.72 2.65
C ALA B 385 -19.21 -71.82 3.35
N ASP B 386 -20.49 -71.82 2.93
CA ASP B 386 -21.59 -71.13 3.59
C ASP B 386 -21.64 -71.48 5.08
N ALA B 387 -21.20 -72.70 5.38
CA ALA B 387 -21.05 -73.23 6.71
C ALA B 387 -20.08 -72.38 7.54
N ASP B 388 -18.92 -72.04 6.97
CA ASP B 388 -17.88 -71.30 7.68
C ASP B 388 -18.32 -69.87 8.00
N VAL B 389 -19.16 -69.31 7.12
CA VAL B 389 -19.65 -67.95 7.26
C VAL B 389 -20.64 -67.90 8.42
N ILE B 390 -21.50 -68.92 8.52
CA ILE B 390 -22.47 -68.93 9.61
C ILE B 390 -21.77 -69.13 10.96
N ASN B 391 -20.64 -69.86 10.95
CA ASN B 391 -19.83 -70.04 12.15
C ASN B 391 -19.18 -68.74 12.60
N ALA B 392 -18.68 -67.97 11.63
CA ALA B 392 -18.08 -66.68 11.93
C ALA B 392 -19.10 -65.80 12.63
N ALA B 393 -20.30 -65.67 12.07
CA ALA B 393 -21.39 -64.90 12.66
C ALA B 393 -21.78 -65.49 14.02
N LYS B 394 -21.85 -66.83 14.10
CA LYS B 394 -22.22 -67.52 15.32
C LYS B 394 -21.22 -67.15 16.40
N LYS B 395 -19.93 -67.26 16.05
CA LYS B 395 -18.82 -66.93 16.95
C LYS B 395 -19.01 -65.50 17.48
N PHE B 396 -19.41 -64.58 16.59
CA PHE B 396 -19.56 -63.18 16.95
C PHE B 396 -20.70 -62.99 17.94
N VAL B 397 -21.82 -63.64 17.69
CA VAL B 397 -22.96 -63.38 18.54
C VAL B 397 -22.68 -63.92 19.94
N SER B 398 -22.00 -65.06 20.02
CA SER B 398 -21.84 -65.65 21.33
C SER B 398 -20.53 -65.19 21.99
N GLY B 399 -19.61 -64.62 21.20
CA GLY B 399 -18.34 -64.15 21.73
C GLY B 399 -18.47 -62.99 22.74
N ARG B 400 -17.49 -62.87 23.66
CA ARG B 400 -17.41 -61.78 24.63
C ARG B 400 -17.19 -60.50 23.85
N LYS B 401 -17.86 -59.43 24.27
CA LYS B 401 -17.94 -58.24 23.45
C LYS B 401 -16.92 -57.18 23.90
N SER B 402 -16.38 -56.42 22.93
CA SER B 402 -15.74 -55.14 23.15
C SER B 402 -16.51 -54.04 22.41
N MET B 403 -16.60 -52.85 23.03
CA MET B 403 -17.36 -51.74 22.47
C MET B 403 -16.61 -50.43 22.68
N ALA B 404 -16.86 -49.47 21.77
CA ALA B 404 -16.32 -48.12 21.86
C ALA B 404 -17.30 -47.11 21.24
N ALA B 405 -17.57 -46.00 21.95
CA ALA B 405 -18.42 -44.95 21.39
C ALA B 405 -17.83 -43.57 21.65
N SER B 406 -18.25 -42.63 20.79
CA SER B 406 -17.91 -41.22 20.87
C SER B 406 -19.14 -40.44 20.42
N GLY B 407 -19.42 -39.35 21.13
CA GLY B 407 -20.55 -38.49 20.79
C GLY B 407 -21.34 -38.12 22.03
N ASN B 408 -22.59 -37.65 21.81
CA ASN B 408 -23.57 -37.53 22.88
C ASN B 408 -24.21 -38.90 23.12
N LEU B 409 -23.71 -39.62 24.14
CA LEU B 409 -23.99 -41.04 24.30
C LEU B 409 -25.23 -41.33 25.14
N GLY B 410 -26.12 -40.34 25.34
CA GLY B 410 -27.24 -40.49 26.25
C GLY B 410 -28.27 -41.56 25.84
N HIS B 411 -28.20 -42.01 24.58
CA HIS B 411 -29.09 -43.03 24.10
C HIS B 411 -28.27 -44.16 23.46
N THR B 412 -26.94 -44.08 23.61
CA THR B 412 -26.07 -45.18 23.23
C THR B 412 -26.09 -46.27 24.30
N PRO B 413 -26.51 -47.52 24.01
CA PRO B 413 -26.59 -48.56 25.04
C PRO B 413 -25.20 -49.03 25.47
N PHE B 414 -25.12 -49.62 26.66
CA PHE B 414 -23.88 -50.24 27.13
C PHE B 414 -23.85 -51.64 26.56
N ILE B 415 -22.74 -52.37 26.75
CA ILE B 415 -22.64 -53.70 26.18
C ILE B 415 -23.73 -54.57 26.80
N ASP B 416 -23.84 -54.51 28.14
CA ASP B 416 -24.74 -55.33 28.93
C ASP B 416 -26.20 -54.97 28.67
N GLU B 417 -26.43 -53.90 27.90
CA GLU B 417 -27.76 -53.39 27.64
C GLU B 417 -28.29 -53.88 26.29
N LEU B 418 -27.55 -54.78 25.60
CA LEU B 418 -27.65 -54.78 24.14
C LEU B 418 -28.69 -55.79 23.65
N MET C 1 12.06 -12.77 10.75
CA MET C 1 11.36 -12.74 9.44
C MET C 1 12.28 -12.11 8.40
N THR C 2 11.69 -11.45 7.39
CA THR C 2 12.51 -10.88 6.30
C THR C 2 12.02 -9.49 5.91
N ASN C 3 10.81 -9.12 6.32
CA ASN C 3 10.32 -7.75 6.04
C ASN C 3 11.26 -6.92 6.92
N ILE C 4 12.23 -6.26 6.30
CA ILE C 4 13.18 -5.45 7.05
C ILE C 4 12.36 -4.26 7.54
N ARG C 5 11.37 -3.87 6.72
CA ARG C 5 10.46 -2.80 7.05
C ARG C 5 9.98 -2.95 8.49
N LYS C 6 9.60 -4.19 8.87
CA LYS C 6 9.11 -4.51 10.21
C LYS C 6 10.23 -4.92 11.18
N SER C 7 11.42 -5.24 10.63
CA SER C 7 12.51 -5.86 11.37
C SER C 7 13.44 -4.81 11.97
N HIS C 8 14.10 -4.05 11.09
CA HIS C 8 15.12 -3.07 11.42
C HIS C 8 14.59 -2.07 12.46
N PRO C 9 15.31 -1.87 13.59
CA PRO C 9 14.87 -0.95 14.66
C PRO C 9 14.43 0.44 14.23
N LEU C 10 15.06 0.96 13.17
CA LEU C 10 14.79 2.28 12.63
C LEU C 10 13.65 2.21 11.61
N MET C 11 13.69 1.21 10.72
CA MET C 11 12.73 1.13 9.63
C MET C 11 11.35 0.73 10.18
N LYS C 12 11.36 -0.08 11.25
CA LYS C 12 10.20 -0.50 12.03
C LYS C 12 9.34 0.72 12.33
N ILE C 13 9.98 1.76 12.91
CA ILE C 13 9.37 3.02 13.30
C ILE C 13 8.74 3.74 12.10
N VAL C 14 9.45 3.79 10.96
CA VAL C 14 8.89 4.41 9.75
C VAL C 14 7.75 3.58 9.20
N ASN C 15 7.87 2.25 9.32
CA ASN C 15 6.89 1.35 8.73
C ASN C 15 5.59 1.55 9.49
N ASN C 16 5.72 1.94 10.76
CA ASN C 16 4.60 1.94 11.68
C ASN C 16 3.93 3.30 11.65
N ALA C 17 4.58 4.26 10.99
CA ALA C 17 4.20 5.63 11.21
C ALA C 17 3.83 6.28 9.88
N PHE C 18 4.13 5.57 8.77
CA PHE C 18 4.02 6.15 7.45
C PHE C 18 3.59 5.11 6.41
N ILE C 19 3.72 3.80 6.70
CA ILE C 19 3.36 2.80 5.69
C ILE C 19 2.18 1.90 6.01
N ASP C 20 2.31 1.12 7.10
CA ASP C 20 1.34 0.10 7.46
C ASP C 20 0.39 0.64 8.53
N LEU C 21 0.62 1.88 8.95
CA LEU C 21 -0.28 2.59 9.84
C LEU C 21 -1.71 2.47 9.33
N PRO C 22 -2.64 1.89 10.13
CA PRO C 22 -4.08 1.90 9.82
C PRO C 22 -4.62 3.32 9.93
N ALA C 23 -5.03 3.87 8.77
CA ALA C 23 -5.66 5.18 8.65
C ALA C 23 -7.13 4.93 8.31
N PRO C 24 -8.09 5.77 8.77
CA PRO C 24 -9.49 5.58 8.39
C PRO C 24 -9.63 5.74 6.88
N SER C 25 -10.60 5.04 6.28
CA SER C 25 -10.80 5.09 4.84
C SER C 25 -11.23 6.48 4.40
N ASN C 26 -11.93 7.19 5.29
CA ASN C 26 -12.81 8.30 4.93
C ASN C 26 -12.30 9.68 5.35
N ILE C 27 -11.03 9.80 5.77
CA ILE C 27 -10.56 11.11 6.22
C ILE C 27 -10.56 12.05 5.03
N SER C 28 -11.03 13.30 5.30
CA SER C 28 -11.20 14.37 4.32
C SER C 28 -9.93 15.16 4.05
N SER C 29 -10.04 16.28 3.31
CA SER C 29 -8.86 17.04 2.91
C SER C 29 -8.40 17.88 4.08
N TRP C 30 -9.27 17.97 5.08
CA TRP C 30 -8.93 18.68 6.30
C TRP C 30 -7.84 17.92 7.07
N TRP C 31 -7.54 16.66 6.70
CA TRP C 31 -6.55 15.89 7.44
C TRP C 31 -5.15 16.03 6.85
N ASN C 32 -5.08 16.76 5.73
CA ASN C 32 -3.84 16.95 5.00
C ASN C 32 -2.92 17.92 5.73
N PHE C 33 -3.50 18.66 6.68
CA PHE C 33 -2.84 19.83 7.20
C PHE C 33 -1.67 19.45 8.11
N GLY C 34 -1.77 18.29 8.77
CA GLY C 34 -0.67 17.76 9.57
C GLY C 34 0.61 17.59 8.72
N SER C 35 0.44 16.90 7.59
CA SER C 35 1.51 16.63 6.66
C SER C 35 2.11 17.95 6.16
N LEU C 36 1.18 18.84 5.82
CA LEU C 36 1.52 20.10 5.22
C LEU C 36 2.27 20.96 6.23
N LEU C 37 1.87 20.88 7.52
CA LEU C 37 2.55 21.62 8.59
C LEU C 37 3.98 21.12 8.70
N GLY C 38 4.14 19.80 8.65
CA GLY C 38 5.47 19.21 8.63
C GLY C 38 6.30 19.83 7.50
N ILE C 39 5.72 19.85 6.31
CA ILE C 39 6.48 20.36 5.19
C ILE C 39 6.83 21.83 5.43
N CYS C 40 5.84 22.63 5.88
CA CYS C 40 6.09 24.02 6.22
C CYS C 40 7.29 24.13 7.15
N LEU C 41 7.33 23.28 8.18
CA LEU C 41 8.41 23.31 9.16
C LEU C 41 9.78 23.04 8.52
N ILE C 42 9.87 21.97 7.70
CA ILE C 42 11.12 21.67 7.02
C ILE C 42 11.47 22.87 6.14
N LEU C 43 10.45 23.41 5.47
CA LEU C 43 10.63 24.46 4.49
C LEU C 43 11.29 25.66 5.16
N GLN C 44 10.70 26.07 6.28
CA GLN C 44 11.25 27.16 7.04
C GLN C 44 12.70 26.86 7.41
N ILE C 45 12.96 25.63 7.87
CA ILE C 45 14.31 25.30 8.34
C ILE C 45 15.33 25.37 7.20
N LEU C 46 14.97 24.93 5.99
CA LEU C 46 15.97 24.91 4.94
C LEU C 46 16.26 26.33 4.53
N THR C 47 15.19 27.00 4.06
CA THR C 47 15.25 28.40 3.68
C THR C 47 15.87 29.24 4.81
N GLY C 48 15.47 28.93 6.05
CA GLY C 48 16.00 29.62 7.21
C GLY C 48 17.52 29.45 7.33
N LEU C 49 17.97 28.21 7.23
CA LEU C 49 19.40 27.95 7.34
C LEU C 49 20.12 28.66 6.21
N PHE C 50 19.53 28.64 5.02
CA PHE C 50 20.21 29.27 3.90
C PHE C 50 20.23 30.78 4.07
N LEU C 51 19.16 31.35 4.63
CA LEU C 51 19.20 32.78 4.88
C LEU C 51 20.26 33.09 5.92
N ALA C 52 20.41 32.23 6.94
CA ALA C 52 21.29 32.48 8.08
C ALA C 52 22.77 32.39 7.65
N MET C 53 22.99 31.88 6.45
CA MET C 53 24.34 31.78 5.92
C MET C 53 24.80 33.14 5.41
N HIS C 54 23.85 34.09 5.26
CA HIS C 54 24.13 35.40 4.68
C HIS C 54 23.69 36.58 5.56
N TYR C 55 23.01 36.34 6.70
CA TYR C 55 22.40 37.42 7.47
C TYR C 55 23.31 37.78 8.64
N THR C 56 23.14 38.99 9.22
CA THR C 56 23.82 39.36 10.46
C THR C 56 22.90 40.08 11.45
N SER C 57 23.03 39.80 12.76
CA SER C 57 22.05 40.19 13.77
C SER C 57 22.45 41.47 14.52
N ASP C 58 23.54 42.11 14.06
CA ASP C 58 23.97 43.42 14.53
C ASP C 58 23.02 44.47 13.96
N THR C 59 22.56 45.41 14.80
CA THR C 59 21.45 46.30 14.47
C THR C 59 21.81 47.19 13.28
N THR C 60 23.10 47.55 13.19
CA THR C 60 23.67 48.39 12.15
C THR C 60 23.66 47.68 10.78
N THR C 61 24.02 46.40 10.73
CA THR C 61 24.18 45.70 9.46
C THR C 61 22.91 44.93 9.07
N ALA C 62 21.97 44.76 10.03
CA ALA C 62 20.94 43.72 9.92
C ALA C 62 20.04 43.92 8.73
N PHE C 63 19.44 45.09 8.63
CA PHE C 63 18.59 45.43 7.50
C PHE C 63 19.34 45.25 6.17
N SER C 64 20.62 45.67 6.14
CA SER C 64 21.40 45.65 4.91
C SER C 64 21.70 44.22 4.50
N SER C 65 21.94 43.36 5.49
CA SER C 65 22.33 41.99 5.18
C SER C 65 21.14 41.31 4.49
N VAL C 66 19.93 41.67 4.91
CA VAL C 66 18.74 41.05 4.34
C VAL C 66 18.54 41.53 2.91
N THR C 67 18.86 42.80 2.64
CA THR C 67 18.68 43.33 1.29
C THR C 67 19.79 42.80 0.39
N HIS C 68 20.96 42.60 1.02
CA HIS C 68 22.14 42.00 0.41
C HIS C 68 21.81 40.60 -0.09
N ILE C 69 21.01 39.87 0.70
CA ILE C 69 20.52 38.56 0.32
C ILE C 69 19.70 38.70 -0.95
N CYS C 70 18.80 39.69 -0.94
CA CYS C 70 17.82 39.85 -1.99
C CYS C 70 18.39 40.54 -3.23
N ARG C 71 19.60 41.13 -3.15
CA ARG C 71 20.23 41.74 -4.31
C ARG C 71 21.43 40.97 -4.84
N ASP C 72 22.33 40.50 -3.97
CA ASP C 72 23.67 40.08 -4.39
C ASP C 72 23.93 38.58 -4.19
N VAL C 73 23.23 37.93 -3.26
CA VAL C 73 23.34 36.48 -3.09
C VAL C 73 22.57 35.82 -4.23
N ASN C 74 23.13 34.75 -4.78
CA ASN C 74 22.48 34.06 -5.88
C ASN C 74 21.15 33.45 -5.43
N TYR C 75 20.06 33.78 -6.11
CA TYR C 75 18.71 33.34 -5.74
C TYR C 75 18.33 33.67 -4.30
N GLY C 76 19.00 34.65 -3.69
CA GLY C 76 18.77 34.97 -2.29
C GLY C 76 17.33 35.48 -2.12
N TRP C 77 16.84 36.08 -3.21
CA TRP C 77 15.54 36.68 -3.16
C TRP C 77 14.49 35.58 -3.04
N ILE C 78 14.60 34.56 -3.90
CA ILE C 78 13.55 33.56 -3.92
C ILE C 78 13.56 32.78 -2.61
N ILE C 79 14.76 32.63 -2.04
CA ILE C 79 14.86 32.04 -0.73
C ILE C 79 14.19 32.92 0.32
N ARG C 80 14.52 34.22 0.38
CA ARG C 80 13.95 35.09 1.40
C ARG C 80 12.42 35.19 1.30
N TYR C 81 11.87 35.41 0.10
CA TYR C 81 10.44 35.60 -0.08
C TYR C 81 9.70 34.28 0.17
N MET C 82 10.43 33.20 -0.10
CA MET C 82 9.86 31.89 0.18
C MET C 82 9.72 31.69 1.67
N HIS C 83 10.73 32.16 2.42
CA HIS C 83 10.76 32.00 3.86
C HIS C 83 9.67 32.84 4.51
N ALA C 84 9.36 34.00 3.90
CA ALA C 84 8.41 34.91 4.50
C ALA C 84 6.99 34.51 4.13
N ASN C 85 6.80 34.09 2.87
CA ASN C 85 5.51 33.56 2.49
C ASN C 85 5.32 32.18 3.12
N GLY C 86 6.44 31.46 3.31
CA GLY C 86 6.39 30.18 4.00
C GLY C 86 5.87 30.29 5.44
N ALA C 87 6.15 31.42 6.08
CA ALA C 87 5.67 31.65 7.43
C ALA C 87 4.16 31.88 7.41
N SER C 88 3.69 32.58 6.37
CA SER C 88 2.25 32.74 6.11
C SER C 88 1.58 31.38 5.90
N MET C 89 2.18 30.58 5.01
CA MET C 89 1.57 29.32 4.65
C MET C 89 1.50 28.46 5.89
N PHE C 90 2.49 28.64 6.79
CA PHE C 90 2.54 27.90 8.04
C PHE C 90 1.28 28.16 8.85
N PHE C 91 0.91 29.44 8.94
CA PHE C 91 -0.21 29.88 9.77
C PHE C 91 -1.53 29.48 9.11
N ILE C 92 -1.64 29.66 7.79
CA ILE C 92 -2.85 29.21 7.13
C ILE C 92 -3.03 27.73 7.44
N CYS C 93 -1.94 26.96 7.28
CA CYS C 93 -2.01 25.52 7.46
C CYS C 93 -2.39 25.21 8.91
N LEU C 94 -1.83 26.00 9.85
CA LEU C 94 -2.09 25.81 11.28
C LEU C 94 -3.57 26.06 11.58
N TYR C 95 -4.13 27.12 10.99
CA TYR C 95 -5.46 27.53 11.40
C TYR C 95 -6.48 26.56 10.84
N MET C 96 -6.20 26.04 9.64
CA MET C 96 -7.09 25.07 9.04
C MET C 96 -7.02 23.79 9.87
N HIS C 97 -5.80 23.50 10.36
CA HIS C 97 -5.51 22.29 11.11
C HIS C 97 -6.31 22.28 12.39
N VAL C 98 -6.33 23.45 13.07
CA VAL C 98 -6.97 23.59 14.38
C VAL C 98 -8.48 23.66 14.17
N GLY C 99 -8.89 24.38 13.12
CA GLY C 99 -10.28 24.39 12.71
C GLY C 99 -10.87 22.98 12.57
N ARG C 100 -10.14 22.13 11.83
CA ARG C 100 -10.52 20.74 11.65
C ARG C 100 -10.74 20.12 13.03
N GLY C 101 -9.77 20.35 13.91
CA GLY C 101 -9.83 19.75 15.22
C GLY C 101 -11.09 20.15 15.98
N LEU C 102 -11.50 21.41 15.84
CA LEU C 102 -12.63 21.94 16.59
C LEU C 102 -13.92 21.35 16.04
N TYR C 103 -14.11 21.44 14.73
CA TYR C 103 -15.33 21.01 14.07
C TYR C 103 -15.57 19.52 14.26
N TYR C 104 -14.49 18.71 14.17
CA TYR C 104 -14.65 17.26 14.19
C TYR C 104 -14.38 16.68 15.58
N GLY C 105 -14.06 17.53 16.55
CA GLY C 105 -13.90 17.05 17.91
C GLY C 105 -12.64 16.22 18.12
N SER C 106 -11.58 16.47 17.33
CA SER C 106 -10.35 15.72 17.42
C SER C 106 -9.68 15.96 18.79
N TYR C 107 -10.06 17.09 19.42
CA TYR C 107 -9.44 17.51 20.67
C TYR C 107 -9.81 16.55 21.80
N THR C 108 -10.69 15.60 21.53
CA THR C 108 -10.93 14.57 22.52
C THR C 108 -9.63 13.81 22.80
N PHE C 109 -8.70 13.81 21.86
CA PHE C 109 -7.41 13.18 22.05
C PHE C 109 -6.52 14.11 22.85
N LEU C 110 -6.68 14.10 24.18
CA LEU C 110 -6.25 15.27 24.94
C LEU C 110 -4.74 15.52 24.85
N GLU C 111 -3.91 14.48 24.97
CA GLU C 111 -2.48 14.76 24.96
C GLU C 111 -2.09 15.29 23.59
N THR C 112 -2.57 14.61 22.54
CA THR C 112 -2.32 15.06 21.18
C THR C 112 -2.67 16.55 21.09
N TRP C 113 -3.86 16.91 21.58
CA TRP C 113 -4.41 18.26 21.49
C TRP C 113 -3.57 19.30 22.23
N ASN C 114 -3.31 19.05 23.51
CA ASN C 114 -2.53 20.01 24.29
C ASN C 114 -1.16 20.19 23.64
N ILE C 115 -0.54 19.10 23.16
CA ILE C 115 0.78 19.22 22.56
C ILE C 115 0.60 20.16 21.37
N GLY C 116 -0.54 20.03 20.69
CA GLY C 116 -0.90 20.96 19.63
C GLY C 116 -0.86 22.41 20.10
N VAL C 117 -1.52 22.67 21.24
CA VAL C 117 -1.55 24.00 21.83
C VAL C 117 -0.12 24.51 22.06
N ILE C 118 0.76 23.63 22.58
CA ILE C 118 2.17 23.98 22.75
C ILE C 118 2.81 24.25 21.39
N LEU C 119 2.52 23.38 20.41
CA LEU C 119 3.13 23.60 19.12
C LEU C 119 2.74 24.98 18.61
N LEU C 120 1.44 25.32 18.77
CA LEU C 120 0.91 26.57 18.23
C LEU C 120 1.65 27.74 18.85
N LEU C 121 1.73 27.70 20.20
CA LEU C 121 2.37 28.76 20.95
C LEU C 121 3.81 28.93 20.47
N THR C 122 4.48 27.81 20.18
CA THR C 122 5.89 27.86 19.85
C THR C 122 6.13 28.46 18.46
N VAL C 123 5.24 28.11 17.53
CA VAL C 123 5.37 28.62 16.18
C VAL C 123 5.10 30.12 16.23
N MET C 124 4.17 30.51 17.11
CA MET C 124 3.87 31.92 17.29
C MET C 124 5.12 32.63 17.82
N ALA C 125 5.68 32.15 18.93
CA ALA C 125 6.92 32.71 19.45
C ALA C 125 7.99 32.76 18.35
N THR C 126 8.05 31.73 17.49
CA THR C 126 9.09 31.67 16.49
C THR C 126 8.90 32.80 15.48
N ALA C 127 7.65 32.91 14.98
CA ALA C 127 7.28 33.82 13.90
C ALA C 127 7.29 35.28 14.38
N PHE C 128 7.10 35.46 15.70
CA PHE C 128 7.13 36.78 16.29
C PHE C 128 8.56 37.31 16.22
N MET C 129 9.53 36.46 16.61
CA MET C 129 10.93 36.82 16.66
C MET C 129 11.52 36.85 15.26
N GLY C 130 10.88 36.15 14.32
CA GLY C 130 11.37 36.11 12.95
C GLY C 130 11.20 37.47 12.27
N TYR C 131 10.01 38.03 12.41
CA TYR C 131 9.63 39.27 11.77
C TYR C 131 10.48 40.43 12.27
N VAL C 132 11.18 40.25 13.40
CA VAL C 132 12.01 41.31 13.97
C VAL C 132 13.35 41.36 13.23
N LEU C 133 13.81 40.21 12.74
CA LEU C 133 15.21 40.04 12.32
C LEU C 133 15.57 40.98 11.18
N PRO C 134 14.68 41.27 10.21
CA PRO C 134 15.00 42.25 9.16
C PRO C 134 15.33 43.64 9.71
N TRP C 135 14.70 43.99 10.84
CA TRP C 135 14.92 45.23 11.57
C TRP C 135 14.41 46.41 10.77
N GLY C 136 13.19 46.27 10.25
CA GLY C 136 12.49 47.38 9.63
C GLY C 136 11.65 48.10 10.69
N GLN C 137 10.82 49.03 10.24
CA GLN C 137 9.98 49.80 11.13
C GLN C 137 9.04 48.87 11.90
N MET C 138 8.21 48.14 11.15
CA MET C 138 7.16 47.35 11.75
C MET C 138 7.75 46.26 12.65
N SER C 139 8.90 45.72 12.21
CA SER C 139 9.69 44.83 13.05
C SER C 139 9.86 45.50 14.41
N PHE C 140 10.54 46.64 14.37
CA PHE C 140 11.07 47.23 15.59
C PHE C 140 9.93 47.72 16.47
N TRP C 141 8.97 48.41 15.84
CA TRP C 141 7.93 49.09 16.58
C TRP C 141 6.88 48.09 17.06
N GLY C 142 6.62 47.08 16.22
CA GLY C 142 5.73 46.00 16.58
C GLY C 142 6.27 45.31 17.83
N ALA C 143 7.56 45.00 17.80
CA ALA C 143 8.29 44.31 18.86
C ALA C 143 8.27 45.13 20.15
N THR C 144 8.33 46.46 20.02
CA THR C 144 8.41 47.26 21.23
C THR C 144 7.06 47.19 21.95
N VAL C 145 5.97 47.44 21.20
CA VAL C 145 4.61 47.47 21.73
C VAL C 145 4.24 46.17 22.44
N ILE C 146 4.40 45.03 21.74
CA ILE C 146 3.97 43.73 22.22
C ILE C 146 4.77 43.36 23.46
N THR C 147 6.08 43.18 23.30
CA THR C 147 6.93 42.87 24.43
C THR C 147 6.49 43.69 25.62
N ASN C 148 6.41 45.01 25.42
CA ASN C 148 6.14 45.93 26.51
C ASN C 148 4.88 45.51 27.30
N LEU C 149 3.90 44.93 26.62
CA LEU C 149 2.68 44.58 27.32
C LEU C 149 2.97 43.89 28.63
N LEU C 150 4.08 43.16 28.72
CA LEU C 150 4.36 42.34 29.90
C LEU C 150 4.54 43.21 31.13
N SER C 151 4.66 44.52 30.90
CA SER C 151 4.98 45.45 31.97
C SER C 151 3.73 45.68 32.81
N ALA C 152 2.56 45.40 32.22
CA ALA C 152 1.27 45.42 32.89
C ALA C 152 1.27 44.57 34.16
N ILE C 153 2.07 43.49 34.19
CA ILE C 153 2.14 42.58 35.33
C ILE C 153 2.56 43.34 36.58
N PRO C 154 1.78 43.28 37.69
CA PRO C 154 2.13 43.90 38.97
C PRO C 154 3.54 43.57 39.41
N TYR C 155 4.23 44.60 39.90
CA TYR C 155 5.60 44.56 40.39
C TYR C 155 6.55 44.25 39.23
N ILE C 156 6.92 42.97 39.18
CA ILE C 156 7.94 42.37 38.35
C ILE C 156 7.77 42.74 36.86
N GLY C 157 6.57 43.16 36.45
CA GLY C 157 6.30 43.32 35.03
C GLY C 157 7.36 44.14 34.31
N THR C 158 7.75 45.23 34.96
CA THR C 158 8.55 46.26 34.32
C THR C 158 9.99 45.76 34.20
N ASN C 159 10.42 44.96 35.17
CA ASN C 159 11.76 44.40 35.19
C ASN C 159 11.90 43.33 34.11
N LEU C 160 10.93 42.43 34.11
CA LEU C 160 10.88 41.29 33.21
C LEU C 160 11.05 41.79 31.77
N VAL C 161 10.41 42.91 31.43
CA VAL C 161 10.41 43.45 30.08
C VAL C 161 11.83 43.86 29.69
N GLU C 162 12.53 44.54 30.61
CA GLU C 162 13.88 45.04 30.37
C GLU C 162 14.88 43.87 30.41
N TRP C 163 14.43 42.74 30.97
CA TRP C 163 15.22 41.52 31.02
C TRP C 163 15.17 40.78 29.69
N ILE C 164 13.96 40.67 29.10
CA ILE C 164 13.84 40.19 27.72
C ILE C 164 14.76 41.05 26.86
N TRP C 165 14.69 42.37 27.03
CA TRP C 165 15.32 43.30 26.12
C TRP C 165 16.84 43.25 26.26
N GLY C 166 17.28 43.16 27.51
CA GLY C 166 18.71 43.14 27.80
C GLY C 166 19.29 44.55 27.80
N GLY C 167 18.42 45.49 28.18
CA GLY C 167 18.66 46.92 28.05
C GLY C 167 17.36 47.68 28.28
N PHE C 168 17.36 48.99 28.01
CA PHE C 168 16.17 49.79 28.35
C PHE C 168 15.28 49.98 27.12
N SER C 169 15.55 49.21 26.08
CA SER C 169 14.76 49.34 24.83
C SER C 169 15.12 48.21 23.86
N VAL C 170 14.23 47.93 22.92
CA VAL C 170 14.52 46.90 21.88
C VAL C 170 15.74 47.38 21.11
N ASP C 171 16.93 46.87 21.44
CA ASP C 171 18.16 47.27 20.72
C ASP C 171 19.09 46.09 20.46
N LYS C 172 20.40 46.34 20.42
CA LYS C 172 21.36 45.27 20.06
C LYS C 172 20.96 43.94 20.69
N ALA C 173 21.26 43.74 21.97
CA ALA C 173 20.96 42.45 22.59
C ALA C 173 19.63 41.85 22.13
N THR C 174 18.57 42.66 22.17
CA THR C 174 17.24 42.14 21.79
C THR C 174 17.39 41.39 20.47
N LEU C 175 17.87 42.05 19.42
CA LEU C 175 17.96 41.37 18.09
C LEU C 175 18.89 40.18 18.19
N THR C 176 20.10 40.37 18.72
CA THR C 176 21.01 39.23 18.68
C THR C 176 20.39 38.01 19.36
N ARG C 177 19.73 38.20 20.50
CA ARG C 177 19.10 37.07 21.20
C ARG C 177 17.90 36.55 20.42
N PHE C 178 17.17 37.45 19.76
CA PHE C 178 16.01 37.05 18.98
C PHE C 178 16.47 36.23 17.79
N PHE C 179 17.70 36.48 17.33
CA PHE C 179 18.24 35.65 16.27
C PHE C 179 18.46 34.24 16.81
N ALA C 180 19.06 34.13 18.00
CA ALA C 180 19.43 32.83 18.53
C ALA C 180 18.17 32.04 18.84
N PHE C 181 17.20 32.66 19.53
CA PHE C 181 15.99 31.96 19.90
C PHE C 181 15.27 31.51 18.64
N HIS C 182 15.28 32.39 17.64
CA HIS C 182 14.53 32.15 16.42
C HIS C 182 15.11 30.94 15.71
N PHE C 183 16.41 30.69 15.92
CA PHE C 183 17.14 29.66 15.18
C PHE C 183 16.90 28.31 15.85
N ILE C 184 17.04 28.29 17.19
CA ILE C 184 16.93 27.08 17.99
C ILE C 184 15.48 26.58 18.10
N LEU C 185 14.48 27.46 18.06
CA LEU C 185 13.12 27.06 18.43
C LEU C 185 12.54 26.05 17.43
N PRO C 186 12.67 26.32 16.12
CA PRO C 186 12.15 25.38 15.13
C PRO C 186 12.59 23.95 15.45
N PHE C 187 13.85 23.80 15.90
CA PHE C 187 14.38 22.49 16.22
C PHE C 187 13.59 21.92 17.38
N ILE C 188 13.30 22.76 18.39
CA ILE C 188 12.53 22.25 19.50
C ILE C 188 11.13 21.88 19.00
N ILE C 189 10.59 22.65 18.03
CA ILE C 189 9.29 22.36 17.45
C ILE C 189 9.25 20.98 16.81
N MET C 190 10.28 20.71 15.99
CA MET C 190 10.55 19.40 15.45
C MET C 190 10.36 18.32 16.52
N ALA C 191 10.99 18.49 17.69
CA ALA C 191 10.92 17.47 18.71
C ALA C 191 9.49 17.32 19.19
N ILE C 192 8.88 18.46 19.53
CA ILE C 192 7.58 18.43 20.17
C ILE C 192 6.56 17.83 19.20
N ALA C 193 6.79 18.05 17.90
CA ALA C 193 5.91 17.56 16.85
C ALA C 193 6.04 16.04 16.77
N MET C 194 7.23 15.55 17.13
CA MET C 194 7.36 14.11 17.09
C MET C 194 6.60 13.54 18.28
N VAL C 195 6.70 14.23 19.44
CA VAL C 195 5.89 13.82 20.57
C VAL C 195 4.40 13.88 20.25
N HIS C 196 3.99 14.92 19.48
CA HIS C 196 2.65 15.10 18.96
C HIS C 196 2.18 13.83 18.27
N LEU C 197 2.98 13.29 17.35
CA LEU C 197 2.56 12.10 16.64
C LEU C 197 2.67 10.90 17.54
N LEU C 198 3.67 10.89 18.45
CA LEU C 198 3.89 9.79 19.38
C LEU C 198 2.57 9.47 20.09
N PHE C 199 1.85 10.53 20.46
CA PHE C 199 0.56 10.39 21.11
C PHE C 199 -0.50 10.03 20.08
N LEU C 200 -0.45 10.66 18.90
CA LEU C 200 -1.50 10.45 17.92
C LEU C 200 -1.67 8.96 17.62
N HIS C 201 -0.53 8.26 17.50
CA HIS C 201 -0.51 6.94 16.91
C HIS C 201 -0.90 5.90 17.94
N GLU C 202 -1.27 6.36 19.13
CA GLU C 202 -1.75 5.48 20.18
C GLU C 202 -3.22 5.20 19.94
N THR C 203 -3.91 6.17 19.35
CA THR C 203 -5.32 6.01 19.02
C THR C 203 -5.50 5.95 17.50
N GLY C 204 -4.56 6.51 16.75
CA GLY C 204 -4.84 6.74 15.35
C GLY C 204 -5.84 7.88 15.15
N SER C 205 -6.30 8.07 13.92
CA SER C 205 -6.93 9.33 13.56
C SER C 205 -8.41 9.27 13.86
N ASN C 206 -8.95 10.45 14.18
CA ASN C 206 -10.37 10.70 14.09
C ASN C 206 -10.75 10.72 12.59
N ASN C 207 -12.04 10.78 12.29
CA ASN C 207 -12.50 10.86 10.92
C ASN C 207 -13.70 11.80 10.87
N PRO C 208 -14.18 12.30 9.71
CA PRO C 208 -15.31 13.22 9.67
C PRO C 208 -16.62 12.80 10.30
N THR C 209 -16.95 11.50 10.31
CA THR C 209 -18.21 11.10 10.94
C THR C 209 -18.14 11.19 12.47
N GLY C 210 -16.94 11.11 13.03
CA GLY C 210 -16.73 11.19 14.48
C GLY C 210 -16.91 9.84 15.14
N ILE C 211 -17.30 8.86 14.31
CA ILE C 211 -17.64 7.50 14.75
C ILE C 211 -16.39 6.66 14.60
N SER C 212 -16.13 5.76 15.56
CA SER C 212 -14.93 4.94 15.53
C SER C 212 -14.73 4.19 14.18
N SER C 213 -13.48 4.13 13.66
CA SER C 213 -13.20 3.69 12.29
C SER C 213 -12.44 2.36 12.18
N ASP C 214 -12.33 1.59 13.25
CA ASP C 214 -11.53 0.38 13.18
C ASP C 214 -12.23 -0.69 12.36
N VAL C 215 -13.44 -0.44 11.87
CA VAL C 215 -14.04 -1.43 11.00
C VAL C 215 -13.66 -1.15 9.55
N ASP C 216 -13.06 -0.01 9.26
CA ASP C 216 -12.74 0.33 7.88
C ASP C 216 -11.45 1.16 7.82
N LYS C 217 -10.35 0.49 8.18
CA LYS C 217 -9.02 1.05 8.13
C LYS C 217 -8.32 0.58 6.85
N ILE C 218 -7.42 1.42 6.33
CA ILE C 218 -6.67 1.15 5.12
C ILE C 218 -5.25 1.52 5.43
N PRO C 219 -4.23 0.98 4.75
CA PRO C 219 -2.87 1.23 5.18
C PRO C 219 -2.62 2.62 4.63
N PHE C 220 -1.77 3.40 5.32
CA PHE C 220 -1.39 4.74 4.88
C PHE C 220 -0.79 4.72 3.47
N HIS C 221 -0.04 3.66 3.17
CA HIS C 221 0.53 3.47 1.86
C HIS C 221 -0.28 2.43 1.09
N PRO C 222 -0.75 2.74 -0.13
CA PRO C 222 -0.41 4.00 -0.79
C PRO C 222 -1.40 5.15 -0.63
N TYR C 223 -2.63 4.88 -0.15
CA TYR C 223 -3.71 5.85 -0.18
C TYR C 223 -3.31 7.25 0.28
N TYR C 224 -2.63 7.37 1.43
CA TYR C 224 -2.40 8.68 2.03
C TYR C 224 -1.02 9.19 1.68
N THR C 225 -0.11 8.31 1.23
CA THR C 225 1.15 8.78 0.68
C THR C 225 0.84 9.53 -0.61
N ILE C 226 -0.12 9.01 -1.40
CA ILE C 226 -0.44 9.63 -2.68
C ILE C 226 -1.15 10.97 -2.48
N LYS C 227 -2.03 11.05 -1.47
CA LYS C 227 -2.83 12.23 -1.17
C LYS C 227 -1.90 13.31 -0.62
N ASP C 228 -0.93 12.88 0.17
CA ASP C 228 -0.03 13.86 0.75
C ASP C 228 0.80 14.48 -0.37
N ILE C 229 1.27 13.67 -1.29
CA ILE C 229 2.01 14.25 -2.39
C ILE C 229 1.14 15.30 -3.08
N LEU C 230 -0.13 14.96 -3.30
CA LEU C 230 -1.04 15.88 -3.97
C LEU C 230 -1.23 17.14 -3.14
N GLY C 231 -1.52 16.94 -1.85
CA GLY C 231 -1.63 18.03 -0.91
C GLY C 231 -0.41 18.94 -0.97
N ALA C 232 0.79 18.35 -0.90
CA ALA C 232 2.03 19.10 -0.84
C ALA C 232 2.13 19.89 -2.13
N LEU C 233 1.62 19.28 -3.20
CA LEU C 233 1.78 19.91 -4.48
C LEU C 233 0.95 21.18 -4.52
N LEU C 234 -0.29 21.10 -4.00
CA LEU C 234 -1.17 22.24 -3.85
C LEU C 234 -0.61 23.26 -2.85
N LEU C 235 0.07 22.79 -1.79
CA LEU C 235 0.77 23.71 -0.92
C LEU C 235 1.86 24.46 -1.70
N ILE C 236 2.61 23.74 -2.53
CA ILE C 236 3.70 24.45 -3.18
C ILE C 236 3.14 25.47 -4.17
N LEU C 237 1.98 25.18 -4.79
CA LEU C 237 1.32 26.14 -5.69
C LEU C 237 0.91 27.42 -4.97
N ALA C 238 0.21 27.30 -3.84
CA ALA C 238 -0.07 28.44 -2.99
C ALA C 238 1.20 29.25 -2.69
N LEU C 239 2.24 28.57 -2.19
CA LEU C 239 3.46 29.25 -1.77
C LEU C 239 4.04 30.04 -2.94
N MET C 240 4.27 29.32 -4.04
CA MET C 240 4.95 29.89 -5.19
C MET C 240 4.09 30.93 -5.88
N LEU C 241 2.76 30.85 -5.73
CA LEU C 241 1.91 31.86 -6.38
C LEU C 241 2.16 33.20 -5.69
N LEU C 242 2.19 33.15 -4.37
CA LEU C 242 2.59 34.31 -3.57
C LEU C 242 3.99 34.75 -3.98
N VAL C 243 4.98 33.84 -3.95
CA VAL C 243 6.40 34.17 -4.04
C VAL C 243 6.76 34.77 -5.40
N LEU C 244 6.08 34.29 -6.46
CA LEU C 244 6.46 34.62 -7.82
C LEU C 244 5.48 35.60 -8.45
N PHE C 245 4.30 35.80 -7.88
CA PHE C 245 3.38 36.74 -8.50
C PHE C 245 2.91 37.85 -7.56
N ALA C 246 3.07 37.71 -6.24
CA ALA C 246 2.55 38.69 -5.30
C ALA C 246 3.35 38.65 -4.01
N PRO C 247 4.71 38.65 -4.03
CA PRO C 247 5.49 38.31 -2.84
C PRO C 247 5.23 39.25 -1.68
N ASP C 248 4.79 40.49 -1.97
CA ASP C 248 4.71 41.46 -0.90
C ASP C 248 3.31 41.49 -0.31
N LEU C 249 2.37 40.81 -0.97
CA LEU C 249 0.94 40.86 -0.68
C LEU C 249 0.65 40.77 0.81
N LEU C 250 1.30 39.86 1.54
CA LEU C 250 0.85 39.46 2.86
C LEU C 250 1.60 40.18 3.98
N GLY C 251 2.60 40.97 3.59
CA GLY C 251 3.40 41.68 4.57
C GLY C 251 3.02 43.16 4.61
N ASP C 252 3.99 43.99 4.94
CA ASP C 252 3.71 45.39 5.18
C ASP C 252 4.82 46.21 4.53
N PRO C 253 4.49 47.34 3.88
CA PRO C 253 5.51 48.20 3.28
C PRO C 253 6.50 48.83 4.27
N ASP C 254 6.02 49.21 5.46
CA ASP C 254 6.82 49.94 6.44
C ASP C 254 8.05 49.12 6.81
N ASN C 255 8.02 47.84 6.42
CA ASN C 255 9.11 46.96 6.76
C ASN C 255 10.09 46.97 5.60
N TYR C 256 10.08 48.07 4.85
CA TYR C 256 11.12 48.27 3.85
C TYR C 256 11.84 49.59 4.10
N THR C 257 11.36 50.39 5.06
CA THR C 257 12.17 51.51 5.52
C THR C 257 12.78 51.07 6.84
N PRO C 258 14.11 51.24 7.01
CA PRO C 258 14.82 50.75 8.20
C PRO C 258 14.24 51.19 9.54
N ALA C 259 14.51 50.45 10.61
CA ALA C 259 13.95 50.73 11.92
C ALA C 259 14.54 52.03 12.47
N ASN C 260 13.66 52.97 12.85
CA ASN C 260 14.03 54.30 13.28
C ASN C 260 13.35 54.59 14.60
N PRO C 261 14.09 54.66 15.72
CA PRO C 261 13.46 54.82 17.02
C PRO C 261 12.78 56.18 17.21
N LEU C 262 12.87 57.06 16.19
CA LEU C 262 12.20 58.36 16.24
C LEU C 262 10.85 58.25 15.53
N ASN C 263 10.90 58.21 14.20
CA ASN C 263 9.73 58.20 13.34
C ASN C 263 8.82 57.01 13.69
N THR C 264 7.63 57.27 14.23
CA THR C 264 6.72 56.18 14.58
C THR C 264 5.71 55.98 13.45
N PRO C 265 5.61 54.76 12.89
CA PRO C 265 4.73 54.49 11.75
C PRO C 265 3.28 54.74 12.11
N PRO C 266 2.43 54.98 11.10
CA PRO C 266 1.08 55.48 11.35
C PRO C 266 0.30 54.49 12.22
N HIS C 267 0.09 53.26 11.74
CA HIS C 267 -0.66 52.26 12.49
C HIS C 267 0.17 51.00 12.63
N ILE C 268 0.85 50.87 13.78
CA ILE C 268 1.69 49.70 13.99
C ILE C 268 0.83 48.50 14.37
N LYS C 269 1.12 47.36 13.75
CA LYS C 269 0.29 46.16 13.82
C LYS C 269 1.19 44.97 13.51
N PRO C 270 0.90 43.76 14.02
CA PRO C 270 1.82 42.65 13.81
C PRO C 270 1.40 42.06 12.47
N GLU C 271 2.02 40.94 12.08
CA GLU C 271 1.69 40.29 10.82
C GLU C 271 0.28 39.64 10.90
N TRP C 272 -0.36 39.42 9.74
CA TRP C 272 -1.80 39.15 9.67
C TRP C 272 -2.31 38.10 10.66
N TYR C 273 -1.52 37.03 10.92
CA TYR C 273 -1.88 35.86 11.71
C TYR C 273 -1.84 36.16 13.21
N PHE C 274 -1.49 37.41 13.58
CA PHE C 274 -1.69 37.80 14.96
C PHE C 274 -2.88 38.77 15.09
N LEU C 275 -3.42 39.25 13.97
CA LEU C 275 -4.31 40.41 14.02
C LEU C 275 -5.56 40.14 14.86
N PHE C 276 -6.06 38.89 14.85
CA PHE C 276 -7.26 38.53 15.59
C PHE C 276 -7.05 38.78 17.10
N ALA C 277 -5.88 38.40 17.62
CA ALA C 277 -5.61 38.49 19.04
C ALA C 277 -5.17 39.90 19.39
N TYR C 278 -4.63 40.62 18.40
CA TYR C 278 -4.26 42.02 18.52
C TYR C 278 -5.52 42.84 18.79
N ALA C 279 -6.56 42.54 18.01
CA ALA C 279 -7.86 43.17 18.16
C ALA C 279 -8.45 42.86 19.54
N ILE C 280 -8.27 41.64 20.06
CA ILE C 280 -8.87 41.24 21.33
C ILE C 280 -8.23 42.02 22.48
N LEU C 281 -6.91 42.25 22.35
CA LEU C 281 -6.12 43.04 23.29
C LEU C 281 -6.65 44.47 23.37
N ARG C 282 -6.94 45.06 22.18
CA ARG C 282 -7.41 46.42 21.99
C ARG C 282 -8.87 46.60 22.41
N SER C 283 -9.64 45.51 22.56
CA SER C 283 -11.02 45.60 23.03
C SER C 283 -11.01 46.17 24.43
N ILE C 284 -10.31 45.44 25.28
CA ILE C 284 -10.27 45.73 26.71
C ILE C 284 -9.45 46.99 26.92
N PRO C 285 -10.00 48.06 27.57
CA PRO C 285 -9.29 49.33 27.78
C PRO C 285 -8.09 49.25 28.70
N ASN C 286 -8.20 48.47 29.78
CA ASN C 286 -7.15 48.29 30.79
C ASN C 286 -6.07 47.38 30.23
N LYS C 287 -4.79 47.72 30.49
CA LYS C 287 -3.67 47.08 29.82
C LYS C 287 -3.45 45.67 30.33
N LEU C 288 -3.46 45.47 31.66
CA LEU C 288 -3.27 44.12 32.17
C LEU C 288 -4.50 43.30 31.82
N GLY C 289 -5.67 43.95 31.74
CA GLY C 289 -6.89 43.29 31.34
C GLY C 289 -6.79 42.81 29.90
N GLY C 290 -6.25 43.68 29.04
CA GLY C 290 -6.08 43.36 27.62
C GLY C 290 -4.98 42.31 27.37
N VAL C 291 -3.95 42.29 28.22
CA VAL C 291 -2.96 41.22 28.15
C VAL C 291 -3.58 39.89 28.52
N LEU C 292 -4.39 39.86 29.58
CA LEU C 292 -4.99 38.61 30.00
C LEU C 292 -6.06 38.16 29.00
N ALA C 293 -6.63 39.07 28.21
CA ALA C 293 -7.59 38.68 27.20
C ALA C 293 -6.89 38.10 25.98
N LEU C 294 -5.77 38.72 25.57
CA LEU C 294 -4.95 38.21 24.47
C LEU C 294 -4.37 36.84 24.85
N ALA C 295 -3.95 36.69 26.12
CA ALA C 295 -3.48 35.43 26.66
C ALA C 295 -4.59 34.38 26.60
N PHE C 296 -5.80 34.79 26.98
CA PHE C 296 -6.87 33.83 27.06
C PHE C 296 -7.40 33.51 25.66
N SER C 297 -7.15 34.42 24.71
CA SER C 297 -7.66 34.24 23.35
C SER C 297 -6.97 33.06 22.65
N ILE C 298 -5.76 32.68 23.12
CA ILE C 298 -5.03 31.52 22.61
C ILE C 298 -5.17 30.30 23.55
N LEU C 299 -4.97 30.49 24.86
CA LEU C 299 -4.93 29.39 25.83
C LEU C 299 -6.29 28.75 25.96
N ILE C 300 -7.34 29.51 25.58
CA ILE C 300 -8.70 29.00 25.66
C ILE C 300 -8.76 27.68 24.91
N LEU C 301 -7.86 27.48 23.94
CA LEU C 301 -7.83 26.29 23.13
C LEU C 301 -7.70 25.07 24.04
N ALA C 302 -6.95 25.24 25.15
CA ALA C 302 -6.71 24.11 26.02
C ALA C 302 -7.90 23.92 26.93
N LEU C 303 -8.87 24.81 26.80
CA LEU C 303 -10.10 24.66 27.57
C LEU C 303 -11.15 23.86 26.80
N ILE C 304 -11.16 23.96 25.44
CA ILE C 304 -12.18 23.49 24.51
C ILE C 304 -12.71 22.09 24.86
N PRO C 305 -11.81 21.10 25.16
CA PRO C 305 -12.24 19.74 25.51
C PRO C 305 -13.11 19.70 26.76
N LEU C 306 -12.79 20.53 27.75
CA LEU C 306 -13.57 20.50 28.97
C LEU C 306 -14.99 21.00 28.68
N LEU C 307 -15.12 21.93 27.73
CA LEU C 307 -16.38 22.57 27.38
C LEU C 307 -17.24 21.70 26.46
N HIS C 308 -16.87 20.45 26.22
CA HIS C 308 -17.57 19.67 25.20
C HIS C 308 -18.80 19.02 25.82
N THR C 309 -19.97 19.21 25.20
CA THR C 309 -21.19 18.74 25.86
C THR C 309 -21.92 17.71 25.02
N SER C 310 -21.65 17.71 23.71
CA SER C 310 -22.42 16.85 22.83
C SER C 310 -22.14 15.38 23.11
N LYS C 311 -23.16 14.52 22.99
CA LYS C 311 -22.97 13.07 23.08
C LYS C 311 -22.36 12.53 21.78
N GLN C 312 -22.42 13.34 20.72
CA GLN C 312 -21.81 13.05 19.44
C GLN C 312 -20.43 13.71 19.44
N ARG C 313 -19.43 13.09 18.79
CA ARG C 313 -18.07 13.64 18.79
C ARG C 313 -17.88 14.75 17.74
N SER C 314 -18.30 14.50 16.50
CA SER C 314 -18.10 15.42 15.38
C SER C 314 -19.30 16.35 15.20
N MET C 315 -19.10 17.46 14.49
CA MET C 315 -20.20 18.41 14.27
C MET C 315 -21.00 18.00 13.02
N MET C 316 -20.63 16.89 12.40
CA MET C 316 -21.13 16.57 11.10
C MET C 316 -22.63 16.46 11.21
N PHE C 317 -23.11 15.88 12.33
CA PHE C 317 -24.51 15.53 12.47
C PHE C 317 -25.20 16.49 13.44
N ARG C 318 -24.71 17.72 13.44
CA ARG C 318 -24.99 18.66 14.51
C ARG C 318 -25.14 20.05 13.93
N PRO C 319 -26.36 20.42 13.50
CA PRO C 319 -26.56 21.60 12.68
C PRO C 319 -26.32 22.92 13.43
N LEU C 320 -26.84 23.02 14.66
CA LEU C 320 -26.70 24.24 15.44
C LEU C 320 -25.22 24.53 15.61
N SER C 321 -24.49 23.45 15.94
CA SER C 321 -23.08 23.57 16.27
C SER C 321 -22.33 24.04 15.02
N GLN C 322 -22.67 23.42 13.89
CA GLN C 322 -22.09 23.78 12.61
C GLN C 322 -22.18 25.30 12.41
N CYS C 323 -23.35 25.85 12.73
CA CYS C 323 -23.65 27.25 12.45
C CYS C 323 -22.84 28.11 13.38
N LEU C 324 -22.90 27.78 14.67
CA LEU C 324 -22.17 28.55 15.65
C LEU C 324 -20.68 28.53 15.34
N PHE C 325 -20.21 27.41 14.80
CA PHE C 325 -18.80 27.23 14.49
C PHE C 325 -18.45 28.16 13.33
N TRP C 326 -19.29 28.12 12.28
CA TRP C 326 -19.03 28.96 11.13
C TRP C 326 -19.15 30.44 11.50
N ALA C 327 -20.04 30.75 12.45
CA ALA C 327 -20.08 32.03 13.11
C ALA C 327 -18.70 32.36 13.71
N LEU C 328 -18.22 31.47 14.58
CA LEU C 328 -16.96 31.67 15.26
C LEU C 328 -15.82 31.91 14.27
N VAL C 329 -15.88 31.24 13.12
CA VAL C 329 -14.85 31.42 12.10
C VAL C 329 -14.95 32.83 11.55
N ALA C 330 -16.12 33.16 11.05
CA ALA C 330 -16.33 34.45 10.45
C ALA C 330 -16.01 35.53 11.48
N ASP C 331 -16.22 35.22 12.77
CA ASP C 331 -16.00 36.23 13.80
C ASP C 331 -14.50 36.50 13.88
N LEU C 332 -13.75 35.40 13.74
CA LEU C 332 -12.30 35.46 13.78
C LEU C 332 -11.80 36.24 12.56
N LEU C 333 -12.51 36.11 11.44
CA LEU C 333 -12.12 36.81 10.24
C LEU C 333 -12.40 38.31 10.45
N THR C 334 -13.41 38.61 11.26
CA THR C 334 -13.76 39.99 11.56
C THR C 334 -12.73 40.59 12.53
N LEU C 335 -12.32 39.79 13.53
CA LEU C 335 -11.29 40.23 14.44
C LEU C 335 -9.97 40.51 13.71
N THR C 336 -9.70 39.75 12.64
CA THR C 336 -8.48 39.92 11.85
C THR C 336 -8.56 41.24 11.13
N TRP C 337 -9.73 41.51 10.53
CA TRP C 337 -9.94 42.78 9.84
C TRP C 337 -9.81 43.93 10.82
N ILE C 338 -10.52 43.85 11.95
CA ILE C 338 -10.59 44.90 12.94
C ILE C 338 -9.20 45.21 13.49
N GLY C 339 -8.39 44.16 13.69
CA GLY C 339 -7.04 44.30 14.19
C GLY C 339 -6.12 45.09 13.24
N GLY C 340 -6.43 45.06 11.95
CA GLY C 340 -5.62 45.77 10.98
C GLY C 340 -6.02 47.24 10.82
N GLN C 341 -7.14 47.64 11.43
CA GLN C 341 -7.67 49.00 11.28
C GLN C 341 -7.13 49.89 12.41
N PRO C 342 -7.17 51.24 12.23
CA PRO C 342 -6.87 52.19 13.33
C PRO C 342 -7.86 52.06 14.48
N VAL C 343 -7.43 52.41 15.71
CA VAL C 343 -8.31 52.35 16.87
C VAL C 343 -9.20 53.59 16.90
N GLU C 344 -10.36 53.48 16.23
CA GLU C 344 -11.25 54.58 15.94
C GLU C 344 -12.65 54.05 15.63
N HIS C 345 -13.61 54.96 15.46
CA HIS C 345 -14.97 54.54 15.15
C HIS C 345 -15.04 54.28 13.63
N PRO C 346 -15.88 53.31 13.17
CA PRO C 346 -16.61 52.35 14.04
C PRO C 346 -15.92 51.07 14.54
N TYR C 347 -14.62 50.96 14.27
CA TYR C 347 -13.86 49.73 14.47
C TYR C 347 -13.75 49.38 15.94
N ILE C 348 -13.71 50.40 16.81
CA ILE C 348 -13.56 50.14 18.22
C ILE C 348 -14.76 49.29 18.64
N THR C 349 -15.96 49.73 18.26
CA THR C 349 -17.15 49.06 18.73
C THR C 349 -17.26 47.66 18.11
N ILE C 350 -17.13 47.59 16.78
CA ILE C 350 -17.14 46.31 16.07
C ILE C 350 -16.23 45.32 16.80
N GLY C 351 -14.96 45.70 16.95
CA GLY C 351 -13.99 44.94 17.72
C GLY C 351 -14.49 44.45 19.08
N GLN C 352 -15.04 45.36 19.89
CA GLN C 352 -15.51 45.03 21.22
C GLN C 352 -16.56 43.93 21.10
N LEU C 353 -17.48 44.15 20.15
CA LEU C 353 -18.55 43.21 19.92
C LEU C 353 -17.97 41.87 19.47
N ALA C 354 -16.92 41.92 18.65
CA ALA C 354 -16.39 40.70 18.06
C ALA C 354 -15.68 39.90 19.15
N SER C 355 -14.99 40.61 20.04
CA SER C 355 -14.24 39.99 21.11
C SER C 355 -15.18 39.36 22.12
N VAL C 356 -16.32 40.01 22.36
CA VAL C 356 -17.33 39.45 23.25
C VAL C 356 -17.90 38.18 22.60
N LEU C 357 -18.18 38.25 21.29
CA LEU C 357 -18.79 37.16 20.51
C LEU C 357 -17.89 35.92 20.51
N TYR C 358 -16.58 36.16 20.38
CA TYR C 358 -15.56 35.12 20.44
C TYR C 358 -15.69 34.30 21.71
N PHE C 359 -15.57 34.93 22.87
CA PHE C 359 -15.46 34.20 24.12
C PHE C 359 -16.80 33.61 24.50
N LEU C 360 -17.85 34.31 24.06
CA LEU C 360 -19.25 33.95 24.27
C LEU C 360 -19.53 32.63 23.55
N LEU C 361 -19.13 32.56 22.26
CA LEU C 361 -19.30 31.36 21.45
C LEU C 361 -18.58 30.16 22.06
N ILE C 362 -17.33 30.33 22.52
CA ILE C 362 -16.54 29.21 23.02
C ILE C 362 -16.99 28.81 24.42
N LEU C 363 -17.26 29.80 25.28
CA LEU C 363 -17.49 29.51 26.68
C LEU C 363 -18.95 29.21 27.03
N VAL C 364 -19.91 29.57 26.17
CA VAL C 364 -21.31 29.55 26.58
C VAL C 364 -22.29 29.07 25.51
N LEU C 365 -22.26 29.68 24.30
CA LEU C 365 -23.19 29.37 23.23
C LEU C 365 -22.98 27.94 22.67
N MET C 366 -21.72 27.58 22.34
CA MET C 366 -21.48 26.31 21.66
C MET C 366 -21.69 25.13 22.59
N PRO C 367 -21.32 25.21 23.88
CA PRO C 367 -21.73 24.20 24.86
C PRO C 367 -23.24 24.02 25.00
N THR C 368 -23.97 25.13 25.02
CA THR C 368 -25.42 25.10 25.08
C THR C 368 -25.97 24.42 23.84
N ALA C 369 -25.41 24.80 22.68
CA ALA C 369 -25.88 24.30 21.40
C ALA C 369 -25.83 22.79 21.45
N GLY C 370 -24.74 22.27 22.03
CA GLY C 370 -24.49 20.85 22.20
C GLY C 370 -25.64 20.18 22.94
N THR C 371 -26.02 20.76 24.08
CA THR C 371 -27.05 20.16 24.93
C THR C 371 -28.43 20.19 24.26
N ILE C 372 -28.79 21.32 23.62
CA ILE C 372 -30.07 21.39 22.91
C ILE C 372 -30.14 20.23 21.92
N GLU C 373 -29.17 20.19 20.99
CA GLU C 373 -29.04 19.12 20.01
C GLU C 373 -29.32 17.78 20.68
N ASN C 374 -28.68 17.56 21.83
CA ASN C 374 -28.82 16.31 22.57
C ASN C 374 -30.27 16.08 22.92
N LYS C 375 -30.84 17.03 23.69
CA LYS C 375 -32.22 16.93 24.12
C LYS C 375 -33.11 16.65 22.90
N LEU C 376 -32.73 17.15 21.72
CA LEU C 376 -33.55 16.97 20.52
C LEU C 376 -33.45 15.56 19.96
N LEU C 377 -32.42 14.81 20.35
CA LEU C 377 -32.29 13.42 19.94
C LEU C 377 -32.83 12.49 21.03
N LYS C 378 -33.23 13.08 22.16
CA LYS C 378 -33.58 12.37 23.38
C LYS C 378 -32.34 11.67 23.92
N TRP C 379 -31.17 12.25 23.62
CA TRP C 379 -29.93 11.99 24.34
C TRP C 379 -30.06 12.61 25.75
N ASP D 1 -6.92 65.70 7.47
CA ASP D 1 -6.68 64.22 7.29
C ASP D 1 -7.85 63.48 6.60
N LEU D 2 -8.30 63.93 5.42
CA LEU D 2 -8.91 62.91 4.59
C LEU D 2 -7.78 62.20 3.85
N GLU D 3 -8.10 61.23 3.01
CA GLU D 3 -7.03 60.59 2.26
C GLU D 3 -7.51 60.35 0.83
N LEU D 4 -6.64 60.63 -0.13
CA LEU D 4 -6.91 60.32 -1.51
C LEU D 4 -5.85 59.34 -1.98
N HIS D 5 -6.29 58.09 -2.22
CA HIS D 5 -5.41 57.02 -2.65
C HIS D 5 -5.16 57.18 -4.15
N PRO D 6 -4.00 56.78 -4.68
CA PRO D 6 -3.70 56.98 -6.11
C PRO D 6 -4.56 56.07 -6.98
N PRO D 7 -4.91 56.44 -8.23
CA PRO D 7 -5.53 55.50 -9.17
C PRO D 7 -4.50 54.54 -9.76
N SER D 8 -4.97 53.44 -10.37
CA SER D 8 -4.11 52.33 -10.73
C SER D 8 -3.78 52.35 -12.22
N TYR D 9 -2.65 53.01 -12.55
CA TYR D 9 -2.25 53.35 -13.90
C TYR D 9 -1.78 52.08 -14.61
N PRO D 10 -2.06 51.92 -15.93
CA PRO D 10 -1.82 50.65 -16.62
C PRO D 10 -0.37 50.62 -17.09
N TRP D 11 0.53 50.33 -16.14
CA TRP D 11 1.98 50.28 -16.38
C TRP D 11 2.31 49.17 -17.38
N SER D 12 3.48 49.31 -18.04
CA SER D 12 4.03 48.34 -18.98
C SER D 12 4.34 46.99 -18.32
N HIS D 13 4.36 46.97 -16.97
CA HIS D 13 4.69 45.80 -16.18
C HIS D 13 3.59 45.45 -15.16
N ARG D 14 2.35 45.97 -15.34
CA ARG D 14 1.28 45.78 -14.37
C ARG D 14 0.85 44.30 -14.30
N GLY D 15 0.84 43.63 -15.46
CA GLY D 15 0.26 42.30 -15.62
C GLY D 15 1.12 41.19 -15.05
N LEU D 16 0.57 39.95 -15.07
CA LEU D 16 1.17 38.81 -14.42
C LEU D 16 2.53 38.50 -15.04
N LEU D 17 2.54 38.45 -16.37
CA LEU D 17 3.69 37.94 -17.08
C LEU D 17 4.48 39.07 -17.74
N SER D 18 4.12 40.33 -17.41
CA SER D 18 4.69 41.53 -17.99
C SER D 18 5.99 41.92 -17.30
N SER D 19 7.06 42.04 -18.11
CA SER D 19 8.35 42.49 -17.65
C SER D 19 8.33 44.00 -17.53
N LEU D 20 9.35 44.55 -16.86
CA LEU D 20 9.65 45.97 -16.94
C LEU D 20 10.16 46.32 -18.34
N ASP D 21 9.78 47.52 -18.82
CA ASP D 21 10.32 48.15 -20.01
C ASP D 21 11.72 48.72 -19.73
N HIS D 22 12.77 48.05 -20.22
CA HIS D 22 14.13 48.36 -19.80
C HIS D 22 14.60 49.71 -20.37
N THR D 23 14.04 50.09 -21.53
CA THR D 23 14.36 51.36 -22.16
C THR D 23 13.79 52.46 -21.28
N SER D 24 12.61 52.20 -20.70
CA SER D 24 11.97 53.07 -19.71
C SER D 24 12.85 53.20 -18.45
N ILE D 25 13.51 52.11 -18.05
CA ILE D 25 14.34 52.12 -16.85
C ILE D 25 15.56 52.99 -17.09
N ARG D 26 16.11 52.92 -18.32
CA ARG D 26 17.32 53.64 -18.68
C ARG D 26 17.07 55.14 -18.64
N ARG D 27 15.86 55.55 -19.02
CA ARG D 27 15.45 56.95 -18.95
C ARG D 27 15.25 57.33 -17.50
N GLY D 28 14.50 56.50 -16.78
CA GLY D 28 14.14 56.68 -15.38
C GLY D 28 15.37 56.79 -14.47
N PHE D 29 16.41 56.02 -14.85
CA PHE D 29 17.69 56.09 -14.18
C PHE D 29 18.21 57.53 -14.27
N GLN D 30 18.20 58.07 -15.49
CA GLN D 30 18.67 59.41 -15.74
C GLN D 30 17.85 60.43 -14.94
N VAL D 31 16.57 60.15 -14.70
CA VAL D 31 15.74 61.09 -13.94
C VAL D 31 16.12 61.04 -12.46
N TYR D 32 16.71 59.93 -12.01
CA TYR D 32 17.30 59.96 -10.69
C TYR D 32 18.59 60.79 -10.74
N LYS D 33 19.41 60.50 -11.77
CA LYS D 33 20.76 61.02 -11.96
C LYS D 33 20.74 62.55 -11.97
N GLN D 34 20.00 63.13 -12.93
CA GLN D 34 20.08 64.57 -13.17
C GLN D 34 19.25 65.32 -12.15
N VAL D 35 18.23 64.66 -11.58
CA VAL D 35 17.27 65.41 -10.71
C VAL D 35 17.39 65.06 -9.22
N CYS D 36 17.11 63.82 -8.80
CA CYS D 36 17.07 63.53 -7.34
C CYS D 36 18.45 63.31 -6.71
N SER D 37 19.41 62.73 -7.45
CA SER D 37 20.73 62.42 -6.84
C SER D 37 21.19 63.58 -5.96
N SER D 38 20.73 64.79 -6.25
CA SER D 38 21.12 66.00 -5.53
C SER D 38 20.51 66.04 -4.13
N CYS D 39 19.29 65.53 -4.02
CA CYS D 39 18.56 65.59 -2.76
C CYS D 39 18.52 64.17 -2.18
N HIS D 40 18.09 63.19 -2.99
CA HIS D 40 17.88 61.81 -2.46
C HIS D 40 19.08 60.87 -2.65
N SER D 41 19.08 59.75 -1.92
CA SER D 41 20.13 58.74 -1.99
C SER D 41 19.56 57.42 -2.50
N MET D 42 20.44 56.49 -2.90
CA MET D 42 19.95 55.21 -3.33
C MET D 42 21.06 54.19 -3.11
N ASP D 43 21.24 53.84 -1.82
CA ASP D 43 22.37 53.11 -1.27
C ASP D 43 22.52 51.66 -1.80
N TYR D 44 21.43 51.03 -2.28
CA TYR D 44 21.50 49.60 -2.55
C TYR D 44 21.78 49.32 -4.03
N VAL D 45 21.88 50.39 -4.84
CA VAL D 45 22.16 50.25 -6.27
C VAL D 45 23.55 50.77 -6.55
N ALA D 46 24.37 49.95 -7.20
CA ALA D 46 25.70 50.36 -7.59
C ALA D 46 25.75 50.46 -9.11
N TYR D 47 26.84 51.05 -9.60
CA TYR D 47 27.02 51.22 -11.03
C TYR D 47 26.87 49.86 -11.71
N ARG D 48 27.33 48.80 -11.03
CA ARG D 48 27.38 47.51 -11.68
C ARG D 48 25.97 47.03 -11.96
N HIS D 49 25.04 47.37 -11.07
CA HIS D 49 23.71 46.77 -11.09
C HIS D 49 23.02 47.11 -12.41
N LEU D 50 23.45 48.21 -13.06
CA LEU D 50 22.78 48.70 -14.26
C LEU D 50 23.11 47.82 -15.45
N VAL D 51 24.30 47.19 -15.43
CA VAL D 51 24.82 46.36 -16.50
C VAL D 51 23.88 45.18 -16.76
N GLY D 52 23.53 44.94 -18.02
CA GLY D 52 22.64 43.85 -18.40
C GLY D 52 21.18 44.19 -18.12
N VAL D 53 20.93 45.46 -17.76
CA VAL D 53 19.60 45.87 -17.34
C VAL D 53 19.19 47.12 -18.14
N CYS D 54 19.93 48.22 -17.97
CA CYS D 54 19.67 49.40 -18.79
C CYS D 54 20.93 49.90 -19.49
N TYR D 55 22.13 49.50 -19.03
CA TYR D 55 23.39 49.96 -19.60
C TYR D 55 24.30 48.78 -19.94
N THR D 56 25.14 48.92 -20.98
CA THR D 56 26.17 47.92 -21.26
C THR D 56 27.20 48.01 -20.15
N GLU D 57 28.14 47.06 -20.15
CA GLU D 57 29.16 47.09 -19.12
C GLU D 57 29.94 48.40 -19.22
N ASP D 58 30.30 48.74 -20.47
CA ASP D 58 31.19 49.84 -20.75
C ASP D 58 30.50 51.17 -20.47
N GLU D 59 29.20 51.27 -20.80
CA GLU D 59 28.43 52.48 -20.52
C GLU D 59 28.41 52.75 -19.03
N ALA D 60 28.16 51.68 -18.25
CA ALA D 60 28.01 51.76 -16.82
C ALA D 60 29.35 52.14 -16.17
N LYS D 61 30.45 51.70 -16.80
CA LYS D 61 31.78 52.08 -16.34
C LYS D 61 31.97 53.59 -16.48
N ALA D 62 31.46 54.17 -17.57
CA ALA D 62 31.63 55.59 -17.86
C ALA D 62 30.81 56.42 -16.87
N LEU D 63 29.60 55.94 -16.58
CA LEU D 63 28.69 56.56 -15.63
C LEU D 63 29.30 56.57 -14.24
N ALA D 64 30.10 55.54 -13.97
CA ALA D 64 30.74 55.35 -12.67
C ALA D 64 31.90 56.32 -12.56
N GLU D 65 32.66 56.43 -13.66
CA GLU D 65 33.88 57.22 -13.72
C GLU D 65 33.54 58.69 -13.49
N GLU D 66 32.30 59.06 -13.82
CA GLU D 66 31.85 60.44 -13.77
C GLU D 66 31.63 60.93 -12.35
N VAL D 67 31.93 60.11 -11.33
CA VAL D 67 31.66 60.62 -10.00
C VAL D 67 32.87 60.41 -9.08
N GLU D 68 32.99 61.31 -8.09
CA GLU D 68 33.96 61.26 -7.01
C GLU D 68 33.48 60.26 -5.97
N VAL D 69 34.42 59.55 -5.32
CA VAL D 69 34.12 58.83 -4.09
C VAL D 69 35.41 58.69 -3.28
N GLN D 70 35.27 58.74 -1.95
CA GLN D 70 36.39 58.63 -1.03
C GLN D 70 36.82 57.19 -0.99
N ASP D 71 38.13 56.97 -0.79
CA ASP D 71 38.75 55.66 -0.65
C ASP D 71 39.99 55.83 0.22
N GLY D 72 40.51 54.74 0.76
CA GLY D 72 41.71 54.88 1.58
C GLY D 72 41.68 53.92 2.76
N PRO D 73 42.67 54.00 3.67
CA PRO D 73 43.81 54.91 3.50
C PRO D 73 44.79 54.48 2.41
N ASN D 74 45.69 55.39 2.00
CA ASN D 74 46.94 55.00 1.36
C ASN D 74 47.95 54.79 2.47
N GLU D 75 49.17 54.33 2.15
CA GLU D 75 50.06 53.83 3.19
C GLU D 75 50.47 54.93 4.16
N ASP D 76 50.35 56.19 3.73
CA ASP D 76 50.73 57.34 4.53
C ASP D 76 49.74 57.52 5.67
N GLY D 77 48.52 57.02 5.45
CA GLY D 77 47.45 57.13 6.41
C GLY D 77 46.49 58.25 6.03
N GLU D 78 46.31 58.51 4.73
CA GLU D 78 45.44 59.58 4.29
C GLU D 78 44.25 58.98 3.56
N MET D 79 43.08 59.60 3.74
CA MET D 79 41.93 59.25 2.92
C MET D 79 41.95 60.13 1.67
N PHE D 80 42.08 59.52 0.49
CA PHE D 80 41.97 60.28 -0.75
C PHE D 80 40.57 60.17 -1.36
N MET D 81 40.40 60.80 -2.53
CA MET D 81 39.18 60.76 -3.33
C MET D 81 39.57 60.26 -4.72
N ARG D 82 38.71 59.47 -5.37
CA ARG D 82 39.08 58.84 -6.63
C ARG D 82 37.86 58.71 -7.54
N PRO D 83 38.08 58.35 -8.84
CA PRO D 83 36.98 58.03 -9.77
C PRO D 83 36.27 56.73 -9.38
N GLY D 84 34.93 56.72 -9.54
CA GLY D 84 34.12 55.55 -9.24
C GLY D 84 34.38 54.37 -10.18
N LYS D 85 34.23 53.15 -9.65
CA LYS D 85 34.25 51.92 -10.44
C LYS D 85 32.83 51.36 -10.47
N LEU D 86 32.68 50.18 -11.09
CA LEU D 86 31.39 49.50 -11.11
C LEU D 86 31.03 49.07 -9.69
N SER D 87 32.07 48.79 -8.89
CA SER D 87 31.93 48.26 -7.54
C SER D 87 31.55 49.33 -6.51
N ASP D 88 31.47 50.59 -6.94
CA ASP D 88 31.02 51.66 -6.06
C ASP D 88 29.52 51.80 -6.17
N TYR D 89 28.85 52.06 -5.03
CA TYR D 89 27.41 52.30 -5.01
C TYR D 89 27.12 53.74 -5.44
N PHE D 90 25.87 54.03 -5.86
CA PHE D 90 25.41 55.39 -6.08
C PHE D 90 25.61 56.21 -4.82
N PRO D 91 26.33 57.35 -4.88
CA PRO D 91 26.93 57.95 -3.69
C PRO D 91 25.96 58.87 -2.96
N LYS D 92 26.07 58.95 -1.63
CA LYS D 92 25.04 59.68 -0.90
C LYS D 92 25.21 61.18 -1.15
N PRO D 93 24.13 61.99 -1.27
CA PRO D 93 24.26 63.44 -1.24
C PRO D 93 24.98 64.05 -0.02
N TYR D 94 24.59 63.71 1.21
CA TYR D 94 25.20 64.34 2.37
C TYR D 94 26.03 63.33 3.19
N PRO D 95 26.87 63.77 4.17
CA PRO D 95 27.64 62.85 5.01
C PRO D 95 26.88 62.00 6.03
N ASN D 96 25.62 62.37 6.30
CA ASN D 96 24.78 61.78 7.34
C ASN D 96 23.37 62.37 7.31
N PRO D 97 22.40 61.83 8.09
CA PRO D 97 21.02 62.32 8.09
C PRO D 97 20.86 63.77 8.53
N GLU D 98 21.62 64.13 9.57
CA GLU D 98 21.55 65.44 10.21
C GLU D 98 21.90 66.52 9.19
N ALA D 99 22.91 66.23 8.35
CA ALA D 99 23.37 67.16 7.33
C ALA D 99 22.33 67.31 6.23
N ALA D 100 21.61 66.23 5.93
CA ALA D 100 20.59 66.21 4.89
C ALA D 100 19.38 67.07 5.27
N ARG D 101 19.05 67.09 6.58
CA ARG D 101 17.94 67.86 7.11
C ARG D 101 18.22 69.36 6.96
N ALA D 102 19.47 69.74 7.29
CA ALA D 102 19.96 71.11 7.21
C ALA D 102 19.67 71.67 5.81
N ALA D 103 19.86 70.82 4.79
CA ALA D 103 19.87 71.24 3.39
C ALA D 103 18.46 71.41 2.83
N ASN D 104 17.47 70.84 3.52
CA ASN D 104 16.15 70.74 2.93
C ASN D 104 15.11 71.25 3.90
N ASN D 105 15.54 72.12 4.82
CA ASN D 105 14.62 72.80 5.72
C ASN D 105 13.98 71.79 6.65
N GLY D 106 14.81 70.98 7.31
CA GLY D 106 14.34 70.13 8.41
C GLY D 106 13.91 68.74 7.96
N ALA D 107 13.34 68.66 6.76
CA ALA D 107 12.95 67.40 6.14
C ALA D 107 14.20 66.63 5.72
N LEU D 108 14.20 65.33 6.07
CA LEU D 108 15.15 64.36 5.56
C LEU D 108 14.57 63.72 4.30
N PRO D 109 15.18 63.89 3.11
CA PRO D 109 14.73 63.17 1.91
C PRO D 109 14.96 61.67 2.13
N PRO D 110 13.89 60.84 2.03
CA PRO D 110 14.05 59.39 2.16
C PRO D 110 14.98 58.82 1.07
N ASP D 111 15.72 57.74 1.39
CA ASP D 111 16.47 57.01 0.38
C ASP D 111 15.47 56.42 -0.63
N LEU D 112 15.81 56.34 -1.92
CA LEU D 112 14.82 55.95 -2.90
C LEU D 112 14.92 54.48 -3.30
N SER D 113 15.87 53.72 -2.71
CA SER D 113 16.19 52.34 -3.06
C SER D 113 14.97 51.44 -3.06
N TYR D 114 14.12 51.64 -2.03
CA TYR D 114 13.02 50.76 -1.74
C TYR D 114 11.71 51.52 -1.69
N ILE D 115 11.69 52.73 -2.28
CA ILE D 115 10.60 53.67 -2.01
C ILE D 115 9.31 53.13 -2.61
N VAL D 116 9.43 52.38 -3.71
CA VAL D 116 8.24 51.84 -4.32
C VAL D 116 7.69 50.74 -3.42
N ARG D 117 8.61 50.02 -2.75
CA ARG D 117 8.18 48.92 -1.92
C ARG D 117 7.70 49.43 -0.56
N ALA D 118 8.24 50.58 -0.12
CA ALA D 118 8.05 51.04 1.25
C ALA D 118 6.91 52.04 1.37
N ARG D 119 6.20 52.29 0.27
CA ARG D 119 5.04 53.15 0.32
C ARG D 119 3.89 52.39 -0.31
N HIS D 120 2.82 52.21 0.49
CA HIS D 120 1.54 51.75 0.00
C HIS D 120 1.23 52.41 -1.35
N GLY D 121 1.05 51.63 -2.41
CA GLY D 121 0.58 52.18 -3.67
C GLY D 121 1.66 52.09 -4.73
N GLY D 122 2.93 52.07 -4.26
CA GLY D 122 4.07 51.80 -5.11
C GLY D 122 4.27 52.86 -6.19
N GLU D 123 4.37 52.40 -7.44
CA GLU D 123 4.66 53.33 -8.52
C GLU D 123 3.44 54.18 -8.84
N ASP D 124 2.24 53.64 -8.58
CA ASP D 124 1.02 54.41 -8.74
C ASP D 124 1.07 55.61 -7.80
N TYR D 125 1.57 55.38 -6.58
CA TYR D 125 1.56 56.40 -5.57
C TYR D 125 2.59 57.48 -5.90
N VAL D 126 3.82 57.04 -6.19
CA VAL D 126 4.93 57.96 -6.45
C VAL D 126 4.59 58.79 -7.69
N PHE D 127 4.02 58.15 -8.71
CA PHE D 127 3.68 58.85 -9.92
C PHE D 127 2.61 59.91 -9.64
N SER D 128 1.64 59.57 -8.79
CA SER D 128 0.60 60.52 -8.47
C SER D 128 1.18 61.69 -7.69
N LEU D 129 2.14 61.42 -6.82
CA LEU D 129 2.77 62.46 -6.01
C LEU D 129 3.52 63.43 -6.93
N LEU D 130 4.28 62.88 -7.90
CA LEU D 130 5.18 63.70 -8.70
C LEU D 130 4.39 64.59 -9.64
N THR D 131 3.23 64.10 -10.10
CA THR D 131 2.45 64.82 -11.09
C THR D 131 1.21 65.47 -10.45
N GLY D 132 1.04 65.32 -9.14
CA GLY D 132 -0.21 65.71 -8.51
C GLY D 132 -0.09 67.02 -7.75
N TYR D 133 1.09 67.64 -7.85
CA TYR D 133 1.35 68.90 -7.18
C TYR D 133 0.35 69.95 -7.66
N CYS D 134 -0.37 70.60 -6.73
CA CYS D 134 -1.34 71.59 -7.16
C CYS D 134 -1.41 72.76 -6.16
N GLU D 135 -2.07 73.86 -6.58
CA GLU D 135 -2.35 75.03 -5.74
C GLU D 135 -3.30 74.63 -4.61
N PRO D 136 -3.10 75.08 -3.35
CA PRO D 136 -3.98 74.73 -2.24
C PRO D 136 -5.46 74.90 -2.55
N PRO D 137 -6.37 74.17 -1.87
CA PRO D 137 -7.80 74.48 -1.96
C PRO D 137 -8.05 75.73 -1.13
N THR D 138 -9.15 76.42 -1.43
CA THR D 138 -9.49 77.62 -0.67
C THR D 138 -9.77 77.20 0.77
N GLY D 139 -9.36 78.05 1.72
CA GLY D 139 -9.49 77.76 3.15
C GLY D 139 -8.16 77.32 3.78
N VAL D 140 -7.12 77.22 2.95
CA VAL D 140 -5.94 76.44 3.29
C VAL D 140 -4.70 77.33 3.29
N SER D 141 -3.96 77.33 4.40
CA SER D 141 -2.67 78.00 4.39
C SER D 141 -1.58 77.05 4.88
N LEU D 142 -0.80 76.50 3.96
CA LEU D 142 0.32 75.64 4.34
C LEU D 142 1.41 76.52 4.98
N ARG D 143 2.25 75.94 5.84
CA ARG D 143 3.34 76.70 6.48
C ARG D 143 4.49 76.99 5.51
N GLU D 144 5.69 77.23 6.04
CA GLU D 144 6.85 77.61 5.19
C GLU D 144 7.39 76.41 4.41
N GLY D 145 7.55 76.55 3.09
CA GLY D 145 8.14 75.47 2.27
C GLY D 145 7.37 74.18 2.38
N LEU D 146 6.23 74.19 3.08
CA LEU D 146 5.38 72.98 3.18
C LEU D 146 4.41 73.04 2.01
N TYR D 147 4.86 72.64 0.83
CA TYR D 147 4.02 72.71 -0.36
C TYR D 147 2.81 71.77 -0.28
N PHE D 148 1.86 71.93 -1.19
CA PHE D 148 0.63 71.18 -1.11
C PHE D 148 0.58 70.09 -2.17
N ASN D 149 0.49 68.86 -1.67
CA ASN D 149 0.28 67.72 -2.53
C ASN D 149 -0.89 66.91 -2.00
N PRO D 150 -1.93 66.67 -2.82
CA PRO D 150 -3.11 65.92 -2.37
C PRO D 150 -2.92 64.43 -2.05
N TYR D 151 -1.80 63.85 -2.48
CA TYR D 151 -1.57 62.43 -2.27
C TYR D 151 -0.68 62.16 -1.07
N PHE D 152 -0.01 63.19 -0.54
CA PHE D 152 0.85 63.01 0.63
C PHE D 152 -0.02 62.96 1.89
N PRO D 153 0.38 62.16 2.90
CA PRO D 153 -0.30 62.16 4.19
C PRO D 153 -0.24 63.51 4.92
N GLY D 154 -1.42 63.95 5.37
CA GLY D 154 -1.56 65.26 5.98
C GLY D 154 -1.65 66.35 4.93
N GLN D 155 -1.53 65.97 3.65
CA GLN D 155 -1.75 66.81 2.46
C GLN D 155 -0.67 67.89 2.31
N ALA D 156 0.32 67.94 3.21
CA ALA D 156 1.34 68.97 3.10
C ALA D 156 2.74 68.35 3.14
N ILE D 157 3.51 68.60 2.06
CA ILE D 157 4.81 67.98 1.85
C ILE D 157 5.90 69.06 1.85
N GLY D 158 7.09 68.68 2.33
CA GLY D 158 8.22 69.57 2.32
C GLY D 158 9.19 69.21 1.19
N MET D 159 8.63 69.02 -0.02
CA MET D 159 9.43 68.78 -1.22
C MET D 159 8.85 69.59 -2.36
N ALA D 160 9.69 70.45 -2.96
CA ALA D 160 9.28 71.27 -4.09
C ALA D 160 8.94 70.35 -5.26
N PRO D 161 7.86 70.64 -6.02
CA PRO D 161 7.54 69.88 -7.24
C PRO D 161 8.78 69.63 -8.08
N PRO D 162 9.36 68.41 -8.07
CA PRO D 162 10.72 68.21 -8.56
C PRO D 162 10.73 68.07 -10.09
N ILE D 163 9.59 67.68 -10.66
CA ILE D 163 9.59 67.50 -12.10
C ILE D 163 8.61 68.49 -12.71
N TYR D 164 8.94 68.91 -13.95
CA TYR D 164 8.18 69.84 -14.78
C TYR D 164 8.64 69.55 -16.21
N ASN D 165 8.04 70.20 -17.21
CA ASN D 165 8.37 69.84 -18.58
C ASN D 165 9.80 70.22 -18.90
N GLU D 166 10.51 69.33 -19.58
CA GLU D 166 11.89 69.53 -20.01
C GLU D 166 12.80 69.82 -18.82
N VAL D 167 12.68 69.04 -17.74
CA VAL D 167 13.60 69.19 -16.62
C VAL D 167 14.92 68.47 -16.95
N LEU D 168 14.95 67.72 -18.06
CA LEU D 168 16.18 67.17 -18.62
C LEU D 168 15.94 66.74 -20.08
N GLU D 169 17.03 66.62 -20.83
CA GLU D 169 16.98 66.04 -22.17
C GLU D 169 17.31 64.56 -22.00
N PHE D 170 16.53 63.66 -22.62
CA PHE D 170 16.78 62.23 -22.47
C PHE D 170 17.80 61.80 -23.50
N ASP D 171 18.64 60.80 -23.16
CA ASP D 171 19.68 60.27 -24.03
C ASP D 171 19.10 59.90 -25.40
N ASP D 172 17.91 59.30 -25.42
CA ASP D 172 17.34 58.73 -26.64
C ASP D 172 16.41 59.73 -27.33
N GLY D 173 16.29 60.93 -26.76
CA GLY D 173 15.53 62.03 -27.37
C GLY D 173 14.01 61.91 -27.25
N THR D 174 13.54 61.35 -26.12
CA THR D 174 12.11 61.31 -25.86
C THR D 174 11.65 62.69 -25.37
N PRO D 175 10.52 63.22 -25.90
CA PRO D 175 9.99 64.50 -25.43
C PRO D 175 9.70 64.48 -23.94
N ALA D 176 10.54 65.19 -23.17
CA ALA D 176 10.56 65.12 -21.71
C ALA D 176 9.42 65.91 -21.05
N THR D 177 8.17 65.46 -21.28
CA THR D 177 6.97 65.98 -20.62
C THR D 177 7.02 65.58 -19.14
N MET D 178 6.30 66.30 -18.27
CA MET D 178 6.34 66.01 -16.85
C MET D 178 5.88 64.58 -16.58
N SER D 179 4.81 64.19 -17.30
CA SER D 179 4.19 62.88 -17.16
C SER D 179 5.14 61.76 -17.60
N GLN D 180 5.82 61.97 -18.73
CA GLN D 180 6.77 61.01 -19.28
C GLN D 180 7.96 60.84 -18.33
N VAL D 181 8.42 61.95 -17.74
CA VAL D 181 9.55 61.94 -16.82
C VAL D 181 9.18 61.15 -15.57
N ALA D 182 7.91 61.27 -15.14
CA ALA D 182 7.48 60.60 -13.92
C ALA D 182 7.29 59.10 -14.19
N LYS D 183 6.71 58.77 -15.35
CA LYS D 183 6.52 57.38 -15.76
C LYS D 183 7.85 56.65 -15.74
N ASP D 184 8.87 57.26 -16.37
CA ASP D 184 10.15 56.61 -16.54
C ASP D 184 10.84 56.39 -15.18
N VAL D 185 10.86 57.41 -14.32
CA VAL D 185 11.57 57.33 -13.04
C VAL D 185 10.93 56.32 -12.11
N CYS D 186 9.59 56.22 -12.20
CA CYS D 186 8.84 55.22 -11.46
C CYS D 186 9.23 53.82 -11.93
N THR D 187 9.24 53.60 -13.26
CA THR D 187 9.73 52.35 -13.86
C THR D 187 11.11 51.98 -13.28
N PHE D 188 11.97 52.97 -13.06
CA PHE D 188 13.30 52.68 -12.54
C PHE D 188 13.23 52.43 -11.04
N LEU D 189 12.38 53.17 -10.33
CA LEU D 189 12.25 53.02 -8.89
C LEU D 189 11.60 51.68 -8.52
N ARG D 190 10.77 51.17 -9.42
CA ARG D 190 10.26 49.81 -9.34
C ARG D 190 11.41 48.82 -9.30
N TRP D 191 12.29 48.93 -10.30
CA TRP D 191 13.43 48.05 -10.51
C TRP D 191 14.46 48.22 -9.38
N ALA D 192 14.56 49.45 -8.87
CA ALA D 192 15.44 49.76 -7.75
C ALA D 192 15.06 48.85 -6.60
N ALA D 193 13.76 48.90 -6.27
CA ALA D 193 13.19 48.24 -5.11
C ALA D 193 13.06 46.74 -5.35
N GLU D 194 12.92 46.30 -6.62
CA GLU D 194 12.69 44.88 -6.88
C GLU D 194 13.41 44.45 -8.16
N PRO D 195 14.73 44.18 -8.17
CA PRO D 195 15.45 43.96 -9.42
C PRO D 195 15.04 42.62 -10.00
N GLU D 196 14.44 41.79 -9.15
CA GLU D 196 14.10 40.42 -9.51
C GLU D 196 12.90 40.38 -10.44
N HIS D 197 12.06 41.41 -10.35
CA HIS D 197 10.77 41.48 -11.08
C HIS D 197 10.71 40.65 -12.35
N ASP D 198 11.67 40.82 -13.24
CA ASP D 198 11.49 40.12 -14.50
C ASP D 198 11.77 38.63 -14.33
N HIS D 199 12.93 38.29 -13.76
CA HIS D 199 13.27 36.90 -13.50
C HIS D 199 12.15 36.19 -12.74
N ARG D 200 11.66 36.84 -11.68
CA ARG D 200 10.55 36.30 -10.90
C ARG D 200 9.37 35.88 -11.78
N LYS D 201 8.99 36.75 -12.72
CA LYS D 201 7.79 36.51 -13.52
C LYS D 201 8.05 35.40 -14.53
N ARG D 202 9.31 35.30 -14.99
CA ARG D 202 9.68 34.21 -15.87
C ARG D 202 9.40 32.92 -15.11
N MET D 203 9.90 32.89 -13.86
CA MET D 203 9.73 31.71 -13.03
C MET D 203 8.24 31.44 -12.81
N GLY D 204 7.45 32.50 -12.56
CA GLY D 204 6.00 32.41 -12.50
C GLY D 204 5.42 31.57 -13.65
N LEU D 205 5.77 31.92 -14.88
CA LEU D 205 5.14 31.30 -16.04
C LEU D 205 5.51 29.82 -16.11
N LYS D 206 6.78 29.53 -15.80
CA LYS D 206 7.29 28.18 -15.88
C LYS D 206 6.72 27.34 -14.75
N MET D 207 6.43 27.99 -13.62
CA MET D 207 5.80 27.33 -12.50
C MET D 207 4.32 27.03 -12.82
N LEU D 208 3.61 28.01 -13.40
CA LEU D 208 2.21 27.81 -13.77
C LEU D 208 2.10 26.68 -14.79
N LEU D 209 3.09 26.56 -15.67
CA LEU D 209 3.07 25.54 -16.69
C LEU D 209 3.37 24.18 -16.05
N MET D 210 4.37 24.14 -15.15
CA MET D 210 4.78 22.88 -14.58
C MET D 210 3.66 22.29 -13.73
N MET D 211 3.07 23.16 -12.90
CA MET D 211 1.89 22.84 -12.09
C MET D 211 0.72 22.45 -12.98
N GLY D 212 0.57 23.15 -14.11
CA GLY D 212 -0.44 22.76 -15.07
C GLY D 212 -0.25 21.31 -15.52
N LEU D 213 1.01 20.87 -15.61
CA LEU D 213 1.31 19.51 -16.01
C LEU D 213 1.02 18.56 -14.84
N LEU D 214 1.64 18.89 -13.69
CA LEU D 214 1.83 17.95 -12.61
C LEU D 214 0.54 17.79 -11.79
N LEU D 215 -0.24 18.87 -11.66
CA LEU D 215 -1.42 18.83 -10.81
C LEU D 215 -2.42 17.78 -11.30
N PRO D 216 -2.87 17.83 -12.57
CA PRO D 216 -3.75 16.79 -13.09
C PRO D 216 -3.09 15.41 -13.22
N LEU D 217 -1.77 15.34 -13.48
CA LEU D 217 -1.07 14.08 -13.56
C LEU D 217 -1.15 13.35 -12.21
N VAL D 218 -0.71 14.05 -11.15
CA VAL D 218 -0.67 13.53 -9.79
C VAL D 218 -2.09 13.26 -9.30
N TYR D 219 -3.04 14.08 -9.75
CA TYR D 219 -4.42 13.88 -9.35
C TYR D 219 -4.90 12.56 -9.95
N ALA D 220 -4.43 12.28 -11.16
CA ALA D 220 -4.82 11.05 -11.83
C ALA D 220 -4.12 9.87 -11.16
N MET D 221 -2.85 10.07 -10.73
CA MET D 221 -2.18 9.00 -10.00
C MET D 221 -2.97 8.67 -8.74
N LYS D 222 -3.46 9.72 -8.07
CA LYS D 222 -4.22 9.54 -6.84
C LYS D 222 -5.48 8.71 -7.12
N ARG D 223 -6.24 9.10 -8.15
CA ARG D 223 -7.55 8.52 -8.43
C ARG D 223 -7.35 7.06 -8.80
N HIS D 224 -6.18 6.78 -9.43
CA HIS D 224 -5.83 5.45 -9.90
C HIS D 224 -5.73 4.52 -8.71
N LYS D 225 -4.83 4.90 -7.78
CA LYS D 225 -4.58 4.09 -6.61
C LYS D 225 -5.88 3.93 -5.84
N TRP D 226 -6.67 5.01 -5.78
CA TRP D 226 -7.82 5.12 -4.89
C TRP D 226 -9.02 4.40 -5.47
N SER D 227 -8.99 4.17 -6.78
CA SER D 227 -10.08 3.54 -7.50
C SER D 227 -10.38 2.14 -6.96
N VAL D 228 -9.41 1.50 -6.30
CA VAL D 228 -9.61 0.19 -5.70
C VAL D 228 -10.77 0.26 -4.71
N LEU D 229 -10.75 1.32 -3.88
CA LEU D 229 -11.66 1.57 -2.78
C LEU D 229 -12.92 2.27 -3.28
N LYS D 230 -12.77 3.18 -4.27
CA LYS D 230 -13.88 4.00 -4.71
C LYS D 230 -15.01 3.16 -5.30
N SER D 231 -14.60 2.11 -6.07
CA SER D 231 -15.40 1.18 -6.86
C SER D 231 -16.11 0.16 -5.97
N ARG D 232 -15.42 -0.25 -4.90
CA ARG D 232 -15.77 -1.40 -4.08
C ARG D 232 -17.25 -1.38 -3.67
N LYS D 233 -17.85 -2.59 -3.63
CA LYS D 233 -19.22 -2.77 -3.21
C LYS D 233 -19.20 -3.67 -1.97
N LEU D 234 -20.11 -3.42 -1.01
CA LEU D 234 -20.16 -4.10 0.28
C LEU D 234 -21.41 -4.95 0.35
N ALA D 235 -21.35 -6.06 1.09
CA ALA D 235 -22.48 -6.94 1.32
C ALA D 235 -22.39 -7.53 2.72
N TYR D 236 -23.48 -7.39 3.46
CA TYR D 236 -23.65 -7.95 4.79
C TYR D 236 -24.51 -9.19 4.62
N ARG D 237 -23.91 -10.35 4.81
CA ARG D 237 -24.63 -11.58 4.51
C ARG D 237 -24.60 -12.45 5.75
N PRO D 238 -25.34 -11.99 6.80
CA PRO D 238 -25.45 -12.66 8.10
C PRO D 238 -26.10 -14.04 8.01
N PRO D 239 -25.84 -15.00 8.94
CA PRO D 239 -26.42 -16.33 8.82
C PRO D 239 -27.88 -16.35 9.30
N SER E 1 -26.66 -21.22 0.40
CA SER E 1 -25.26 -21.54 -0.04
C SER E 1 -24.45 -20.28 -0.27
N HIS E 2 -23.12 -20.43 -0.18
CA HIS E 2 -22.17 -19.41 -0.57
C HIS E 2 -22.13 -19.30 -2.09
N THR E 3 -22.73 -20.30 -2.75
CA THR E 3 -22.80 -20.38 -4.20
C THR E 3 -23.84 -19.38 -4.73
N ASP E 4 -24.63 -18.78 -3.83
CA ASP E 4 -25.62 -17.77 -4.20
C ASP E 4 -24.98 -16.38 -4.29
N ILE E 5 -23.70 -16.25 -3.89
CA ILE E 5 -22.93 -15.01 -3.99
C ILE E 5 -22.62 -14.81 -5.47
N LYS E 6 -23.04 -13.69 -6.07
CA LYS E 6 -22.46 -13.33 -7.35
C LYS E 6 -21.85 -11.93 -7.34
N VAL E 7 -20.74 -11.81 -8.07
CA VAL E 7 -19.94 -10.60 -8.04
C VAL E 7 -20.73 -9.48 -8.71
N PRO E 8 -20.82 -8.28 -8.11
CA PRO E 8 -21.59 -7.20 -8.71
C PRO E 8 -21.04 -6.83 -10.09
N ASP E 9 -21.85 -6.04 -10.81
CA ASP E 9 -21.49 -5.58 -12.13
C ASP E 9 -20.51 -4.41 -12.05
N PHE E 10 -19.31 -4.57 -12.62
CA PHE E 10 -18.35 -3.48 -12.52
C PHE E 10 -18.28 -2.65 -13.81
N SER E 11 -19.29 -2.82 -14.69
CA SER E 11 -19.17 -2.31 -16.03
C SER E 11 -19.01 -0.80 -15.98
N ASP E 12 -19.82 -0.17 -15.12
CA ASP E 12 -19.80 1.27 -14.90
C ASP E 12 -18.38 1.76 -14.61
N TYR E 13 -17.53 0.94 -13.99
CA TYR E 13 -16.25 1.39 -13.46
C TYR E 13 -15.08 1.04 -14.38
N ARG E 14 -15.30 0.03 -15.25
CA ARG E 14 -14.29 -0.63 -16.06
C ARG E 14 -13.75 0.30 -17.13
N ARG E 15 -12.51 0.03 -17.56
CA ARG E 15 -12.01 0.56 -18.81
C ARG E 15 -12.77 -0.11 -19.95
N PRO E 16 -13.09 0.61 -21.06
CA PRO E 16 -13.68 -0.02 -22.24
C PRO E 16 -12.89 -1.20 -22.80
N GLU E 17 -11.55 -1.16 -22.71
CA GLU E 17 -10.78 -2.30 -23.17
C GLU E 17 -11.20 -3.61 -22.50
N VAL E 18 -11.76 -3.58 -21.28
CA VAL E 18 -12.06 -4.80 -20.55
C VAL E 18 -13.56 -4.92 -20.29
N LEU E 19 -14.37 -4.24 -21.11
CA LEU E 19 -15.81 -4.28 -20.93
C LEU E 19 -16.37 -5.56 -21.56
N ASP E 20 -15.66 -6.05 -22.59
CA ASP E 20 -16.18 -7.13 -23.40
C ASP E 20 -15.90 -8.42 -22.64
N SER E 21 -16.98 -9.05 -22.14
CA SER E 21 -16.87 -10.11 -21.15
C SER E 21 -16.42 -11.43 -21.77
N THR E 22 -16.66 -11.54 -23.09
CA THR E 22 -16.34 -12.72 -23.89
C THR E 22 -14.98 -12.54 -24.59
N LYS E 23 -14.24 -11.47 -24.30
CA LYS E 23 -12.90 -11.41 -24.84
C LYS E 23 -11.85 -11.40 -23.73
N SER E 24 -10.60 -11.74 -24.10
CA SER E 24 -9.47 -11.85 -23.20
C SER E 24 -8.96 -10.45 -22.82
N SER E 25 -8.76 -10.21 -21.52
CA SER E 25 -8.16 -8.96 -21.07
C SER E 25 -6.69 -8.84 -21.48
N LYS E 26 -6.10 -9.95 -21.93
CA LYS E 26 -4.65 -10.06 -22.10
C LYS E 26 -4.16 -9.22 -23.29
N GLU E 27 -5.04 -8.92 -24.26
CA GLU E 27 -4.75 -7.97 -25.32
C GLU E 27 -4.25 -6.66 -24.71
N SER E 28 -5.15 -6.10 -23.90
CA SER E 28 -5.10 -4.73 -23.41
C SER E 28 -4.16 -4.60 -22.22
N SER E 29 -3.66 -5.73 -21.71
CA SER E 29 -2.82 -5.73 -20.52
C SER E 29 -1.53 -4.99 -20.81
N GLU E 30 -0.94 -5.23 -21.99
CA GLU E 30 0.24 -4.51 -22.44
C GLU E 30 -0.03 -3.00 -22.35
N ALA E 31 -1.24 -2.60 -22.75
CA ALA E 31 -1.61 -1.23 -23.07
C ALA E 31 -2.04 -0.48 -21.81
N ARG E 32 -2.91 -1.14 -21.02
CA ARG E 32 -3.58 -0.45 -19.94
C ARG E 32 -2.52 -0.04 -18.91
N LYS E 33 -1.52 -0.93 -18.77
CA LYS E 33 -0.37 -0.74 -17.91
C LYS E 33 0.46 0.41 -18.46
N GLY E 34 0.69 0.37 -19.77
CA GLY E 34 1.42 1.41 -20.47
C GLY E 34 0.90 2.83 -20.18
N PHE E 35 -0.43 3.01 -20.35
CA PHE E 35 -1.05 4.31 -20.14
C PHE E 35 -0.80 4.79 -18.71
N SER E 36 -0.97 3.86 -17.76
CA SER E 36 -0.91 4.19 -16.34
C SER E 36 0.52 4.51 -15.94
N TYR E 37 1.47 3.67 -16.36
CA TYR E 37 2.87 3.89 -16.03
C TYR E 37 3.43 5.13 -16.75
N LEU E 38 2.85 5.50 -17.91
CA LEU E 38 3.24 6.71 -18.62
C LEU E 38 2.97 7.93 -17.74
N VAL E 39 1.76 7.97 -17.16
CA VAL E 39 1.40 9.02 -16.22
C VAL E 39 2.46 9.08 -15.12
N THR E 40 2.75 7.92 -14.52
CA THR E 40 3.75 7.88 -13.47
C THR E 40 5.07 8.45 -13.99
N ALA E 41 5.47 7.99 -15.18
CA ALA E 41 6.80 8.24 -15.67
C ALA E 41 6.91 9.72 -16.04
N THR E 42 5.84 10.22 -16.67
CA THR E 42 5.78 11.61 -17.06
C THR E 42 5.93 12.50 -15.84
N THR E 43 5.11 12.22 -14.82
CA THR E 43 5.10 12.93 -13.54
C THR E 43 6.52 13.04 -12.97
N THR E 44 7.23 11.91 -12.93
CA THR E 44 8.59 11.90 -12.39
C THR E 44 9.49 12.83 -13.19
N VAL E 45 9.32 12.86 -14.52
CA VAL E 45 10.17 13.73 -15.32
C VAL E 45 9.90 15.19 -14.96
N GLY E 46 8.62 15.51 -14.70
CA GLY E 46 8.22 16.83 -14.25
C GLY E 46 8.87 17.17 -12.91
N VAL E 47 8.75 16.25 -11.94
CA VAL E 47 9.33 16.53 -10.65
C VAL E 47 10.86 16.55 -10.70
N ALA E 48 11.46 15.70 -11.56
CA ALA E 48 12.89 15.76 -11.73
C ALA E 48 13.26 17.20 -12.05
N TYR E 49 12.49 17.77 -12.99
CA TYR E 49 12.79 19.06 -13.59
C TYR E 49 12.80 20.09 -12.48
N ALA E 50 11.78 19.95 -11.63
CA ALA E 50 11.62 20.92 -10.56
C ALA E 50 12.78 20.73 -9.58
N ALA E 51 12.93 19.53 -9.05
CA ALA E 51 13.90 19.34 -7.98
C ALA E 51 15.27 19.81 -8.43
N LYS E 52 15.59 19.57 -9.72
CA LYS E 52 16.86 20.00 -10.25
C LYS E 52 17.01 21.50 -10.01
N ASN E 53 15.99 22.24 -10.43
CA ASN E 53 15.99 23.69 -10.31
C ASN E 53 16.06 24.15 -8.84
N VAL E 54 15.23 23.55 -7.99
CA VAL E 54 15.22 23.99 -6.60
C VAL E 54 16.61 23.78 -6.00
N VAL E 55 17.16 22.54 -6.13
CA VAL E 55 18.45 22.19 -5.53
C VAL E 55 19.52 23.10 -6.09
N SER E 56 19.46 23.25 -7.42
CA SER E 56 20.43 24.00 -8.18
C SER E 56 20.55 25.44 -7.66
N GLN E 57 19.38 26.08 -7.45
CA GLN E 57 19.34 27.40 -6.83
C GLN E 57 19.98 27.38 -5.42
N PHE E 58 19.53 26.45 -4.56
CA PHE E 58 19.99 26.52 -3.19
C PHE E 58 21.50 26.39 -3.17
N VAL E 59 22.04 25.58 -4.10
CA VAL E 59 23.47 25.35 -4.11
C VAL E 59 24.13 26.64 -4.58
N SER E 60 23.50 27.25 -5.58
CA SER E 60 23.96 28.52 -6.11
C SER E 60 24.11 29.57 -5.01
N SER E 61 23.19 29.60 -4.06
CA SER E 61 23.17 30.67 -3.06
C SER E 61 24.50 30.69 -2.32
N MET E 62 25.10 29.51 -2.19
CA MET E 62 26.25 29.36 -1.31
C MET E 62 27.51 29.64 -2.10
N SER E 63 27.36 29.73 -3.42
CA SER E 63 28.44 30.19 -4.28
C SER E 63 28.53 31.71 -4.25
N ALA E 64 29.67 32.25 -4.69
CA ALA E 64 29.99 33.64 -4.45
C ALA E 64 28.91 34.56 -5.00
N SER E 65 28.56 35.58 -4.19
CA SER E 65 27.58 36.63 -4.47
C SER E 65 28.15 37.65 -5.46
N ALA E 66 27.27 38.49 -6.04
CA ALA E 66 27.58 39.43 -7.12
C ALA E 66 28.62 40.45 -6.68
N ASP E 67 28.61 40.76 -5.38
CA ASP E 67 29.44 41.79 -4.77
C ASP E 67 30.85 41.24 -4.52
N VAL E 68 30.97 39.91 -4.32
CA VAL E 68 32.24 39.27 -4.05
C VAL E 68 32.96 39.09 -5.40
N LEU E 69 32.13 38.86 -6.42
CA LEU E 69 32.61 38.74 -7.78
C LEU E 69 33.07 40.10 -8.26
N ALA E 70 32.42 41.15 -7.77
CA ALA E 70 32.78 42.47 -8.23
C ALA E 70 34.15 42.91 -7.68
N MET E 71 34.65 42.35 -6.56
CA MET E 71 36.04 42.62 -6.18
C MET E 71 36.96 41.47 -6.62
N SER E 72 36.44 40.57 -7.46
CA SER E 72 37.22 39.48 -8.02
C SER E 72 38.42 39.99 -8.82
N LYS E 73 38.19 40.80 -9.86
CA LYS E 73 39.26 41.19 -10.78
C LYS E 73 39.70 42.64 -10.55
N ILE E 74 40.82 43.03 -11.18
CA ILE E 74 41.34 44.39 -11.16
C ILE E 74 41.78 44.79 -12.58
N GLU E 75 41.46 46.03 -12.99
CA GLU E 75 41.87 46.58 -14.28
C GLU E 75 42.95 47.60 -14.04
N ILE E 76 44.15 47.28 -14.53
CA ILE E 76 45.33 48.11 -14.39
C ILE E 76 45.76 48.59 -15.77
N LYS E 77 45.82 49.91 -15.96
CA LYS E 77 46.32 50.46 -17.21
C LYS E 77 47.85 50.40 -17.22
N LEU E 78 48.40 49.62 -18.16
CA LEU E 78 49.82 49.31 -18.17
C LEU E 78 50.64 50.54 -18.56
N SER E 79 50.08 51.38 -19.44
CA SER E 79 50.75 52.57 -19.93
C SER E 79 50.93 53.63 -18.83
N ASP E 80 50.49 53.35 -17.58
CA ASP E 80 50.61 54.26 -16.43
C ASP E 80 51.72 53.82 -15.47
N ILE E 81 52.35 52.67 -15.74
CA ILE E 81 53.52 52.24 -15.00
C ILE E 81 54.73 52.35 -15.92
N PRO E 82 55.58 53.39 -15.72
CA PRO E 82 56.79 53.57 -16.55
C PRO E 82 57.85 52.49 -16.29
N GLU E 83 58.87 52.39 -17.17
CA GLU E 83 59.87 51.35 -17.13
C GLU E 83 60.73 51.43 -15.88
N GLY E 84 60.78 50.35 -15.10
CA GLY E 84 61.65 50.30 -13.93
C GLY E 84 60.88 50.42 -12.62
N LYS E 85 59.64 50.95 -12.69
CA LYS E 85 58.87 51.30 -11.50
C LYS E 85 57.94 50.16 -11.10
N ASN E 86 57.84 49.98 -9.77
CA ASN E 86 56.94 49.02 -9.18
C ASN E 86 55.71 49.75 -8.64
N MET E 87 54.56 49.54 -9.30
CA MET E 87 53.30 50.11 -8.90
C MET E 87 52.51 49.08 -8.09
N ALA E 88 52.08 49.45 -6.88
CA ALA E 88 51.22 48.59 -6.08
C ALA E 88 49.76 49.03 -6.21
N PHE E 89 48.87 48.03 -6.20
CA PHE E 89 47.42 48.16 -6.20
C PHE E 89 46.84 47.43 -4.99
N LYS E 90 45.54 47.66 -4.66
CA LYS E 90 44.79 46.91 -3.64
C LYS E 90 43.87 45.88 -4.31
N TRP E 91 44.11 44.58 -4.01
CA TRP E 91 43.38 43.47 -4.61
C TRP E 91 43.22 42.28 -3.68
N ARG E 92 41.96 41.86 -3.47
CA ARG E 92 41.54 40.85 -2.49
C ARG E 92 42.01 41.28 -1.10
N GLY E 93 41.96 42.60 -0.83
CA GLY E 93 42.43 43.22 0.41
C GLY E 93 43.94 43.05 0.60
N LYS E 94 44.64 42.65 -0.47
CA LYS E 94 46.07 42.43 -0.45
C LYS E 94 46.74 43.44 -1.38
N PRO E 95 47.97 43.92 -1.05
CA PRO E 95 48.80 44.64 -2.01
C PRO E 95 49.18 43.78 -3.22
N LEU E 96 49.03 44.32 -4.43
CA LEU E 96 49.35 43.59 -5.65
C LEU E 96 50.38 44.39 -6.44
N PHE E 97 51.52 43.74 -6.77
CA PHE E 97 52.63 44.44 -7.40
C PHE E 97 52.66 44.16 -8.90
N VAL E 98 52.77 45.23 -9.66
CA VAL E 98 52.87 45.12 -11.10
C VAL E 98 54.07 45.95 -11.48
N ARG E 99 55.09 45.27 -12.01
CA ARG E 99 56.35 45.91 -12.29
C ARG E 99 56.68 45.89 -13.79
N HIS E 100 57.00 47.09 -14.29
CA HIS E 100 57.56 47.25 -15.62
C HIS E 100 59.05 46.92 -15.50
N ARG E 101 59.46 45.81 -16.11
CA ARG E 101 60.87 45.45 -16.02
C ARG E 101 61.59 45.98 -17.23
N THR E 102 62.81 46.46 -17.00
CA THR E 102 63.59 47.08 -18.05
C THR E 102 64.25 45.98 -18.89
N LYS E 103 64.83 46.38 -20.03
CA LYS E 103 65.49 45.46 -20.92
C LYS E 103 66.54 44.68 -20.15
N LYS E 104 67.16 45.38 -19.17
CA LYS E 104 68.24 44.89 -18.31
C LYS E 104 67.76 43.75 -17.42
N GLU E 105 66.64 43.95 -16.73
CA GLU E 105 66.11 42.99 -15.77
C GLU E 105 65.62 41.73 -16.48
N ILE E 106 65.08 41.84 -17.70
CA ILE E 106 64.63 40.70 -18.50
C ILE E 106 65.79 39.72 -18.72
N ASP E 107 66.90 40.27 -19.22
CA ASP E 107 68.08 39.49 -19.55
C ASP E 107 68.69 38.88 -18.28
N GLN E 108 68.64 39.63 -17.16
CA GLN E 108 69.26 39.28 -15.89
C GLN E 108 68.55 38.11 -15.21
N GLU E 109 67.20 38.07 -15.22
CA GLU E 109 66.43 36.97 -14.65
C GLU E 109 66.48 35.72 -15.51
N ALA E 110 66.64 35.90 -16.84
CA ALA E 110 66.76 34.79 -17.79
C ALA E 110 68.11 34.08 -17.62
N ALA E 111 69.12 34.81 -17.14
CA ALA E 111 70.48 34.27 -17.03
C ALA E 111 70.73 33.69 -15.65
N VAL E 112 69.79 33.93 -14.70
CA VAL E 112 69.90 33.56 -13.29
C VAL E 112 70.13 32.06 -13.19
N GLU E 113 71.16 31.75 -12.40
CA GLU E 113 71.62 30.42 -12.09
C GLU E 113 70.45 29.87 -11.28
N VAL E 114 69.68 28.92 -11.85
CA VAL E 114 68.36 28.49 -11.37
C VAL E 114 68.60 27.45 -10.27
N SER E 115 69.67 26.66 -10.38
CA SER E 115 69.95 25.63 -9.39
C SER E 115 70.49 26.18 -8.08
N GLN E 116 70.75 27.50 -7.98
CA GLN E 116 71.13 28.17 -6.74
C GLN E 116 69.90 28.65 -5.94
N LEU E 117 68.75 28.78 -6.61
CA LEU E 117 67.50 29.33 -6.07
C LEU E 117 66.98 28.43 -4.95
N ARG E 118 66.52 29.00 -3.82
CA ARG E 118 65.80 28.17 -2.88
C ARG E 118 64.49 27.65 -3.50
N ASP E 119 63.76 28.51 -4.24
CA ASP E 119 62.55 28.12 -4.95
C ASP E 119 62.74 28.41 -6.45
N PRO E 120 62.94 27.36 -7.29
CA PRO E 120 63.22 27.52 -8.73
C PRO E 120 62.28 28.51 -9.43
N GLN E 121 61.18 27.99 -10.00
CA GLN E 121 60.20 28.84 -10.72
C GLN E 121 60.94 29.81 -11.64
N HIS E 122 61.33 29.36 -12.84
CA HIS E 122 62.06 30.23 -13.74
C HIS E 122 61.21 31.46 -14.07
N ASP E 123 61.87 32.55 -14.46
CA ASP E 123 61.20 33.81 -14.75
C ASP E 123 60.08 33.61 -15.78
N LEU E 124 60.40 33.04 -16.95
CA LEU E 124 59.46 32.83 -18.04
C LEU E 124 58.35 31.88 -17.64
N GLU E 125 58.54 31.21 -16.48
CA GLU E 125 57.54 30.34 -15.87
C GLU E 125 56.73 31.12 -14.83
N ARG E 126 57.02 32.42 -14.69
CA ARG E 126 56.28 33.26 -13.76
C ARG E 126 55.68 34.50 -14.45
N VAL E 127 55.79 34.61 -15.79
CA VAL E 127 55.25 35.76 -16.52
C VAL E 127 54.64 35.32 -17.85
N LYS E 128 53.79 36.20 -18.41
CA LYS E 128 53.24 36.05 -19.74
C LYS E 128 53.97 37.00 -20.68
N LYS E 129 54.08 38.28 -20.32
CA LYS E 129 54.92 39.20 -21.08
C LYS E 129 56.19 39.47 -20.27
N PRO E 130 57.40 39.20 -20.82
CA PRO E 130 58.65 39.46 -20.09
C PRO E 130 58.94 40.86 -19.55
N GLU E 131 58.28 41.90 -20.09
CA GLU E 131 58.47 43.25 -19.56
C GLU E 131 57.57 43.53 -18.36
N TRP E 132 56.71 42.55 -17.98
CA TRP E 132 55.73 42.69 -16.91
C TRP E 132 55.72 41.49 -15.98
N VAL E 133 55.99 41.76 -14.71
CA VAL E 133 55.92 40.72 -13.70
C VAL E 133 54.87 41.15 -12.68
N ILE E 134 53.88 40.28 -12.47
CA ILE E 134 52.78 40.55 -11.56
C ILE E 134 52.80 39.57 -10.39
N LEU E 135 52.85 40.12 -9.17
CA LEU E 135 53.08 39.39 -7.93
C LEU E 135 52.24 40.00 -6.79
N ILE E 136 51.84 39.18 -5.81
CA ILE E 136 51.11 39.69 -4.66
C ILE E 136 52.14 40.21 -3.66
N GLY E 137 51.92 41.44 -3.17
CA GLY E 137 52.78 42.10 -2.21
C GLY E 137 52.67 41.48 -0.82
N VAL E 138 52.75 40.15 -0.79
CA VAL E 138 52.65 39.39 0.44
C VAL E 138 53.86 38.45 0.53
N CYS E 139 54.71 38.70 1.53
CA CYS E 139 55.91 37.91 1.76
C CYS E 139 55.53 36.51 2.27
N THR E 140 56.10 35.48 1.64
CA THR E 140 55.73 34.08 1.86
C THR E 140 56.14 33.56 3.25
N HIS E 141 56.94 34.33 4.01
CA HIS E 141 57.36 33.90 5.33
C HIS E 141 56.25 34.14 6.36
N LEU E 142 56.08 35.41 6.77
CA LEU E 142 55.15 35.79 7.83
C LEU E 142 54.28 36.98 7.39
N GLY E 143 54.05 37.12 6.07
CA GLY E 143 52.93 37.86 5.48
C GLY E 143 53.08 39.38 5.41
N CYS E 144 54.30 39.90 5.56
CA CYS E 144 54.55 41.33 5.48
C CYS E 144 54.52 41.79 4.02
N VAL E 145 54.59 43.12 3.78
CA VAL E 145 54.64 43.66 2.43
C VAL E 145 56.07 44.06 2.05
N PRO E 146 56.70 43.43 1.02
CA PRO E 146 58.06 43.77 0.59
C PRO E 146 58.15 45.15 -0.06
N ILE E 147 59.24 45.86 0.19
CA ILE E 147 59.40 47.20 -0.37
C ILE E 147 60.13 47.14 -1.72
N ALA E 148 59.56 47.86 -2.71
CA ALA E 148 60.07 47.92 -4.07
C ALA E 148 61.47 48.54 -4.11
N ASN E 149 62.37 47.96 -4.94
CA ASN E 149 63.68 48.49 -5.26
C ASN E 149 64.56 48.63 -4.01
N ALA E 150 64.60 47.56 -3.23
CA ALA E 150 65.55 47.44 -2.13
C ALA E 150 66.09 46.00 -2.12
N GLY E 151 67.19 45.79 -1.40
CA GLY E 151 67.68 44.44 -1.18
C GLY E 151 68.82 44.08 -2.12
N ASP E 152 69.29 42.83 -2.03
CA ASP E 152 70.55 42.42 -2.63
C ASP E 152 70.36 42.08 -4.10
N PHE E 153 69.10 41.97 -4.55
CA PHE E 153 68.86 41.49 -5.90
C PHE E 153 68.12 42.55 -6.73
N GLY E 154 68.02 43.75 -6.15
CA GLY E 154 67.46 44.96 -6.73
C GLY E 154 65.99 44.80 -7.12
N GLY E 155 65.30 43.94 -6.37
CA GLY E 155 63.90 43.60 -6.59
C GLY E 155 63.07 44.03 -5.40
N TYR E 156 63.02 43.15 -4.39
CA TYR E 156 62.24 43.42 -3.20
C TYR E 156 63.03 43.03 -1.95
N TYR E 157 62.68 43.73 -0.86
CA TYR E 157 63.21 43.51 0.48
C TYR E 157 62.09 43.67 1.51
N CYS E 158 61.89 42.57 2.25
CA CYS E 158 60.97 42.60 3.36
C CYS E 158 61.73 42.79 4.67
N PRO E 159 61.54 43.93 5.39
CA PRO E 159 62.24 44.18 6.66
C PRO E 159 61.91 43.32 7.88
N CYS E 160 60.86 42.49 7.82
CA CYS E 160 60.37 41.73 8.97
C CYS E 160 61.36 40.70 9.51
N HIS E 161 61.91 39.88 8.61
CA HIS E 161 62.92 38.88 8.95
C HIS E 161 64.04 38.82 7.90
N GLY E 162 64.07 39.79 6.97
CA GLY E 162 65.17 40.01 6.03
C GLY E 162 65.04 39.20 4.73
N SER E 163 63.86 39.27 4.09
CA SER E 163 63.63 38.53 2.86
C SER E 163 64.03 39.35 1.64
N HIS E 164 64.97 38.79 0.87
CA HIS E 164 65.46 39.41 -0.37
C HIS E 164 64.89 38.68 -1.57
N TYR E 165 64.27 39.45 -2.49
CA TYR E 165 63.68 38.90 -3.71
C TYR E 165 64.27 39.59 -4.93
N ASP E 166 64.27 38.87 -6.07
CA ASP E 166 64.79 39.38 -7.34
C ASP E 166 63.66 40.06 -8.13
N ALA E 167 63.93 40.40 -9.39
CA ALA E 167 62.97 41.08 -10.24
C ALA E 167 61.95 40.11 -10.88
N SER E 168 62.09 38.81 -10.61
CA SER E 168 61.07 37.83 -10.99
C SER E 168 60.18 37.51 -9.77
N GLY E 169 60.56 38.05 -8.60
CA GLY E 169 59.83 37.92 -7.34
C GLY E 169 60.26 36.69 -6.54
N ARG E 170 61.36 36.07 -6.98
CA ARG E 170 61.89 34.82 -6.43
C ARG E 170 62.65 35.12 -5.16
N ILE E 171 62.58 34.15 -4.22
CA ILE E 171 63.34 34.18 -2.98
C ILE E 171 64.79 33.79 -3.27
N ARG E 172 65.71 34.60 -2.76
CA ARG E 172 67.13 34.42 -2.96
C ARG E 172 67.87 34.48 -1.63
N LYS E 173 67.29 35.19 -0.63
CA LYS E 173 67.89 35.38 0.68
C LYS E 173 66.84 35.64 1.77
N GLY E 174 67.15 35.27 3.02
CA GLY E 174 66.25 35.46 4.14
C GLY E 174 65.49 34.17 4.48
N PRO E 175 64.48 34.20 5.38
CA PRO E 175 63.77 32.98 5.79
C PRO E 175 62.57 32.52 4.96
N ALA E 176 62.07 33.38 4.05
CA ALA E 176 60.89 33.09 3.25
C ALA E 176 61.07 31.78 2.48
N PRO E 177 60.08 30.86 2.59
CA PRO E 177 60.22 29.53 2.03
C PRO E 177 59.89 29.48 0.54
N LEU E 178 58.92 30.31 0.09
CA LEU E 178 58.42 30.25 -1.28
C LEU E 178 58.64 31.60 -2.00
N ASN E 179 58.61 31.59 -3.35
CA ASN E 179 58.61 32.82 -4.15
C ASN E 179 57.28 33.57 -3.93
N LEU E 180 57.32 34.90 -4.05
CA LEU E 180 56.11 35.72 -3.93
C LEU E 180 55.06 35.17 -4.91
N GLU E 181 53.78 35.28 -4.57
CA GLU E 181 52.77 34.53 -5.32
C GLU E 181 52.42 35.16 -6.67
N VAL E 182 52.44 34.33 -7.73
CA VAL E 182 51.98 34.70 -9.07
C VAL E 182 50.46 34.57 -9.14
N PRO E 183 49.69 35.69 -9.27
CA PRO E 183 48.26 35.61 -9.55
C PRO E 183 47.91 35.18 -10.98
N SER E 184 46.66 34.70 -11.11
CA SER E 184 45.96 34.47 -12.36
C SER E 184 45.71 35.82 -13.02
N TYR E 185 46.24 36.03 -14.24
CA TYR E 185 45.95 37.23 -14.99
C TYR E 185 45.95 36.97 -16.49
N GLU E 186 45.49 37.96 -17.26
CA GLU E 186 45.60 37.97 -18.72
C GLU E 186 45.69 39.41 -19.21
N PHE E 187 46.25 39.61 -20.41
CA PHE E 187 46.25 40.91 -21.06
C PHE E 187 45.08 40.96 -22.06
N THR E 188 44.14 41.90 -21.87
CA THR E 188 42.97 42.01 -22.72
C THR E 188 43.27 42.85 -23.96
N SER E 189 44.39 43.57 -23.92
CA SER E 189 44.91 44.31 -25.05
C SER E 189 46.36 44.70 -24.78
N ASP E 190 46.92 45.56 -25.62
CA ASP E 190 48.31 45.99 -25.48
C ASP E 190 48.48 46.95 -24.31
N ASP E 191 47.36 47.56 -23.85
CA ASP E 191 47.37 48.59 -22.83
C ASP E 191 46.87 48.06 -21.47
N MET E 192 46.05 47.01 -21.52
CA MET E 192 45.23 46.64 -20.37
C MET E 192 45.65 45.27 -19.82
N VAL E 193 45.74 45.19 -18.48
CA VAL E 193 45.93 43.95 -17.75
C VAL E 193 44.76 43.76 -16.78
N ILE E 194 44.11 42.59 -16.86
CA ILE E 194 43.04 42.19 -15.96
C ILE E 194 43.57 41.09 -15.04
N VAL E 195 43.74 41.44 -13.76
CA VAL E 195 44.22 40.50 -12.76
C VAL E 195 43.01 39.98 -12.03
N GLY E 196 42.77 38.66 -12.06
CA GLY E 196 41.62 38.10 -11.39
C GLY E 196 40.76 37.18 -12.26
N ARG F 1 -44.33 15.80 22.70
CA ARG F 1 -45.66 16.46 22.80
C ARG F 1 -45.80 17.46 21.64
N TRP F 2 -45.32 18.70 21.83
CA TRP F 2 -45.46 19.76 20.83
C TRP F 2 -44.09 20.10 20.24
N LEU F 3 -43.04 19.64 20.95
CA LEU F 3 -41.64 19.75 20.56
C LEU F 3 -41.30 18.61 19.57
N GLU F 4 -42.26 17.74 19.30
CA GLU F 4 -42.01 16.61 18.43
C GLU F 4 -41.87 17.14 17.01
N GLY F 5 -42.32 18.39 16.80
CA GLY F 5 -42.15 19.09 15.55
C GLY F 5 -40.67 19.29 15.26
N ILE F 6 -39.98 19.88 16.26
CA ILE F 6 -38.56 20.16 16.17
C ILE F 6 -37.78 18.85 16.05
N ARG F 7 -38.08 17.88 16.93
CA ARG F 7 -37.35 16.62 16.95
C ARG F 7 -37.28 16.04 15.53
N LYS F 8 -38.44 15.81 14.92
CA LYS F 8 -38.47 15.25 13.58
C LYS F 8 -37.69 16.14 12.61
N TRP F 9 -37.70 17.47 12.82
CA TRP F 9 -36.94 18.37 11.95
C TRP F 9 -35.45 18.19 12.20
N TYR F 10 -35.08 18.34 13.48
CA TYR F 10 -33.69 18.23 13.87
C TYR F 10 -33.13 16.94 13.25
N TYR F 11 -33.90 15.85 13.36
CA TYR F 11 -33.44 14.52 12.96
C TYR F 11 -32.96 14.54 11.52
N ASN F 12 -33.79 15.13 10.65
CA ASN F 12 -33.51 15.12 9.23
C ASN F 12 -32.38 16.09 8.90
N ALA F 13 -32.32 17.19 9.67
CA ALA F 13 -31.27 18.19 9.47
C ALA F 13 -29.92 17.61 9.88
N ALA F 14 -29.89 16.92 11.03
CA ALA F 14 -28.71 16.25 11.56
C ALA F 14 -28.14 15.32 10.49
N GLY F 15 -28.98 14.44 9.95
CA GLY F 15 -28.70 13.86 8.66
C GLY F 15 -27.87 12.58 8.68
N PHE F 16 -27.73 11.94 9.85
CA PHE F 16 -26.95 10.72 9.91
C PHE F 16 -27.72 9.58 9.26
N ASN F 17 -29.05 9.72 9.25
CA ASN F 17 -29.93 8.76 8.63
C ASN F 17 -29.62 8.65 7.14
N LYS F 18 -29.03 9.68 6.53
CA LYS F 18 -28.78 9.62 5.10
C LYS F 18 -27.68 8.60 4.81
N LEU F 19 -26.97 8.15 5.86
CA LEU F 19 -25.89 7.18 5.72
C LEU F 19 -26.36 5.78 6.15
N GLY F 20 -27.65 5.70 6.51
CA GLY F 20 -28.23 4.48 7.04
C GLY F 20 -27.68 4.19 8.43
N LEU F 21 -27.53 5.28 9.20
CA LEU F 21 -27.03 5.12 10.55
C LEU F 21 -28.23 5.31 11.45
N MET F 22 -28.23 4.64 12.60
CA MET F 22 -29.24 4.92 13.59
C MET F 22 -28.61 5.79 14.65
N ARG F 23 -29.44 6.37 15.52
CA ARG F 23 -28.93 7.40 16.41
C ARG F 23 -27.76 6.85 17.20
N ASP F 24 -27.91 5.64 17.77
CA ASP F 24 -26.91 5.09 18.69
C ASP F 24 -25.60 4.71 18.02
N ASP F 25 -25.57 4.75 16.69
CA ASP F 25 -24.36 4.46 15.94
C ASP F 25 -23.43 5.64 16.07
N THR F 26 -24.05 6.81 16.24
CA THR F 26 -23.36 8.09 16.33
C THR F 26 -22.85 8.38 17.75
N ILE F 27 -23.22 7.57 18.75
CA ILE F 27 -22.83 7.93 20.11
C ILE F 27 -21.31 7.87 20.20
N HIS F 28 -20.72 8.93 20.73
CA HIS F 28 -19.28 8.95 20.87
C HIS F 28 -18.88 7.92 21.93
N GLU F 29 -17.88 7.09 21.63
CA GLU F 29 -17.52 6.02 22.55
C GLU F 29 -16.64 6.55 23.68
N ASN F 30 -17.21 6.65 24.88
CA ASN F 30 -16.36 6.68 26.07
C ASN F 30 -16.30 5.26 26.62
N ASP F 31 -15.81 5.14 27.86
CA ASP F 31 -15.68 3.85 28.50
C ASP F 31 -17.04 3.19 28.74
N ASP F 32 -18.10 3.99 29.03
CA ASP F 32 -19.40 3.40 29.30
C ASP F 32 -19.96 2.77 28.02
N VAL F 33 -19.88 3.52 26.90
CA VAL F 33 -20.35 3.09 25.61
C VAL F 33 -19.63 1.82 25.21
N LYS F 34 -18.28 1.81 25.36
CA LYS F 34 -17.44 0.66 25.03
C LYS F 34 -17.99 -0.60 25.67
N GLU F 35 -18.19 -0.54 26.99
CA GLU F 35 -18.76 -1.65 27.75
C GLU F 35 -20.15 -1.99 27.21
N ALA F 36 -20.97 -0.97 26.93
CA ALA F 36 -22.32 -1.25 26.48
C ALA F 36 -22.27 -2.02 25.15
N ILE F 37 -21.39 -1.59 24.22
CA ILE F 37 -21.19 -2.22 22.93
C ILE F 37 -20.73 -3.66 23.15
N ARG F 38 -19.76 -3.83 24.05
CA ARG F 38 -19.15 -5.11 24.40
C ARG F 38 -20.25 -6.05 24.89
N ARG F 39 -21.36 -5.49 25.38
CA ARG F 39 -22.39 -6.34 25.97
C ARG F 39 -23.54 -6.62 25.00
N LEU F 40 -23.41 -6.18 23.74
CA LEU F 40 -24.45 -6.38 22.74
C LEU F 40 -24.41 -7.83 22.27
N PRO F 41 -25.57 -8.44 21.93
CA PRO F 41 -25.62 -9.75 21.28
C PRO F 41 -25.12 -9.75 19.83
N GLU F 42 -24.82 -10.95 19.30
CA GLU F 42 -24.27 -11.13 17.95
C GLU F 42 -25.02 -10.29 16.93
N ASN F 43 -26.33 -10.54 16.84
CA ASN F 43 -27.20 -9.84 15.91
C ASN F 43 -26.94 -8.35 15.98
N LEU F 44 -27.05 -7.79 17.18
CA LEU F 44 -27.06 -6.34 17.33
C LEU F 44 -25.69 -5.71 17.09
N TYR F 45 -24.62 -6.43 17.50
CA TYR F 45 -23.25 -6.00 17.26
C TYR F 45 -22.98 -5.95 15.77
N ASP F 46 -23.26 -7.08 15.07
CA ASP F 46 -22.94 -7.30 13.66
C ASP F 46 -23.64 -6.27 12.79
N ASP F 47 -24.89 -5.94 13.13
CA ASP F 47 -25.64 -4.87 12.51
C ASP F 47 -24.94 -3.52 12.70
N ARG F 48 -24.54 -3.21 13.94
CA ARG F 48 -23.87 -1.95 14.23
C ARG F 48 -22.58 -1.85 13.42
N VAL F 49 -21.81 -2.96 13.44
CA VAL F 49 -20.57 -3.04 12.68
C VAL F 49 -20.90 -2.73 11.22
N PHE F 50 -21.99 -3.31 10.72
CA PHE F 50 -22.25 -3.12 9.31
C PHE F 50 -22.61 -1.69 8.99
N ARG F 51 -23.58 -1.15 9.74
CA ARG F 51 -24.18 0.14 9.47
C ARG F 51 -23.11 1.24 9.45
N ILE F 52 -22.08 1.07 10.32
CA ILE F 52 -20.95 2.00 10.43
C ILE F 52 -20.03 1.82 9.23
N LYS F 53 -19.69 0.55 8.96
CA LYS F 53 -18.90 0.19 7.80
C LYS F 53 -19.52 0.84 6.55
N ARG F 54 -20.85 0.73 6.46
CA ARG F 54 -21.63 1.27 5.36
C ARG F 54 -21.48 2.78 5.30
N ALA F 55 -21.71 3.39 6.47
CA ALA F 55 -21.69 4.84 6.63
C ALA F 55 -20.30 5.40 6.36
N LEU F 56 -19.27 4.68 6.81
CA LEU F 56 -17.93 5.21 6.69
C LEU F 56 -17.54 5.15 5.23
N ASP F 57 -18.00 4.09 4.58
CA ASP F 57 -17.64 3.94 3.19
C ASP F 57 -18.31 5.04 2.36
N LEU F 58 -19.56 5.38 2.71
CA LEU F 58 -20.31 6.49 2.13
C LEU F 58 -19.61 7.83 2.41
N SER F 59 -19.17 8.04 3.65
CA SER F 59 -18.42 9.23 4.00
C SER F 59 -17.25 9.40 3.05
N MET F 60 -16.53 8.31 2.79
CA MET F 60 -15.32 8.38 2.00
C MET F 60 -15.66 8.80 0.58
N ARG F 61 -16.80 8.32 0.06
CA ARG F 61 -17.21 8.56 -1.32
C ARG F 61 -17.88 9.93 -1.45
N GLN F 62 -18.19 10.56 -0.33
CA GLN F 62 -18.85 11.86 -0.30
C GLN F 62 -20.26 11.73 -0.86
N GLN F 63 -20.94 10.64 -0.48
CA GLN F 63 -22.30 10.43 -0.93
C GLN F 63 -23.24 10.05 0.22
N ILE F 64 -24.51 9.92 -0.18
CA ILE F 64 -25.60 9.55 0.71
C ILE F 64 -26.35 8.40 0.05
N LEU F 65 -27.25 7.77 0.82
CA LEU F 65 -28.07 6.70 0.29
C LEU F 65 -29.18 7.32 -0.55
N PRO F 66 -29.90 6.51 -1.35
CA PRO F 66 -31.22 6.93 -1.82
C PRO F 66 -32.16 7.24 -0.65
N LYS F 67 -33.08 8.21 -0.85
CA LYS F 67 -34.00 8.62 0.19
C LYS F 67 -34.83 7.43 0.70
N GLU F 68 -35.15 6.46 -0.17
CA GLU F 68 -35.90 5.31 0.30
C GLU F 68 -35.10 4.61 1.40
N GLN F 69 -33.77 4.58 1.27
CA GLN F 69 -32.89 3.79 2.12
C GLN F 69 -32.62 4.49 3.45
N TRP F 70 -32.90 5.80 3.57
CA TRP F 70 -32.63 6.58 4.78
C TRP F 70 -33.33 6.02 6.00
N THR F 71 -32.70 6.15 7.16
CA THR F 71 -33.30 5.68 8.39
C THR F 71 -34.52 6.55 8.65
N LYS F 72 -35.71 5.92 8.72
CA LYS F 72 -36.93 6.66 8.96
C LYS F 72 -36.94 7.06 10.42
N TYR F 73 -37.41 8.28 10.73
CA TYR F 73 -37.31 8.74 12.11
C TYR F 73 -37.88 7.69 13.07
N GLU F 74 -39.06 7.15 12.73
CA GLU F 74 -39.85 6.31 13.62
C GLU F 74 -39.22 4.94 13.77
N GLU F 75 -38.51 4.48 12.73
CA GLU F 75 -37.98 3.13 12.73
C GLU F 75 -36.63 3.08 13.48
N ASP F 76 -36.19 4.18 14.10
CA ASP F 76 -34.90 4.24 14.76
C ASP F 76 -35.01 3.69 16.19
N LYS F 77 -34.89 2.36 16.34
CA LYS F 77 -34.97 1.76 17.66
C LYS F 77 -33.69 2.15 18.42
N SER F 78 -33.83 2.40 19.72
CA SER F 78 -32.74 2.96 20.53
C SER F 78 -31.84 1.87 21.13
N TYR F 79 -31.17 1.09 20.27
CA TYR F 79 -30.75 -0.30 20.55
C TYR F 79 -29.83 -0.42 21.77
N LEU F 80 -29.08 0.65 22.08
CA LEU F 80 -27.98 0.60 23.03
C LEU F 80 -28.47 0.99 24.43
N GLU F 81 -29.68 1.59 24.54
CA GLU F 81 -30.22 2.17 25.78
C GLU F 81 -30.13 1.17 26.93
N PRO F 82 -30.85 0.03 26.86
CA PRO F 82 -30.86 -0.97 27.94
C PRO F 82 -29.50 -1.36 28.50
N TYR F 83 -28.51 -1.49 27.61
CA TYR F 83 -27.18 -1.95 27.97
C TYR F 83 -26.41 -0.83 28.65
N LEU F 84 -26.45 0.35 28.00
CA LEU F 84 -25.76 1.57 28.41
C LEU F 84 -26.31 2.05 29.75
N LYS F 85 -27.65 2.00 29.88
CA LYS F 85 -28.31 2.53 31.06
C LYS F 85 -27.74 1.80 32.27
N GLU F 86 -27.66 0.46 32.15
CA GLU F 86 -27.24 -0.44 33.22
C GLU F 86 -25.73 -0.36 33.45
N VAL F 87 -24.95 -0.13 32.38
CA VAL F 87 -23.51 0.03 32.51
C VAL F 87 -23.25 1.22 33.43
N ILE F 88 -23.98 2.32 33.17
CA ILE F 88 -23.86 3.57 33.90
C ILE F 88 -24.40 3.38 35.31
N ARG F 89 -25.61 2.80 35.41
CA ARG F 89 -26.26 2.63 36.69
C ARG F 89 -25.32 1.85 37.61
N GLU F 90 -24.58 0.92 37.00
CA GLU F 90 -23.67 0.06 37.73
C GLU F 90 -22.49 0.86 38.26
N ARG F 91 -21.96 1.76 37.41
CA ARG F 91 -20.75 2.52 37.72
C ARG F 91 -21.00 3.53 38.84
N LYS F 92 -22.14 4.24 38.71
CA LYS F 92 -22.66 5.14 39.73
C LYS F 92 -22.72 4.43 41.08
N GLU F 93 -23.05 3.13 41.08
CA GLU F 93 -23.15 2.37 42.31
C GLU F 93 -21.78 2.13 42.96
N ARG F 94 -20.76 1.84 42.16
CA ARG F 94 -19.47 1.55 42.77
C ARG F 94 -18.82 2.87 43.17
N GLU F 95 -19.29 3.96 42.54
CA GLU F 95 -18.76 5.26 42.86
C GLU F 95 -19.25 5.67 44.24
N GLU F 96 -20.49 5.28 44.52
CA GLU F 96 -21.15 5.55 45.78
C GLU F 96 -20.47 4.75 46.88
N TRP F 97 -20.11 3.52 46.54
CA TRP F 97 -19.50 2.63 47.48
C TRP F 97 -18.11 3.13 47.86
N ALA F 98 -17.48 3.92 47.00
CA ALA F 98 -16.14 4.40 47.31
C ALA F 98 -16.17 5.55 48.32
N LYS F 99 -17.35 5.83 48.91
CA LYS F 99 -17.48 6.70 50.08
C LYS F 99 -18.15 5.94 51.25
N ARG G 1 -1.73 -0.50 18.01
CA ARG G 1 -2.49 -1.63 17.39
C ARG G 1 -2.20 -1.65 15.88
N GLN G 2 -2.02 -2.86 15.34
CA GLN G 2 -1.57 -3.19 13.99
C GLN G 2 -2.74 -3.88 13.25
N PHE G 3 -2.82 -3.72 11.91
CA PHE G 3 -3.78 -4.54 11.15
C PHE G 3 -3.77 -5.99 11.64
N GLY G 4 -4.92 -6.52 12.02
CA GLY G 4 -4.94 -7.89 12.52
C GLY G 4 -5.45 -7.95 13.95
N HIS G 5 -5.42 -6.79 14.62
CA HIS G 5 -5.80 -6.63 16.01
C HIS G 5 -6.63 -5.37 16.18
N LEU G 6 -7.23 -4.86 15.11
CA LEU G 6 -8.05 -3.66 15.22
C LEU G 6 -9.41 -4.00 15.82
N THR G 7 -10.29 -4.72 15.13
CA THR G 7 -11.60 -5.00 15.72
C THR G 7 -12.22 -6.28 15.15
N ARG G 8 -13.39 -6.67 15.69
CA ARG G 8 -14.11 -7.88 15.32
C ARG G 8 -15.23 -7.53 14.35
N VAL G 9 -15.27 -8.26 13.22
CA VAL G 9 -16.20 -8.02 12.13
C VAL G 9 -16.71 -9.37 11.63
N ARG G 10 -18.04 -9.49 11.43
CA ARG G 10 -18.55 -10.78 10.95
C ARG G 10 -19.58 -10.67 9.84
N HIS G 11 -19.34 -11.49 8.80
CA HIS G 11 -20.25 -11.68 7.68
C HIS G 11 -20.36 -10.43 6.80
N VAL G 12 -19.21 -9.90 6.35
CA VAL G 12 -19.21 -8.76 5.44
C VAL G 12 -18.30 -9.07 4.28
N ILE G 13 -18.88 -9.14 3.06
CA ILE G 13 -18.06 -9.38 1.88
C ILE G 13 -17.70 -8.05 1.22
N THR G 14 -16.49 -7.97 0.67
CA THR G 14 -16.05 -6.79 -0.08
C THR G 14 -15.50 -7.20 -1.45
N TYR G 15 -16.16 -6.70 -2.50
CA TYR G 15 -15.72 -6.95 -3.87
C TYR G 15 -15.04 -5.69 -4.35
N SER G 16 -13.93 -5.83 -5.08
CA SER G 16 -13.22 -4.66 -5.63
C SER G 16 -12.43 -5.06 -6.87
N LEU G 17 -12.18 -4.06 -7.73
CA LEU G 17 -11.48 -4.25 -8.99
C LEU G 17 -10.09 -3.67 -8.90
N SER G 18 -9.18 -4.24 -9.70
CA SER G 18 -7.83 -3.70 -9.78
C SER G 18 -7.92 -2.31 -10.41
N PRO G 19 -7.01 -1.39 -10.03
CA PRO G 19 -6.91 -0.11 -10.71
C PRO G 19 -6.62 -0.23 -12.22
N PHE G 20 -6.07 -1.36 -12.67
CA PHE G 20 -5.75 -1.41 -14.07
C PHE G 20 -6.92 -1.98 -14.87
N GLU G 21 -7.96 -2.42 -14.16
CA GLU G 21 -9.14 -2.90 -14.86
C GLU G 21 -10.14 -1.75 -14.96
N GLN G 22 -9.90 -0.65 -14.24
CA GLN G 22 -10.92 0.39 -14.22
C GLN G 22 -10.34 1.75 -14.61
N ARG G 23 -11.23 2.75 -14.73
CA ARG G 23 -10.87 4.12 -15.07
C ARG G 23 -10.81 4.96 -13.81
N ALA G 24 -9.84 5.89 -13.77
CA ALA G 24 -9.67 6.93 -12.75
C ALA G 24 -10.88 7.85 -12.61
N PHE G 25 -11.56 8.18 -13.72
CA PHE G 25 -12.62 9.15 -13.63
C PHE G 25 -13.92 8.61 -14.22
N PRO G 26 -14.53 7.54 -13.67
CA PRO G 26 -15.87 7.14 -14.10
C PRO G 26 -16.88 8.25 -13.85
N HIS G 27 -17.54 8.72 -14.91
CA HIS G 27 -18.72 9.59 -14.88
C HIS G 27 -18.42 10.86 -14.08
N TYR G 28 -17.25 11.44 -14.37
CA TYR G 28 -16.60 12.49 -13.59
C TYR G 28 -17.44 13.76 -13.54
N PHE G 29 -17.90 14.25 -14.70
CA PHE G 29 -18.75 15.43 -14.74
C PHE G 29 -20.22 15.02 -14.60
N SER G 30 -20.64 13.95 -15.31
CA SER G 30 -22.02 13.45 -15.30
C SER G 30 -22.55 13.31 -13.89
N LYS G 31 -21.76 12.68 -13.01
CA LYS G 31 -22.13 12.37 -11.64
C LYS G 31 -21.52 13.42 -10.71
N GLY G 32 -20.38 13.97 -11.14
CA GLY G 32 -19.59 14.87 -10.30
C GLY G 32 -20.34 16.15 -9.98
N ILE G 33 -20.73 16.82 -11.07
CA ILE G 33 -21.45 18.08 -11.03
C ILE G 33 -22.66 17.96 -10.10
N PRO G 34 -23.63 17.04 -10.31
CA PRO G 34 -24.78 16.93 -9.40
C PRO G 34 -24.45 16.66 -7.93
N ASN G 35 -23.40 15.85 -7.69
CA ASN G 35 -23.01 15.53 -6.33
C ASN G 35 -22.43 16.75 -5.64
N VAL G 36 -21.65 17.55 -6.36
CA VAL G 36 -21.16 18.81 -5.81
C VAL G 36 -22.34 19.72 -5.43
N LEU G 37 -23.30 19.85 -6.34
CA LEU G 37 -24.46 20.68 -6.09
C LEU G 37 -25.22 20.19 -4.86
N ARG G 38 -25.35 18.86 -4.70
CA ARG G 38 -26.10 18.29 -3.58
C ARG G 38 -25.44 18.71 -2.28
N ARG G 39 -24.11 18.63 -2.33
CA ARG G 39 -23.21 18.86 -1.21
C ARG G 39 -23.25 20.35 -0.88
N THR G 40 -23.33 21.17 -1.94
CA THR G 40 -23.31 22.62 -1.76
C THR G 40 -24.58 23.07 -1.05
N ARG G 41 -25.72 22.53 -1.50
CA ARG G 41 -27.01 22.89 -0.94
C ARG G 41 -27.03 22.49 0.54
N ALA G 42 -26.45 21.31 0.82
CA ALA G 42 -26.62 20.72 2.13
C ALA G 42 -25.94 21.56 3.22
N CYS G 43 -24.96 22.39 2.84
CA CYS G 43 -24.28 23.06 3.92
C CYS G 43 -24.39 24.58 3.80
N ILE G 44 -24.95 25.09 2.69
CA ILE G 44 -24.87 26.51 2.37
C ILE G 44 -25.54 27.35 3.45
N LEU G 45 -26.69 26.88 3.93
CA LEU G 45 -27.44 27.63 4.93
C LEU G 45 -26.81 27.48 6.31
N ARG G 46 -25.69 26.77 6.43
CA ARG G 46 -24.99 26.69 7.70
C ARG G 46 -23.67 27.46 7.61
N VAL G 47 -22.98 27.35 6.46
CA VAL G 47 -21.68 27.95 6.20
C VAL G 47 -21.78 29.43 5.82
N ALA G 48 -22.67 29.77 4.87
CA ALA G 48 -22.71 31.04 4.17
C ALA G 48 -23.23 32.19 5.04
N PRO G 49 -24.38 32.07 5.76
CA PRO G 49 -24.87 33.14 6.64
C PRO G 49 -23.82 33.97 7.38
N PRO G 50 -22.95 33.38 8.22
CA PRO G 50 -21.92 34.13 8.94
C PRO G 50 -20.99 34.95 8.05
N PHE G 51 -20.60 34.42 6.89
CA PHE G 51 -19.76 35.19 6.00
C PHE G 51 -20.54 36.33 5.33
N VAL G 52 -21.85 36.15 5.06
CA VAL G 52 -22.69 37.24 4.58
C VAL G 52 -22.62 38.36 5.60
N ALA G 53 -22.86 37.98 6.87
CA ALA G 53 -22.85 38.90 7.98
C ALA G 53 -21.50 39.61 8.11
N PHE G 54 -20.40 38.88 7.89
CA PHE G 54 -19.09 39.52 7.91
C PHE G 54 -19.05 40.59 6.82
N TYR G 55 -19.53 40.22 5.62
CA TYR G 55 -19.48 41.11 4.48
C TYR G 55 -20.16 42.43 4.80
N LEU G 56 -21.31 42.30 5.49
CA LEU G 56 -22.12 43.46 5.82
C LEU G 56 -21.41 44.25 6.92
N VAL G 57 -21.03 43.61 8.04
CA VAL G 57 -20.42 44.37 9.13
C VAL G 57 -19.21 45.10 8.59
N TYR G 58 -18.62 44.51 7.55
CA TYR G 58 -17.37 45.02 7.03
C TYR G 58 -17.66 46.22 6.12
N THR G 59 -18.52 46.03 5.12
CA THR G 59 -18.75 47.11 4.17
C THR G 59 -19.46 48.29 4.85
N TRP G 60 -20.29 48.00 5.84
CA TRP G 60 -20.94 49.07 6.59
C TRP G 60 -19.88 49.89 7.32
N GLY G 61 -19.07 49.19 8.12
CA GLY G 61 -18.09 49.78 8.99
C GLY G 61 -17.05 50.59 8.21
N THR G 62 -16.71 50.14 6.99
CA THR G 62 -15.59 50.75 6.27
C THR G 62 -16.00 52.14 5.84
N GLN G 63 -17.18 52.23 5.22
CA GLN G 63 -17.62 53.49 4.65
C GLN G 63 -18.21 54.39 5.71
N GLU G 64 -18.53 53.82 6.88
CA GLU G 64 -18.88 54.62 8.04
C GLU G 64 -17.63 55.36 8.53
N PHE G 65 -16.48 54.68 8.48
CA PHE G 65 -15.21 55.28 8.87
C PHE G 65 -14.83 56.38 7.89
N GLU G 66 -15.12 56.18 6.61
CA GLU G 66 -14.78 57.18 5.59
C GLU G 66 -15.67 58.40 5.78
N LYS G 67 -16.98 58.15 5.89
CA LYS G 67 -18.00 59.18 6.05
C LYS G 67 -17.69 60.02 7.29
N SER G 68 -17.45 59.37 8.43
CA SER G 68 -17.22 60.09 9.67
C SER G 68 -15.98 60.97 9.60
N LYS G 69 -15.07 60.73 8.63
CA LYS G 69 -13.83 61.48 8.55
C LYS G 69 -13.99 62.70 7.63
N ARG G 70 -15.15 62.80 6.96
CA ARG G 70 -15.49 64.01 6.22
C ARG G 70 -15.98 65.08 7.20
N LYS G 71 -15.95 66.35 6.76
CA LYS G 71 -16.49 67.45 7.55
C LYS G 71 -18.02 67.43 7.51
N ASN G 72 -18.61 67.86 8.63
CA ASN G 72 -20.03 67.85 8.89
C ASN G 72 -20.66 69.19 8.46
N PRO G 73 -21.80 69.27 7.72
CA PRO G 73 -22.28 70.57 7.22
C PRO G 73 -22.99 71.51 8.20
N ALA G 74 -22.31 71.94 9.29
CA ALA G 74 -22.86 72.78 10.36
C ALA G 74 -21.72 73.39 11.18
N LEU H 1 6.07 72.97 -26.29
CA LEU H 1 5.96 71.57 -25.76
C LEU H 1 4.66 71.43 -24.98
N VAL H 2 3.79 70.52 -25.44
CA VAL H 2 2.54 70.19 -24.77
C VAL H 2 2.72 68.95 -23.91
N ASP H 3 2.31 69.02 -22.64
CA ASP H 3 2.28 67.84 -21.80
C ASP H 3 1.01 67.07 -22.14
N PRO H 4 1.09 65.76 -22.47
CA PRO H 4 -0.11 64.97 -22.68
C PRO H 4 -0.98 64.94 -21.42
N LEU H 5 -0.37 65.23 -20.26
CA LEU H 5 -1.09 65.12 -18.99
C LEU H 5 -2.16 66.19 -18.89
N THR H 6 -1.75 67.46 -19.09
CA THR H 6 -2.65 68.60 -18.93
C THR H 6 -3.71 68.62 -20.05
N THR H 7 -3.40 67.99 -21.19
CA THR H 7 -4.38 67.72 -22.25
C THR H 7 -5.49 66.86 -21.66
N VAL H 8 -5.09 65.75 -21.03
CA VAL H 8 -6.07 64.73 -20.69
C VAL H 8 -6.88 65.18 -19.48
N ARG H 9 -6.22 65.93 -18.58
CA ARG H 9 -6.89 66.46 -17.40
C ARG H 9 -8.07 67.34 -17.83
N GLU H 10 -7.89 68.07 -18.93
CA GLU H 10 -8.95 68.85 -19.55
C GLU H 10 -10.03 67.92 -20.11
N GLN H 11 -9.61 66.91 -20.90
CA GLN H 11 -10.53 66.04 -21.61
C GLN H 11 -11.50 65.38 -20.63
N CYS H 12 -10.93 64.92 -19.50
CA CYS H 12 -11.65 64.16 -18.47
C CYS H 12 -12.58 65.11 -17.70
N GLU H 13 -12.21 66.40 -17.64
CA GLU H 13 -12.86 67.36 -16.77
C GLU H 13 -14.30 67.61 -17.21
N GLN H 14 -14.59 67.32 -18.48
CA GLN H 14 -15.90 67.61 -19.04
C GLN H 14 -16.79 66.38 -18.96
N LEU H 15 -16.70 65.62 -17.87
CA LEU H 15 -17.60 64.49 -17.71
C LEU H 15 -18.48 64.76 -16.50
N GLU H 16 -19.69 64.17 -16.51
CA GLU H 16 -20.73 64.55 -15.55
C GLU H 16 -20.21 64.33 -14.14
N LYS H 17 -19.37 63.30 -13.98
CA LYS H 17 -18.95 62.94 -12.63
C LYS H 17 -18.00 64.02 -12.12
N CYS H 18 -17.19 64.57 -13.04
CA CYS H 18 -16.18 65.59 -12.77
C CYS H 18 -16.80 66.96 -12.56
N VAL H 19 -17.64 67.36 -13.53
CA VAL H 19 -18.23 68.69 -13.59
C VAL H 19 -19.14 68.91 -12.37
N LYS H 20 -19.75 67.83 -11.86
CA LYS H 20 -20.57 67.90 -10.66
C LYS H 20 -19.68 68.08 -9.42
N ALA H 21 -18.44 67.59 -9.46
CA ALA H 21 -17.57 67.56 -8.29
C ALA H 21 -16.85 68.89 -8.09
N ARG H 22 -16.59 69.58 -9.21
CA ARG H 22 -15.92 70.88 -9.23
C ARG H 22 -16.93 71.98 -8.93
N GLU H 23 -18.20 71.68 -9.18
CA GLU H 23 -19.27 72.55 -8.73
C GLU H 23 -19.34 72.48 -7.21
N ARG H 24 -19.13 71.27 -6.67
CA ARG H 24 -19.05 71.07 -5.23
C ARG H 24 -17.88 71.90 -4.70
N LEU H 25 -16.81 71.97 -5.51
CA LEU H 25 -15.59 72.71 -5.18
C LEU H 25 -15.92 74.20 -5.14
N GLU H 26 -16.72 74.66 -6.10
CA GLU H 26 -16.89 76.08 -6.26
C GLU H 26 -17.91 76.64 -5.26
N LEU H 27 -18.85 75.81 -4.78
CA LEU H 27 -19.84 76.26 -3.82
C LEU H 27 -19.10 76.69 -2.55
N CYS H 28 -18.19 75.83 -2.10
CA CYS H 28 -17.53 76.09 -0.85
C CYS H 28 -16.38 77.08 -1.07
N ASP H 29 -15.84 77.15 -2.29
CA ASP H 29 -14.92 78.20 -2.66
C ASP H 29 -15.50 79.55 -2.26
N GLU H 30 -16.65 79.88 -2.87
CA GLU H 30 -17.29 81.14 -2.59
C GLU H 30 -18.36 80.95 -1.52
N ARG H 31 -18.03 80.16 -0.48
CA ARG H 31 -18.77 80.14 0.77
C ARG H 31 -17.82 80.54 1.90
N VAL H 32 -16.60 79.99 1.84
CA VAL H 32 -15.55 80.29 2.81
C VAL H 32 -14.81 81.58 2.40
N SER H 33 -14.70 81.83 1.09
CA SER H 33 -14.01 83.01 0.60
C SER H 33 -14.95 84.21 0.58
N SER H 34 -16.24 83.96 0.84
CA SER H 34 -17.20 85.03 1.01
C SER H 34 -17.43 85.33 2.51
N ARG H 35 -17.54 84.29 3.34
CA ARG H 35 -17.76 84.42 4.78
C ARG H 35 -16.44 84.80 5.47
N SER H 36 -16.55 85.42 6.64
CA SER H 36 -15.37 85.57 7.47
C SER H 36 -15.62 85.03 8.88
N GLN H 37 -14.53 84.72 9.59
CA GLN H 37 -14.57 84.03 10.87
C GLN H 37 -15.11 82.61 10.67
N THR H 38 -14.39 81.80 9.90
CA THR H 38 -14.78 80.41 9.65
C THR H 38 -13.54 79.58 9.33
N GLU H 39 -13.17 78.70 10.26
CA GLU H 39 -11.91 77.99 10.14
C GLU H 39 -12.05 76.83 9.16
N GLU H 40 -13.28 76.54 8.72
CA GLU H 40 -13.60 75.45 7.80
C GLU H 40 -13.03 75.74 6.41
N ASP H 41 -12.47 74.71 5.78
CA ASP H 41 -11.79 74.82 4.51
C ASP H 41 -12.42 73.84 3.52
N CYS H 42 -11.69 73.52 2.43
CA CYS H 42 -12.34 72.94 1.27
C CYS H 42 -11.48 71.92 0.54
N THR H 43 -10.51 71.30 1.24
CA THR H 43 -9.67 70.26 0.66
C THR H 43 -10.54 69.09 0.18
N GLU H 44 -11.46 68.70 1.07
CA GLU H 44 -12.35 67.58 0.88
C GLU H 44 -13.01 67.69 -0.51
N GLU H 45 -13.45 68.88 -0.88
CA GLU H 45 -14.10 69.07 -2.16
C GLU H 45 -13.10 69.01 -3.32
N LEU H 46 -11.85 69.46 -3.09
CA LEU H 46 -10.83 69.40 -4.12
C LEU H 46 -10.53 67.92 -4.38
N LEU H 47 -10.50 67.15 -3.28
CA LEU H 47 -10.10 65.76 -3.31
C LEU H 47 -11.19 64.93 -3.99
N ASP H 48 -12.45 65.31 -3.78
CA ASP H 48 -13.58 64.70 -4.44
C ASP H 48 -13.36 64.82 -5.94
N PHE H 49 -12.93 66.02 -6.34
CA PHE H 49 -12.74 66.36 -7.74
C PHE H 49 -11.56 65.57 -8.30
N LEU H 50 -10.44 65.58 -7.56
CA LEU H 50 -9.22 64.98 -8.06
C LEU H 50 -9.40 63.46 -8.23
N HIS H 51 -10.11 62.84 -7.26
CA HIS H 51 -10.38 61.41 -7.23
C HIS H 51 -11.04 61.00 -8.55
N ALA H 52 -12.13 61.71 -8.89
CA ALA H 52 -12.91 61.39 -10.07
C ALA H 52 -12.17 61.82 -11.34
N ARG H 53 -11.41 62.92 -11.27
CA ARG H 53 -10.65 63.35 -12.44
C ARG H 53 -9.59 62.32 -12.77
N ASP H 54 -8.74 62.05 -11.77
CA ASP H 54 -7.51 61.31 -11.95
C ASP H 54 -7.80 59.83 -12.19
N HIS H 55 -8.98 59.36 -11.78
CA HIS H 55 -9.39 58.01 -12.12
C HIS H 55 -9.45 57.91 -13.64
N CYS H 56 -10.10 58.90 -14.25
CA CYS H 56 -10.27 58.97 -15.69
C CYS H 56 -8.92 59.22 -16.38
N VAL H 57 -8.08 60.08 -15.78
CA VAL H 57 -6.82 60.44 -16.39
C VAL H 57 -6.00 59.17 -16.57
N ALA H 58 -6.00 58.34 -15.53
CA ALA H 58 -5.25 57.10 -15.45
C ALA H 58 -5.60 56.19 -16.64
N HIS H 59 -6.91 56.07 -16.90
CA HIS H 59 -7.48 55.15 -17.88
C HIS H 59 -6.98 55.45 -19.30
N LYS H 60 -6.29 56.58 -19.50
CA LYS H 60 -6.07 57.08 -20.85
C LYS H 60 -4.70 57.73 -21.02
N LEU H 61 -4.03 58.14 -19.95
CA LEU H 61 -2.87 59.00 -20.13
C LEU H 61 -1.67 58.22 -20.68
N PHE H 62 -1.51 56.98 -20.21
CA PHE H 62 -0.31 56.21 -20.51
C PHE H 62 -0.22 55.94 -22.01
N ASN H 63 -1.35 56.10 -22.70
CA ASN H 63 -1.46 56.00 -24.15
C ASN H 63 -0.42 56.87 -24.84
N SER H 64 -0.12 58.03 -24.25
CA SER H 64 0.64 59.09 -24.88
C SER H 64 2.14 59.01 -24.60
N LEU H 65 2.66 57.86 -24.12
CA LEU H 65 4.02 57.84 -23.57
C LEU H 65 4.80 56.61 -24.05
N ALA I 1 6.42 -36.93 -3.35
CA ALA I 1 6.63 -36.34 -4.69
C ALA I 1 5.48 -35.39 -5.02
N VAL I 2 4.22 -35.87 -4.83
CA VAL I 2 2.94 -35.22 -5.16
C VAL I 2 2.35 -34.62 -3.86
N PRO I 3 1.57 -33.49 -3.84
CA PRO I 3 0.92 -33.02 -2.61
C PRO I 3 -0.26 -33.91 -2.24
N ALA I 4 -0.70 -33.87 -0.97
CA ALA I 4 -1.76 -34.80 -0.59
C ALA I 4 -3.10 -34.28 -1.05
N THR I 5 -4.12 -35.11 -0.79
CA THR I 5 -5.46 -34.95 -1.33
C THR I 5 -6.26 -33.93 -0.51
N SER I 6 -6.45 -34.20 0.78
CA SER I 6 -6.89 -33.15 1.69
C SER I 6 -5.70 -32.72 2.54
N GLU I 7 -5.19 -31.49 2.34
CA GLU I 7 -4.16 -30.92 3.20
C GLU I 7 -4.66 -30.81 4.64
N SER I 8 -3.73 -30.53 5.59
CA SER I 8 -4.02 -30.66 7.02
C SER I 8 -3.73 -29.35 7.74
N PRO I 9 -4.76 -28.53 8.05
CA PRO I 9 -4.60 -27.45 9.01
C PRO I 9 -5.14 -27.79 10.41
N VAL I 10 -4.27 -27.67 11.43
CA VAL I 10 -4.62 -27.84 12.84
C VAL I 10 -5.32 -26.59 13.36
N LEU I 11 -6.26 -26.75 14.29
CA LEU I 11 -6.98 -25.61 14.81
C LEU I 11 -8.08 -25.12 13.85
N ASP I 12 -8.40 -25.87 12.76
CA ASP I 12 -9.30 -25.48 11.65
C ASP I 12 -10.62 -26.26 11.70
N LEU I 13 -11.75 -25.53 11.85
CA LEU I 13 -13.06 -26.07 12.24
C LEU I 13 -13.49 -27.16 11.26
N LYS I 14 -14.23 -28.14 11.77
CA LYS I 14 -14.47 -29.36 11.00
C LYS I 14 -15.53 -29.12 9.94
N ARG I 15 -15.42 -29.92 8.87
CA ARG I 15 -16.36 -29.95 7.76
C ARG I 15 -17.59 -30.75 8.18
N SER I 16 -18.81 -30.22 7.91
CA SER I 16 -20.09 -30.75 8.42
C SER I 16 -20.61 -31.94 7.61
N VAL I 17 -21.53 -32.70 8.25
CA VAL I 17 -22.24 -33.81 7.63
C VAL I 17 -23.73 -33.54 7.83
N LEU I 18 -24.51 -33.52 6.74
CA LEU I 18 -25.92 -33.14 6.85
C LEU I 18 -26.85 -34.06 6.08
N CYS I 19 -26.38 -35.26 5.71
CA CYS I 19 -27.17 -36.25 4.96
C CYS I 19 -26.49 -37.62 4.97
N ARG I 20 -27.24 -38.64 4.51
CA ARG I 20 -26.77 -40.01 4.39
C ARG I 20 -25.75 -40.17 3.26
N GLU I 21 -25.91 -39.36 2.22
CA GLU I 21 -25.15 -39.42 0.98
C GLU I 21 -23.68 -39.04 1.22
N SER I 22 -23.39 -38.19 2.22
CA SER I 22 -22.02 -37.85 2.60
C SER I 22 -21.49 -38.82 3.65
N LEU I 23 -22.39 -39.30 4.51
CA LEU I 23 -22.02 -40.17 5.62
C LEU I 23 -21.49 -41.52 5.11
N ARG I 24 -22.28 -42.23 4.27
CA ARG I 24 -21.85 -43.54 3.79
C ARG I 24 -20.44 -43.42 3.20
N GLY I 25 -19.54 -44.32 3.60
CA GLY I 25 -18.13 -44.24 3.24
C GLY I 25 -17.29 -43.80 4.44
N GLN I 26 -17.95 -43.61 5.59
CA GLN I 26 -17.30 -43.15 6.82
C GLN I 26 -17.11 -44.29 7.84
N ALA I 27 -18.10 -45.20 7.93
CA ALA I 27 -18.12 -46.30 8.88
C ALA I 27 -16.88 -47.19 8.67
N ALA I 28 -16.05 -47.31 9.73
CA ALA I 28 -14.72 -47.91 9.68
C ALA I 28 -14.80 -49.43 9.52
N GLY I 29 -13.83 -50.02 8.81
CA GLY I 29 -14.02 -51.38 8.35
C GLY I 29 -12.78 -52.25 8.49
N ARG I 30 -11.62 -51.60 8.60
CA ARG I 30 -10.31 -52.21 8.75
C ARG I 30 -9.51 -51.41 9.79
N PRO I 31 -8.44 -51.98 10.41
CA PRO I 31 -7.75 -51.36 11.54
C PRO I 31 -6.97 -50.14 11.10
N LEU I 32 -6.33 -49.44 12.03
CA LEU I 32 -5.73 -48.17 11.65
C LEU I 32 -4.35 -48.37 11.02
N VAL I 33 -4.02 -47.38 10.18
CA VAL I 33 -2.74 -47.11 9.54
C VAL I 33 -2.39 -45.65 9.82
N ALA I 34 -1.11 -45.32 9.96
CA ALA I 34 -0.73 -43.92 9.94
C ALA I 34 0.52 -43.77 9.08
N SER I 35 0.49 -42.89 8.06
CA SER I 35 1.72 -42.51 7.37
C SER I 35 2.18 -41.11 7.74
N VAL I 36 3.49 -40.95 7.87
CA VAL I 36 4.12 -39.64 7.95
C VAL I 36 5.09 -39.57 6.80
N SER I 37 5.40 -38.35 6.33
CA SER I 37 6.29 -38.29 5.19
C SER I 37 7.34 -37.19 5.35
N LEU I 38 8.17 -37.06 4.31
CA LEU I 38 9.00 -35.91 4.02
C LEU I 38 8.25 -34.84 3.22
N ASN I 39 7.43 -35.27 2.25
CA ASN I 39 6.69 -34.35 1.41
C ASN I 39 5.20 -34.32 1.77
N VAL I 40 4.56 -35.50 1.81
CA VAL I 40 3.13 -35.65 1.67
C VAL I 40 2.45 -35.52 3.03
N PRO I 41 1.36 -34.71 3.14
CA PRO I 41 0.61 -34.55 4.37
C PRO I 41 0.26 -35.90 5.01
N ALA I 42 0.41 -35.93 6.35
CA ALA I 42 0.28 -37.11 7.18
C ALA I 42 -1.19 -37.42 7.38
N SER I 43 -1.57 -38.69 7.15
CA SER I 43 -2.96 -39.14 7.17
C SER I 43 -3.14 -40.53 7.83
N VAL I 44 -4.42 -40.83 8.11
CA VAL I 44 -4.86 -41.92 8.98
C VAL I 44 -5.95 -42.71 8.24
N ARG I 45 -5.81 -44.05 8.14
CA ARG I 45 -6.68 -44.83 7.27
C ARG I 45 -7.32 -46.00 7.99
N TYR I 46 -8.45 -46.48 7.46
CA TYR I 46 -8.92 -47.84 7.71
C TYR I 46 -8.33 -48.75 6.62
N ALA J 1 -0.47 -5.41 -35.00
CA ALA J 1 0.44 -4.62 -34.11
C ALA J 1 -0.32 -4.12 -32.88
N PRO J 2 0.21 -4.31 -31.64
CA PRO J 2 -0.42 -3.76 -30.45
C PRO J 2 -0.07 -2.27 -30.34
N THR J 3 -0.89 -1.55 -29.54
CA THR J 3 -1.01 -0.08 -29.50
C THR J 3 0.27 0.64 -29.02
N LEU J 4 0.28 1.98 -29.06
CA LEU J 4 1.48 2.76 -28.81
C LEU J 4 1.82 2.76 -27.32
N THR J 5 0.79 2.90 -26.47
CA THR J 5 1.03 2.83 -25.05
C THR J 5 1.66 1.48 -24.75
N ALA J 6 1.16 0.44 -25.43
CA ALA J 6 1.66 -0.91 -25.26
C ALA J 6 3.12 -1.04 -25.71
N ARG J 7 3.48 -0.41 -26.83
CA ARG J 7 4.85 -0.39 -27.30
C ARG J 7 5.77 0.20 -26.23
N LEU J 8 5.36 1.36 -25.67
CA LEU J 8 6.05 2.11 -24.62
C LEU J 8 6.29 1.21 -23.40
N TYR J 9 5.27 0.40 -23.06
CA TYR J 9 5.29 -0.47 -21.88
C TYR J 9 6.33 -1.57 -22.05
N SER J 10 6.21 -2.33 -23.15
CA SER J 10 7.07 -3.49 -23.36
C SER J 10 8.52 -3.07 -23.63
N LEU J 11 8.73 -1.85 -24.12
CA LEU J 11 10.08 -1.43 -24.46
C LEU J 11 10.75 -0.67 -23.32
N LEU J 12 9.99 0.11 -22.55
CA LEU J 12 10.60 1.04 -21.62
C LEU J 12 10.19 0.79 -20.15
N PHE J 13 8.94 0.37 -19.92
CA PHE J 13 8.35 0.43 -18.59
C PHE J 13 8.24 -0.92 -17.89
N ARG J 14 8.57 -2.04 -18.51
CA ARG J 14 8.36 -3.28 -17.77
C ARG J 14 9.49 -3.46 -16.75
N ARG J 15 10.72 -3.57 -17.26
CA ARG J 15 11.90 -3.62 -16.39
C ARG J 15 12.04 -2.26 -15.71
N THR J 16 12.22 -2.29 -14.38
CA THR J 16 12.26 -1.09 -13.56
C THR J 16 13.54 -0.33 -13.90
N SER J 17 14.58 -1.07 -14.27
CA SER J 17 15.83 -0.47 -14.68
C SER J 17 15.65 0.37 -15.96
N THR J 18 14.91 -0.13 -16.94
CA THR J 18 14.67 0.65 -18.16
C THR J 18 13.75 1.83 -17.88
N PHE J 19 12.76 1.62 -17.00
CA PHE J 19 11.83 2.65 -16.59
C PHE J 19 12.59 3.87 -16.07
N ALA J 20 13.68 3.62 -15.34
CA ALA J 20 14.41 4.68 -14.65
C ALA J 20 15.35 5.39 -15.63
N LEU J 21 15.96 4.61 -16.52
CA LEU J 21 16.83 5.15 -17.55
C LEU J 21 16.02 6.06 -18.48
N THR J 22 14.79 5.61 -18.79
CA THR J 22 13.83 6.39 -19.56
C THR J 22 13.62 7.73 -18.89
N ILE J 23 13.40 7.71 -17.57
CA ILE J 23 12.98 8.90 -16.85
C ILE J 23 14.09 9.95 -16.95
N VAL J 24 15.33 9.50 -16.74
CA VAL J 24 16.46 10.41 -16.72
C VAL J 24 16.72 10.98 -18.11
N VAL J 25 16.67 10.15 -19.16
CA VAL J 25 16.81 10.60 -20.54
C VAL J 25 15.71 11.62 -20.87
N GLY J 26 14.45 11.21 -20.65
CA GLY J 26 13.29 12.03 -20.96
C GLY J 26 13.33 13.36 -20.24
N ALA J 27 13.92 13.33 -19.04
CA ALA J 27 13.96 14.53 -18.24
C ALA J 27 14.96 15.50 -18.87
N LEU J 28 16.12 14.97 -19.26
CA LEU J 28 17.13 15.76 -19.92
C LEU J 28 16.56 16.51 -21.11
N PHE J 29 15.83 15.79 -21.96
CA PHE J 29 15.19 16.34 -23.15
C PHE J 29 14.03 17.24 -22.73
N PHE J 30 13.20 16.79 -21.79
CA PHE J 30 12.08 17.61 -21.35
C PHE J 30 12.64 18.95 -20.92
N GLU J 31 13.74 18.88 -20.16
CA GLU J 31 14.28 20.06 -19.51
C GLU J 31 14.53 21.14 -20.56
N ARG J 32 15.39 20.81 -21.53
CA ARG J 32 15.81 21.75 -22.56
C ARG J 32 14.61 22.19 -23.39
N ALA J 33 13.82 21.23 -23.87
CA ALA J 33 12.62 21.52 -24.64
C ALA J 33 11.74 22.53 -23.90
N PHE J 34 11.46 22.26 -22.61
CA PHE J 34 10.54 23.08 -21.85
C PHE J 34 11.13 24.46 -21.57
N ASP J 35 12.39 24.48 -21.09
CA ASP J 35 13.13 25.72 -20.89
C ASP J 35 13.07 26.57 -22.17
N GLN J 36 13.55 26.00 -23.28
CA GLN J 36 13.64 26.72 -24.54
C GLN J 36 12.25 27.23 -24.95
N GLY J 37 11.26 26.34 -24.91
CA GLY J 37 9.92 26.64 -25.38
C GLY J 37 9.16 27.63 -24.50
N ALA J 38 9.44 27.59 -23.19
CA ALA J 38 8.71 28.46 -22.29
C ALA J 38 9.35 29.84 -22.31
N ASP J 39 10.66 29.88 -22.50
CA ASP J 39 11.41 31.13 -22.59
C ASP J 39 10.92 31.93 -23.79
N ALA J 40 10.69 31.22 -24.91
CA ALA J 40 10.06 31.78 -26.09
C ALA J 40 8.76 32.49 -25.72
N ILE J 41 7.92 31.80 -24.94
CA ILE J 41 6.61 32.29 -24.58
C ILE J 41 6.74 33.56 -23.73
N TYR J 42 7.78 33.64 -22.90
CA TYR J 42 7.97 34.80 -22.04
C TYR J 42 8.45 36.01 -22.83
N GLU J 43 9.42 35.74 -23.71
CA GLU J 43 10.14 36.79 -24.41
C GLU J 43 9.24 37.41 -25.48
N HIS J 44 8.32 36.60 -26.05
CA HIS J 44 7.36 37.10 -27.02
C HIS J 44 6.34 37.97 -26.30
N ILE J 45 5.96 37.56 -25.09
CA ILE J 45 4.97 38.30 -24.31
C ILE J 45 5.55 39.67 -23.94
N ASN J 46 6.88 39.75 -23.85
CA ASN J 46 7.56 40.97 -23.43
C ASN J 46 8.50 41.43 -24.53
N GLU J 47 7.98 41.47 -25.77
CA GLU J 47 8.72 41.87 -26.95
C GLU J 47 9.27 43.28 -26.78
N GLY J 48 10.56 43.46 -27.08
CA GLY J 48 11.15 44.79 -27.14
C GLY J 48 11.49 45.38 -25.77
N LYS J 49 10.94 44.82 -24.68
CA LYS J 49 11.05 45.36 -23.33
C LYS J 49 12.34 44.91 -22.65
N LEU J 50 12.87 43.74 -23.03
CA LEU J 50 13.94 43.08 -22.28
C LEU J 50 15.30 43.60 -22.75
N TRP J 51 16.30 43.64 -21.87
CA TRP J 51 17.66 44.00 -22.25
C TRP J 51 18.15 43.15 -23.42
N LYS J 52 17.78 41.86 -23.43
CA LYS J 52 18.08 40.93 -24.50
C LYS J 52 17.57 41.50 -25.82
N HIS J 53 16.45 42.24 -25.78
CA HIS J 53 15.83 42.80 -26.98
C HIS J 53 16.45 44.14 -27.38
N ILE J 54 16.80 44.98 -26.40
CA ILE J 54 17.32 46.32 -26.68
C ILE J 54 18.85 46.34 -26.62
N LYS J 55 19.46 45.16 -26.44
CA LYS J 55 20.90 44.95 -26.36
C LYS J 55 21.58 45.67 -27.53
N HIS J 56 21.11 45.37 -28.74
CA HIS J 56 21.79 45.66 -30.00
C HIS J 56 22.05 47.17 -30.19
N LYS J 57 21.27 48.04 -29.52
CA LYS J 57 21.32 49.48 -29.78
C LYS J 57 22.58 50.10 -29.18
N TYR J 58 23.33 49.36 -28.35
CA TYR J 58 24.47 49.92 -27.65
C TYR J 58 25.71 49.03 -27.82
N GLU J 59 25.79 48.35 -28.98
CA GLU J 59 26.88 47.45 -29.34
C GLU J 59 27.14 47.55 -30.86
#